data_3BJM
#
_entry.id   3BJM
#
_cell.length_a   65.278
_cell.length_b   67.954
_cell.length_c   423.816
_cell.angle_alpha   90.00
_cell.angle_beta   90.00
_cell.angle_gamma   90.00
#
_symmetry.space_group_name_H-M   'P 21 21 21'
#
loop_
_entity.id
_entity.type
_entity.pdbx_description
1 polymer 'Dipeptidyl peptidase 4'
2 non-polymer 2-acetamido-2-deoxy-beta-D-glucopyranose
3 non-polymer '(2~{S})-2-azanyl-1-[(1~{S},3~{S},5~{S})-3-(iminomethyl)-2-azabicyclo[3.1.0]hexan-2-yl]-2-[(5~{R},7~{S})-3-oxidanyl-1-ad amantyl]ethanone'
4 water water
#
_entity_poly.entity_id   1
_entity_poly.type   'polypeptide(L)'
_entity_poly.pdbx_seq_one_letter_code
;SRKTYTLTDYLKNTYRLKLYSLRWISDHEYLYKQENNILVFNAEYGNSSVFLENSTFDEFGHSINDYSISPDGQFILLEY
NYVKQWRHSYTASYDIYDLNKRQLITEERIPNNTQWVTWSPVGHKLAYVWNNDIYVKIEPNLPSYRITWTGKEDIIYNGI
TDWVYEEEVFSAYSALWWSPNGTFLAYAQFNDTEVPLIEYSFYSDESLQYPKTVRVPYPKAGAVNPTVKFFVVNTDSLSS
VTNATSIQITAPASMLIGDHYLCDVTWATQERISLQWLRRIQNYSVMDICDYDESSGRWNCLVARQHIEMSTTGWVGRFR
PSEPHFTLDGNSFYKIISNEEGYRHICYFQIDKKDCTFITKGTWEVIGIEALTSDYLYYISNEYKGMPGGRNLYKIQLSD
YTKVTCLSCELNPERCQYYSVSFSKEAKYYQLRCSGPGLPLYTLHSSVNDKGLRVLEDNSALDKMLQNVQMPSKKLDFII
LNETKFWYQMILPPHFDKSKKYPLLLDVYAGPCSQKADTVFRLNWATYLASTENIIVASFDGRGSGYQGDKIMHAINRRL
GTFEVEDQIEAARQFSKMGFVDNKRIAIWGWSYGGYVTSMVLGSGSGVFKCGIAVAPVSRWEYYDSVYTERYMGLPTPED
NLDHYRNSTVMSRAENFKQVEYLLIHGTADDNVHFQQSAQISKALVDVGVDFQAMWYTDEDHGIASSTAHQHIYTHMSHF
IKQCFSLP
;
_entity_poly.pdbx_strand_id   A,B
#
loop_
_chem_comp.id
_chem_comp.type
_chem_comp.name
_chem_comp.formula
BJM non-polymer '(2~{S})-2-azanyl-1-[(1~{S},3~{S},5~{S})-3-(iminomethyl)-2-azabicyclo[3.1.0]hexan-2-yl]-2-[(5~{R},7~{S})-3-oxidanyl-1-ad amantyl]ethanone' 'C18 H27 N3 O2'
NAG D-saccharide, beta linking 2-acetamido-2-deoxy-beta-D-glucopyranose 'C8 H15 N O6'
#
# COMPACT_ATOMS: atom_id res chain seq x y z
N SER A 1 35.77 -30.34 2.27
CA SER A 1 35.70 -28.94 2.80
C SER A 1 34.88 -28.87 4.10
N ARG A 2 33.84 -29.70 4.19
CA ARG A 2 32.98 -29.77 5.37
C ARG A 2 31.99 -28.61 5.48
N LYS A 3 32.40 -27.42 5.06
CA LYS A 3 31.56 -26.24 5.18
C LYS A 3 31.00 -25.77 3.84
N THR A 4 29.83 -25.13 3.88
CA THR A 4 29.14 -24.74 2.66
C THR A 4 28.95 -23.22 2.60
N TYR A 5 28.56 -22.73 1.42
CA TYR A 5 28.25 -21.32 1.25
C TYR A 5 26.84 -21.05 1.76
N THR A 6 26.74 -20.31 2.86
CA THR A 6 25.49 -20.19 3.59
C THR A 6 24.71 -18.92 3.22
N LEU A 7 23.43 -18.89 3.57
CA LEU A 7 22.64 -17.69 3.39
C LEU A 7 23.32 -16.50 4.03
N THR A 8 23.86 -16.70 5.24
CA THR A 8 24.54 -15.62 5.95
C THR A 8 25.74 -15.10 5.17
N ASP A 9 26.48 -16.01 4.53
CA ASP A 9 27.66 -15.63 3.74
C ASP A 9 27.23 -14.69 2.61
N TYR A 10 26.14 -15.05 1.92
CA TYR A 10 25.57 -14.15 0.93
C TYR A 10 25.15 -12.84 1.58
N LEU A 11 24.27 -12.93 2.57
CA LEU A 11 23.70 -11.72 3.16
C LEU A 11 24.76 -10.77 3.73
N LYS A 12 25.86 -11.32 4.23
CA LYS A 12 26.86 -10.53 4.94
C LYS A 12 28.21 -10.39 4.22
N ASN A 13 28.29 -10.93 3.00
CA ASN A 13 29.48 -10.78 2.18
C ASN A 13 30.75 -11.33 2.82
N THR A 14 30.67 -12.54 3.36
CA THR A 14 31.84 -13.18 3.94
C THR A 14 32.98 -13.27 2.94
N TYR A 15 32.65 -13.64 1.71
CA TYR A 15 33.65 -13.82 0.68
C TYR A 15 33.47 -12.75 -0.41
N ARG A 16 34.38 -11.79 -0.44
CA ARG A 16 34.25 -10.67 -1.36
C ARG A 16 35.12 -10.88 -2.59
N LEU A 17 34.57 -10.51 -3.74
CA LEU A 17 35.35 -10.33 -4.95
C LEU A 17 36.09 -9.01 -4.81
N LYS A 18 37.38 -9.02 -5.12
CA LYS A 18 38.15 -7.78 -5.25
C LYS A 18 38.02 -7.28 -6.67
N LEU A 19 38.08 -5.97 -6.84
CA LEU A 19 38.00 -5.35 -8.15
C LEU A 19 39.27 -4.54 -8.37
N TYR A 20 39.37 -3.92 -9.54
CA TYR A 20 40.41 -2.94 -9.79
C TYR A 20 39.80 -1.82 -10.62
N SER A 21 39.14 -0.88 -9.95
CA SER A 21 38.53 0.26 -10.63
C SER A 21 39.57 1.35 -10.79
N LEU A 22 39.95 1.64 -12.02
CA LEU A 22 40.79 2.79 -12.28
C LEU A 22 40.08 3.74 -13.22
N ARG A 23 40.59 4.97 -13.27
CA ARG A 23 40.14 5.95 -14.24
C ARG A 23 41.38 6.43 -15.00
N TRP A 24 41.34 6.34 -16.32
CA TRP A 24 42.41 6.87 -17.14
C TRP A 24 42.33 8.39 -17.15
N ILE A 25 43.46 9.06 -16.89
CA ILE A 25 43.50 10.51 -16.92
C ILE A 25 44.36 11.03 -18.06
N SER A 26 44.83 10.12 -18.91
CA SER A 26 45.59 10.48 -20.09
C SER A 26 45.86 9.25 -20.93
N ASP A 27 46.81 9.35 -21.86
CA ASP A 27 47.11 8.22 -22.72
C ASP A 27 47.96 7.14 -22.04
N HIS A 28 48.59 7.48 -20.92
CA HIS A 28 49.48 6.52 -20.27
C HIS A 28 49.44 6.48 -18.75
N GLU A 29 48.52 7.23 -18.14
CA GLU A 29 48.38 7.24 -16.69
C GLU A 29 46.95 6.96 -16.25
N TYR A 30 46.80 6.40 -15.06
CA TYR A 30 45.49 6.23 -14.46
C TYR A 30 45.50 6.41 -12.95
N LEU A 31 44.35 6.76 -12.39
CA LEU A 31 44.18 6.92 -10.97
C LEU A 31 43.52 5.69 -10.38
N TYR A 32 44.02 5.25 -9.24
CA TYR A 32 43.51 4.08 -8.56
C TYR A 32 43.60 4.37 -7.07
N LYS A 33 42.50 4.18 -6.35
CA LYS A 33 42.54 4.48 -4.92
C LYS A 33 42.80 3.21 -4.12
N GLN A 34 43.85 3.28 -3.30
CA GLN A 34 44.24 2.17 -2.45
C GLN A 34 44.20 2.64 -1.00
N GLU A 35 43.49 1.89 -0.16
CA GLU A 35 43.01 2.43 1.12
C GLU A 35 42.08 3.58 0.81
N ASN A 36 42.43 4.76 1.34
CA ASN A 36 41.73 5.98 0.98
C ASN A 36 42.69 6.93 0.30
N ASN A 37 43.84 6.39 -0.12
CA ASN A 37 44.80 7.17 -0.89
C ASN A 37 44.50 7.08 -2.37
N ILE A 38 44.68 8.18 -3.08
CA ILE A 38 44.54 8.15 -4.51
C ILE A 38 45.94 8.05 -5.11
N LEU A 39 46.17 6.97 -5.85
CA LEU A 39 47.47 6.78 -6.48
C LEU A 39 47.38 7.02 -7.98
N VAL A 40 48.43 7.59 -8.54
CA VAL A 40 48.55 7.72 -9.99
C VAL A 40 49.57 6.72 -10.51
N PHE A 41 49.17 5.98 -11.54
CA PHE A 41 50.01 4.94 -12.13
C PHE A 41 50.46 5.28 -13.55
N ASN A 42 51.67 4.87 -13.89
CA ASN A 42 52.19 5.03 -15.23
C ASN A 42 52.11 3.68 -15.96
N ALA A 43 51.29 3.61 -17.00
CA ALA A 43 50.92 2.32 -17.58
C ALA A 43 52.08 1.56 -18.20
N GLU A 44 52.98 2.27 -18.87
CA GLU A 44 54.08 1.62 -19.56
C GLU A 44 55.05 0.95 -18.59
N TYR A 45 55.36 1.62 -17.49
CA TYR A 45 56.43 1.16 -16.63
C TYR A 45 55.92 0.63 -15.30
N GLY A 46 54.64 0.83 -15.02
CA GLY A 46 54.04 0.26 -13.83
C GLY A 46 54.37 0.98 -12.53
N ASN A 47 55.25 1.97 -12.58
CA ASN A 47 55.59 2.71 -11.38
C ASN A 47 54.48 3.71 -11.01
N SER A 48 54.46 4.12 -9.75
CA SER A 48 53.33 4.87 -9.23
C SER A 48 53.77 5.76 -8.08
N SER A 49 52.92 6.76 -7.78
CA SER A 49 53.13 7.61 -6.61
C SER A 49 51.80 8.14 -6.09
N VAL A 50 51.76 8.57 -4.83
CA VAL A 50 50.51 9.01 -4.26
C VAL A 50 50.12 10.39 -4.78
N PHE A 51 48.95 10.44 -5.40
CA PHE A 51 48.40 11.67 -5.97
C PHE A 51 47.75 12.50 -4.86
N LEU A 52 46.91 11.84 -4.06
CA LEU A 52 46.24 12.50 -2.94
C LEU A 52 46.18 11.60 -1.71
N GLU A 53 46.74 12.08 -0.60
CA GLU A 53 46.86 11.30 0.62
C GLU A 53 45.55 11.19 1.38
N ASN A 54 45.31 10.01 1.95
CA ASN A 54 44.04 9.71 2.62
C ASN A 54 43.76 10.63 3.82
N SER A 55 44.76 11.36 4.28
CA SER A 55 44.62 12.20 5.46
C SER A 55 44.44 13.68 5.10
N THR A 56 43.96 13.97 3.90
CA THR A 56 43.85 15.36 3.48
C THR A 56 42.56 16.01 3.97
N PHE A 57 41.50 15.22 4.13
CA PHE A 57 40.19 15.76 4.45
C PHE A 57 39.66 15.36 5.82
N ASP A 58 40.53 14.80 6.65
CA ASP A 58 40.15 14.46 8.01
C ASP A 58 39.47 15.64 8.72
N GLU A 59 39.93 16.86 8.42
CA GLU A 59 39.35 18.07 9.02
C GLU A 59 38.26 18.70 8.15
N PHE A 60 37.89 18.01 7.07
CA PHE A 60 36.89 18.53 6.15
C PHE A 60 35.52 18.64 6.82
N GLY A 61 35.23 17.71 7.72
CA GLY A 61 34.02 17.82 8.52
C GLY A 61 32.92 16.87 8.11
N HIS A 62 32.62 16.82 6.82
CA HIS A 62 31.58 15.92 6.31
C HIS A 62 32.18 14.62 5.78
N SER A 63 31.38 13.56 5.77
CA SER A 63 31.77 12.31 5.15
C SER A 63 31.72 12.47 3.63
N ILE A 64 32.88 12.36 2.98
CA ILE A 64 32.96 12.52 1.54
C ILE A 64 32.47 11.28 0.82
N ASN A 65 31.49 11.47 -0.05
CA ASN A 65 30.80 10.36 -0.69
C ASN A 65 31.49 9.91 -1.97
N ASP A 66 32.10 10.86 -2.66
CA ASP A 66 32.81 10.55 -3.89
C ASP A 66 33.58 11.79 -4.34
N TYR A 67 34.42 11.63 -5.35
CA TYR A 67 35.27 12.71 -5.83
C TYR A 67 35.37 12.68 -7.34
N SER A 68 35.66 13.83 -7.93
CA SER A 68 35.94 13.88 -9.36
C SER A 68 37.10 14.84 -9.58
N ILE A 69 38.16 14.36 -10.21
CA ILE A 69 39.33 15.18 -10.47
C ILE A 69 39.20 15.81 -11.85
N SER A 70 39.48 17.10 -11.92
CA SER A 70 39.43 17.82 -13.20
C SER A 70 40.48 17.23 -14.11
N PRO A 71 40.27 17.35 -15.43
CA PRO A 71 41.21 16.80 -16.43
C PRO A 71 42.63 17.28 -16.23
N ASP A 72 42.82 18.58 -16.00
CA ASP A 72 44.17 19.14 -15.89
C ASP A 72 44.79 18.99 -14.51
N GLY A 73 44.17 18.17 -13.66
CA GLY A 73 44.78 17.81 -12.39
C GLY A 73 44.88 18.93 -11.37
N GLN A 74 44.28 20.08 -11.64
CA GLN A 74 44.44 21.24 -10.76
C GLN A 74 43.45 21.32 -9.60
N PHE A 75 42.26 20.74 -9.79
CA PHE A 75 41.22 20.82 -8.77
C PHE A 75 40.58 19.45 -8.60
N ILE A 76 39.88 19.26 -7.49
CA ILE A 76 39.09 18.06 -7.30
C ILE A 76 37.72 18.39 -6.69
N LEU A 77 36.69 17.69 -7.18
CA LEU A 77 35.33 17.86 -6.70
C LEU A 77 35.06 16.88 -5.56
N LEU A 78 34.58 17.41 -4.43
CA LEU A 78 34.18 16.56 -3.32
C LEU A 78 32.67 16.54 -3.18
N GLU A 79 32.10 15.34 -3.12
CA GLU A 79 30.64 15.16 -3.07
C GLU A 79 30.21 14.60 -1.73
N TYR A 80 29.41 15.37 -0.98
CA TYR A 80 28.83 14.91 0.27
C TYR A 80 27.35 15.23 0.34
N ASN A 81 26.70 14.89 1.45
CA ASN A 81 25.25 15.04 1.58
C ASN A 81 24.52 14.35 0.44
N TYR A 82 25.00 13.18 0.08
CA TYR A 82 24.41 12.39 -1.00
C TYR A 82 22.98 11.94 -0.65
N VAL A 83 22.03 12.26 -1.51
CA VAL A 83 20.66 11.78 -1.36
C VAL A 83 20.14 11.15 -2.65
N LYS A 84 19.92 9.84 -2.62
CA LYS A 84 19.48 9.10 -3.81
C LYS A 84 18.05 9.47 -4.18
N GLN A 85 17.81 9.64 -5.48
CA GLN A 85 16.44 9.72 -5.99
C GLN A 85 16.04 8.41 -6.70
N TRP A 86 16.14 8.35 -8.02
CA TRP A 86 15.78 7.12 -8.73
C TRP A 86 16.99 6.22 -8.96
N ARG A 87 17.05 5.53 -10.09
CA ARG A 87 18.13 4.57 -10.30
C ARG A 87 19.49 5.25 -10.47
N HIS A 88 19.51 6.41 -11.14
CA HIS A 88 20.78 7.09 -11.38
C HIS A 88 20.84 8.48 -10.74
N SER A 89 19.68 9.10 -10.55
CA SER A 89 19.62 10.48 -10.07
C SER A 89 19.78 10.62 -8.56
N TYR A 90 20.31 11.76 -8.14
CA TYR A 90 20.49 12.06 -6.73
C TYR A 90 20.84 13.54 -6.59
N THR A 91 20.60 14.12 -5.42
CA THR A 91 21.12 15.45 -5.15
C THR A 91 22.33 15.32 -4.24
N ALA A 92 23.15 16.36 -4.19
CA ALA A 92 24.30 16.33 -3.30
C ALA A 92 24.90 17.72 -3.08
N SER A 93 25.79 17.83 -2.11
CA SER A 93 26.57 19.04 -1.89
C SER A 93 27.95 18.86 -2.50
N TYR A 94 28.60 19.97 -2.82
CA TYR A 94 29.89 19.94 -3.48
C TYR A 94 30.88 20.99 -2.97
N ASP A 95 32.12 20.54 -2.73
CA ASP A 95 33.23 21.45 -2.45
C ASP A 95 34.31 21.24 -3.49
N ILE A 96 35.04 22.31 -3.79
CA ILE A 96 36.17 22.23 -4.71
C ILE A 96 37.45 22.53 -3.96
N TYR A 97 38.49 21.76 -4.25
CA TYR A 97 39.74 21.87 -3.51
C TYR A 97 40.90 22.12 -4.48
N ASP A 98 41.56 23.27 -4.33
CA ASP A 98 42.67 23.64 -5.21
C ASP A 98 43.89 22.81 -4.84
N LEU A 99 44.33 21.98 -5.77
CA LEU A 99 45.39 21.02 -5.52
C LEU A 99 46.76 21.68 -5.43
N ASN A 100 46.98 22.72 -6.22
CA ASN A 100 48.25 23.41 -6.19
C ASN A 100 48.38 24.30 -4.96
N LYS A 101 47.34 25.06 -4.65
CA LYS A 101 47.33 25.86 -3.44
C LYS A 101 47.06 25.03 -2.19
N ARG A 102 46.59 23.81 -2.41
CA ARG A 102 46.30 22.88 -1.31
C ARG A 102 45.29 23.48 -0.32
N GLN A 103 44.23 24.09 -0.84
CA GLN A 103 43.20 24.68 0.01
C GLN A 103 41.79 24.57 -0.59
N LEU A 104 40.79 24.58 0.28
CA LEU A 104 39.41 24.52 -0.16
C LEU A 104 38.97 25.85 -0.74
N ILE A 105 38.15 25.80 -1.79
CA ILE A 105 37.54 26.99 -2.35
C ILE A 105 36.38 27.40 -1.45
N THR A 106 36.28 28.70 -1.17
CA THR A 106 35.25 29.19 -0.26
C THR A 106 34.30 30.20 -0.91
N GLU A 107 34.74 30.81 -2.01
CA GLU A 107 33.90 31.77 -2.73
C GLU A 107 33.15 31.14 -3.91
N GLU A 108 31.93 31.61 -4.13
CA GLU A 108 31.13 31.19 -5.29
C GLU A 108 30.95 29.68 -5.33
N ARG A 109 30.53 29.10 -4.20
CA ARG A 109 30.44 27.65 -4.08
C ARG A 109 29.29 27.08 -4.90
N ILE A 110 29.45 25.82 -5.29
CA ILE A 110 28.37 25.06 -5.90
C ILE A 110 27.28 24.88 -4.86
N PRO A 111 26.01 25.18 -5.22
CA PRO A 111 24.91 25.23 -4.25
C PRO A 111 24.66 23.87 -3.59
N ASN A 112 24.01 23.90 -2.44
CA ASN A 112 23.47 22.66 -1.87
C ASN A 112 22.37 22.13 -2.79
N ASN A 113 22.11 20.83 -2.71
CA ASN A 113 21.03 20.21 -3.46
C ASN A 113 21.28 20.26 -4.95
N THR A 114 22.53 20.24 -5.35
CA THR A 114 22.84 20.19 -6.77
C THR A 114 22.47 18.82 -7.35
N GLN A 115 21.93 18.82 -8.56
CA GLN A 115 21.34 17.61 -9.13
C GLN A 115 22.31 16.89 -10.07
N TRP A 116 23.22 17.65 -10.67
CA TRP A 116 24.27 17.06 -11.48
C TRP A 116 25.42 18.02 -11.69
N VAL A 117 26.64 17.49 -11.69
CA VAL A 117 27.83 18.29 -11.93
C VAL A 117 28.78 17.47 -12.81
N THR A 118 29.54 18.17 -13.65
CA THR A 118 30.50 17.52 -14.54
C THR A 118 31.57 18.51 -14.99
N TRP A 119 32.83 18.12 -14.86
CA TRP A 119 33.92 18.87 -15.49
C TRP A 119 33.77 18.84 -17.00
N SER A 120 34.28 19.87 -17.65
CA SER A 120 34.53 19.82 -19.09
C SER A 120 35.55 18.71 -19.33
N PRO A 121 35.64 18.22 -20.58
CA PRO A 121 36.51 17.08 -20.89
C PRO A 121 37.98 17.50 -20.83
N VAL A 122 38.18 18.80 -20.88
CA VAL A 122 39.51 19.38 -20.92
C VAL A 122 39.55 20.64 -20.06
N GLY A 123 40.65 20.83 -19.34
CA GLY A 123 40.77 22.01 -18.52
C GLY A 123 40.04 21.81 -17.21
N HIS A 124 39.33 22.84 -16.75
CA HIS A 124 38.65 22.78 -15.47
C HIS A 124 37.37 23.60 -15.39
N LYS A 125 36.64 23.69 -16.49
CA LYS A 125 35.30 24.28 -16.46
C LYS A 125 34.35 23.36 -15.68
N LEU A 126 33.33 23.95 -15.07
CA LEU A 126 32.28 23.19 -14.40
C LEU A 126 30.91 23.54 -14.97
N ALA A 127 30.11 22.52 -15.24
CA ALA A 127 28.70 22.70 -15.52
C ALA A 127 27.93 21.91 -14.48
N TYR A 128 26.92 22.52 -13.88
CA TYR A 128 26.08 21.83 -12.93
C TYR A 128 24.62 22.22 -13.10
N VAL A 129 23.73 21.40 -12.55
CA VAL A 129 22.31 21.66 -12.59
C VAL A 129 21.77 21.85 -11.18
N TRP A 130 20.98 22.91 -11.00
CA TRP A 130 20.40 23.22 -9.71
C TRP A 130 18.97 23.77 -9.89
N ASN A 131 18.05 23.27 -9.08
CA ASN A 131 16.64 23.64 -9.25
C ASN A 131 16.20 23.50 -10.71
N ASN A 132 16.77 22.52 -11.40
CA ASN A 132 16.37 22.18 -12.76
C ASN A 132 16.89 23.14 -13.82
N ASP A 133 17.79 24.05 -13.42
CA ASP A 133 18.46 24.94 -14.36
C ASP A 133 19.95 24.62 -14.48
N ILE A 134 20.52 24.96 -15.63
CA ILE A 134 21.94 24.75 -15.89
C ILE A 134 22.78 25.98 -15.56
N TYR A 135 23.90 25.76 -14.87
CA TYR A 135 24.87 26.81 -14.57
C TYR A 135 26.28 26.39 -15.01
N VAL A 136 27.11 27.37 -15.35
CA VAL A 136 28.46 27.12 -15.82
C VAL A 136 29.50 27.97 -15.08
N LYS A 137 30.54 27.33 -14.56
CA LYS A 137 31.69 28.04 -14.01
C LYS A 137 32.93 27.86 -14.88
N ILE A 138 33.47 28.98 -15.36
CA ILE A 138 34.71 28.97 -16.12
C ILE A 138 35.87 28.64 -15.19
N GLU A 139 35.87 29.25 -14.01
CA GLU A 139 36.92 29.00 -13.00
C GLU A 139 36.27 28.64 -11.66
N PRO A 140 36.86 27.67 -10.94
CA PRO A 140 36.24 27.11 -9.74
C PRO A 140 35.94 28.15 -8.67
N ASN A 141 36.59 29.31 -8.73
CA ASN A 141 36.42 30.33 -7.71
C ASN A 141 35.74 31.60 -8.21
N LEU A 142 35.14 31.54 -9.41
CA LEU A 142 34.44 32.68 -9.97
C LEU A 142 32.94 32.44 -10.01
N PRO A 143 32.13 33.51 -10.01
CA PRO A 143 30.68 33.37 -10.08
C PRO A 143 30.27 32.58 -11.32
N SER A 144 29.23 31.76 -11.19
CA SER A 144 28.78 30.95 -12.29
C SER A 144 27.87 31.78 -13.17
N TYR A 145 27.81 31.42 -14.45
CA TYR A 145 26.85 32.04 -15.38
C TYR A 145 25.63 31.14 -15.48
N ARG A 146 24.45 31.72 -15.27
CA ARG A 146 23.21 30.97 -15.40
C ARG A 146 22.83 30.84 -16.88
N ILE A 147 22.62 29.60 -17.31
CA ILE A 147 22.33 29.33 -18.73
C ILE A 147 20.84 29.26 -19.03
N THR A 148 20.07 28.65 -18.14
CA THR A 148 18.62 28.55 -18.37
C THR A 148 17.81 29.12 -17.21
N TRP A 149 16.58 29.54 -17.53
CA TRP A 149 15.74 30.23 -16.55
C TRP A 149 14.38 29.57 -16.47
N THR A 150 14.21 28.48 -17.21
CA THR A 150 12.90 27.86 -17.38
C THR A 150 12.64 26.68 -16.46
N GLY A 151 13.66 26.27 -15.72
CA GLY A 151 13.51 25.09 -14.89
C GLY A 151 12.41 25.20 -13.85
N LYS A 152 11.60 24.14 -13.75
CA LYS A 152 10.55 24.08 -12.73
C LYS A 152 10.30 22.65 -12.31
N GLU A 153 10.29 22.41 -11.00
CA GLU A 153 10.26 21.07 -10.45
C GLU A 153 9.12 20.21 -11.01
N ASP A 154 9.48 19.03 -11.53
CA ASP A 154 8.52 18.07 -12.07
C ASP A 154 7.89 18.51 -13.38
N ILE A 155 8.43 19.55 -14.00
CA ILE A 155 7.81 20.05 -15.23
C ILE A 155 8.81 20.39 -16.34
N ILE A 156 9.78 21.26 -16.03
CA ILE A 156 10.82 21.62 -16.98
C ILE A 156 12.19 21.17 -16.46
N TYR A 157 12.84 20.30 -17.22
CA TYR A 157 14.16 19.82 -16.83
C TYR A 157 15.21 20.30 -17.83
N ASN A 158 16.13 21.15 -17.38
CA ASN A 158 17.23 21.56 -18.24
C ASN A 158 18.52 20.85 -17.83
N GLY A 159 19.07 20.04 -18.73
CA GLY A 159 20.33 19.40 -18.45
C GLY A 159 20.26 18.11 -17.64
N ILE A 160 19.05 17.71 -17.27
CA ILE A 160 18.83 16.43 -16.59
C ILE A 160 17.59 15.76 -17.13
N THR A 161 17.51 14.45 -16.99
CA THR A 161 16.36 13.71 -17.48
C THR A 161 15.18 13.74 -16.52
N ASP A 162 13.97 13.60 -17.06
CA ASP A 162 12.83 13.23 -16.22
C ASP A 162 12.85 11.73 -16.04
N TRP A 163 11.84 11.19 -15.35
CA TRP A 163 11.90 9.81 -14.90
C TRP A 163 12.09 8.80 -16.03
N VAL A 164 11.26 8.89 -17.07
CA VAL A 164 11.26 7.87 -18.10
C VAL A 164 12.48 7.98 -19.02
N TYR A 165 13.07 9.18 -19.12
CA TYR A 165 14.30 9.34 -19.89
C TYR A 165 15.52 8.80 -19.14
N GLU A 166 15.57 9.04 -17.83
CA GLU A 166 16.63 8.49 -17.00
C GLU A 166 16.62 6.97 -17.02
N GLU A 167 15.43 6.39 -16.93
CA GLU A 167 15.32 4.95 -16.75
C GLU A 167 15.40 4.16 -18.06
N GLU A 168 14.83 4.71 -19.12
CA GLU A 168 14.57 3.93 -20.33
C GLU A 168 15.33 4.39 -21.57
N VAL A 169 15.92 5.58 -21.52
CA VAL A 169 16.53 6.17 -22.71
C VAL A 169 18.02 6.43 -22.56
N PHE A 170 18.41 7.33 -21.64
CA PHE A 170 19.83 7.61 -21.42
C PHE A 170 20.49 6.78 -20.31
N SER A 171 19.72 6.03 -19.54
CA SER A 171 20.29 5.29 -18.41
C SER A 171 21.17 6.23 -17.58
N ALA A 172 20.69 7.42 -17.32
CA ALA A 172 21.50 8.44 -16.67
C ALA A 172 20.65 9.64 -16.28
N TYR A 173 21.09 10.39 -15.28
CA TYR A 173 20.39 11.60 -14.86
C TYR A 173 20.85 12.76 -15.73
N SER A 174 22.12 12.68 -16.15
CA SER A 174 22.75 13.75 -16.92
C SER A 174 22.10 13.94 -18.28
N ALA A 175 21.92 15.20 -18.66
CA ALA A 175 21.54 15.50 -20.03
C ALA A 175 22.36 16.69 -20.53
N LEU A 176 23.64 16.67 -20.18
CA LEU A 176 24.61 17.69 -20.63
C LEU A 176 25.72 16.99 -21.40
N TRP A 177 26.18 17.59 -22.50
CA TRP A 177 27.30 17.03 -23.26
C TRP A 177 28.29 18.09 -23.71
N TRP A 178 29.42 18.18 -23.01
CA TRP A 178 30.55 19.03 -23.42
C TRP A 178 31.10 18.58 -24.77
N SER A 179 31.37 19.54 -25.65
CA SER A 179 32.14 19.27 -26.86
C SER A 179 33.55 18.88 -26.42
N PRO A 180 34.29 18.18 -27.31
CA PRO A 180 35.64 17.71 -26.96
C PRO A 180 36.54 18.84 -26.52
N ASN A 181 36.31 20.02 -27.08
CA ASN A 181 37.09 21.23 -26.79
C ASN A 181 36.81 21.75 -25.38
N GLY A 182 35.58 21.57 -24.93
CA GLY A 182 35.09 22.27 -23.75
C GLY A 182 34.56 23.65 -24.14
N THR A 183 34.39 23.86 -25.44
CA THR A 183 33.93 25.15 -25.95
C THR A 183 32.42 25.21 -25.90
N PHE A 184 31.79 24.15 -26.39
CA PHE A 184 30.34 24.09 -26.46
C PHE A 184 29.78 23.20 -25.36
N LEU A 185 28.62 23.58 -24.83
CA LEU A 185 27.85 22.74 -23.91
C LEU A 185 26.50 22.52 -24.58
N ALA A 186 26.23 21.28 -24.99
CA ALA A 186 24.93 20.94 -25.53
C ALA A 186 24.11 20.36 -24.39
N TYR A 187 22.82 20.63 -24.37
CA TYR A 187 21.96 20.06 -23.35
C TYR A 187 20.55 19.82 -23.86
N ALA A 188 19.85 18.89 -23.22
CA ALA A 188 18.48 18.60 -23.61
C ALA A 188 17.56 19.24 -22.60
N GLN A 189 16.32 19.49 -23.01
CA GLN A 189 15.32 20.04 -22.11
C GLN A 189 14.04 19.24 -22.24
N PHE A 190 13.53 18.77 -21.11
CA PHE A 190 12.37 17.91 -21.11
C PHE A 190 11.19 18.62 -20.50
N ASN A 191 10.02 18.35 -21.07
CA ASN A 191 8.82 19.05 -20.71
C ASN A 191 7.77 18.01 -20.33
N ASP A 192 7.41 17.98 -19.04
CA ASP A 192 6.50 16.98 -18.50
C ASP A 192 5.11 17.53 -18.19
N THR A 193 4.84 18.76 -18.62
CA THR A 193 3.59 19.42 -18.27
C THR A 193 2.34 18.54 -18.32
N GLU A 194 2.18 17.79 -19.40
CA GLU A 194 0.93 17.07 -19.59
C GLU A 194 1.06 15.59 -19.28
N VAL A 195 2.17 15.20 -18.66
CA VAL A 195 2.40 13.81 -18.32
C VAL A 195 1.68 13.47 -17.02
N PRO A 196 0.86 12.40 -17.02
CA PRO A 196 0.11 12.10 -15.81
C PRO A 196 1.05 11.74 -14.65
N LEU A 197 0.54 11.84 -13.42
CA LEU A 197 1.34 11.59 -12.24
C LEU A 197 1.02 10.24 -11.66
N ILE A 198 2.04 9.50 -11.25
CA ILE A 198 1.79 8.30 -10.48
C ILE A 198 1.93 8.75 -9.04
N GLU A 199 1.05 8.26 -8.18
CA GLU A 199 1.00 8.72 -6.81
C GLU A 199 1.01 7.50 -5.91
N TYR A 200 1.80 7.55 -4.84
CA TYR A 200 1.77 6.48 -3.86
C TYR A 200 2.23 7.01 -2.50
N SER A 201 1.90 6.28 -1.45
CA SER A 201 2.20 6.73 -0.09
C SER A 201 3.64 6.41 0.30
N PHE A 202 4.27 7.33 1.02
CA PHE A 202 5.55 7.04 1.64
C PHE A 202 5.37 7.27 3.14
N TYR A 203 5.69 6.26 3.94
CA TYR A 203 5.33 6.29 5.35
C TYR A 203 6.40 6.89 6.24
N SER A 204 7.66 6.82 5.79
CA SER A 204 8.78 7.43 6.50
C SER A 204 8.98 6.85 7.90
N ASP A 205 9.70 7.57 8.74
CA ASP A 205 9.92 7.13 10.11
C ASP A 205 8.63 7.10 10.91
N GLU A 206 8.61 6.21 11.90
CA GLU A 206 7.49 6.09 12.83
C GLU A 206 6.96 7.45 13.29
N SER A 207 7.87 8.42 13.46
CA SER A 207 7.53 9.72 14.03
C SER A 207 6.60 10.55 13.15
N LEU A 208 6.56 10.24 11.85
CA LEU A 208 5.71 10.97 10.91
C LEU A 208 4.26 10.58 11.15
N GLN A 209 3.41 11.56 11.44
CA GLN A 209 2.03 11.27 11.81
C GLN A 209 1.15 10.98 10.59
N TYR A 210 1.28 11.81 9.56
CA TYR A 210 0.57 11.61 8.31
C TYR A 210 1.52 11.11 7.23
N PRO A 211 1.16 9.98 6.59
CA PRO A 211 1.97 9.46 5.49
C PRO A 211 2.07 10.54 4.42
N LYS A 212 3.22 10.64 3.78
CA LYS A 212 3.43 11.59 2.69
C LYS A 212 3.03 10.92 1.37
N THR A 213 2.50 11.70 0.43
CA THR A 213 2.19 11.19 -0.90
C THR A 213 3.26 11.62 -1.89
N VAL A 214 3.90 10.65 -2.55
CA VAL A 214 4.88 10.94 -3.57
C VAL A 214 4.18 11.07 -4.93
N ARG A 215 4.62 12.03 -5.73
CA ARG A 215 4.03 12.24 -7.05
C ARG A 215 5.11 12.39 -8.10
N VAL A 216 5.07 11.56 -9.13
CA VAL A 216 6.11 11.56 -10.15
C VAL A 216 5.46 11.55 -11.53
N PRO A 217 5.91 12.45 -12.42
CA PRO A 217 5.42 12.38 -13.81
C PRO A 217 5.94 11.09 -14.41
N TYR A 218 5.05 10.23 -14.86
CA TYR A 218 5.43 8.90 -15.28
C TYR A 218 4.46 8.45 -16.38
N PRO A 219 4.92 8.48 -17.64
CA PRO A 219 4.00 8.06 -18.70
C PRO A 219 3.85 6.54 -18.73
N LYS A 220 2.63 6.07 -18.48
CA LYS A 220 2.33 4.65 -18.64
C LYS A 220 2.01 4.37 -20.10
N ALA A 221 1.90 3.11 -20.47
CA ALA A 221 1.76 2.77 -21.88
C ALA A 221 0.57 3.50 -22.50
N GLY A 222 0.85 4.27 -23.55
CA GLY A 222 -0.22 4.93 -24.27
C GLY A 222 -0.53 6.35 -23.81
N ALA A 223 0.07 6.79 -22.71
CA ALA A 223 -0.24 8.10 -22.15
C ALA A 223 0.59 9.21 -22.81
N VAL A 224 0.28 10.45 -22.49
CA VAL A 224 1.06 11.58 -22.96
C VAL A 224 2.52 11.49 -22.49
N ASN A 225 3.46 11.60 -23.44
CA ASN A 225 4.89 11.57 -23.15
C ASN A 225 5.44 12.97 -22.92
N PRO A 226 6.57 13.06 -22.20
CA PRO A 226 7.32 14.32 -22.14
C PRO A 226 7.80 14.72 -23.52
N THR A 227 7.98 16.02 -23.75
CA THR A 227 8.55 16.49 -25.00
C THR A 227 9.98 16.96 -24.75
N VAL A 228 10.78 16.97 -25.81
CA VAL A 228 12.20 17.26 -25.68
C VAL A 228 12.65 18.32 -26.67
N LYS A 229 13.52 19.21 -26.21
CA LYS A 229 14.25 20.11 -27.11
C LYS A 229 15.75 19.96 -26.90
N PHE A 230 16.51 20.37 -27.89
CA PHE A 230 17.96 20.27 -27.84
C PHE A 230 18.64 21.62 -28.08
N PHE A 231 19.64 21.94 -27.27
CA PHE A 231 20.25 23.26 -27.31
C PHE A 231 21.77 23.16 -27.27
N VAL A 232 22.46 24.09 -27.93
CA VAL A 232 23.90 24.22 -27.80
C VAL A 232 24.28 25.64 -27.42
N VAL A 233 25.17 25.78 -26.43
CA VAL A 233 25.63 27.08 -25.95
C VAL A 233 27.14 27.21 -26.13
N ASN A 234 27.60 28.35 -26.61
CA ASN A 234 29.03 28.61 -26.72
C ASN A 234 29.58 29.14 -25.40
N THR A 235 30.41 28.33 -24.76
CA THR A 235 30.89 28.62 -23.41
C THR A 235 31.99 29.67 -23.39
N ASP A 236 32.62 29.91 -24.54
CA ASP A 236 33.71 30.86 -24.63
C ASP A 236 33.22 32.28 -24.86
N SER A 237 31.92 32.45 -25.07
CA SER A 237 31.36 33.78 -25.30
C SER A 237 30.33 34.17 -24.24
N LEU A 238 30.60 33.82 -22.98
CA LEU A 238 29.68 34.12 -21.90
C LEU A 238 30.02 35.45 -21.23
N SER A 239 28.99 36.26 -20.97
CA SER A 239 29.15 37.58 -20.36
C SER A 239 28.43 37.68 -19.02
N SER A 240 29.00 38.46 -18.11
CA SER A 240 28.40 38.67 -16.80
C SER A 240 27.30 39.73 -16.84
N VAL A 241 27.14 40.38 -18.00
CA VAL A 241 26.12 41.40 -18.18
C VAL A 241 24.93 40.87 -18.98
N THR A 242 25.22 40.20 -20.09
CA THR A 242 24.21 39.74 -21.02
C THR A 242 23.84 38.28 -20.75
N ASN A 243 22.64 37.88 -21.19
CA ASN A 243 22.20 36.50 -21.04
C ASN A 243 22.86 35.56 -22.04
N ALA A 244 22.93 34.28 -21.66
CA ALA A 244 23.53 33.27 -22.50
C ALA A 244 22.62 32.95 -23.67
N THR A 245 23.18 32.96 -24.88
CA THR A 245 22.42 32.63 -26.06
C THR A 245 22.50 31.13 -26.34
N SER A 246 21.41 30.42 -26.14
CA SER A 246 21.37 29.01 -26.46
C SER A 246 20.79 28.83 -27.85
N ILE A 247 21.54 28.17 -28.71
CA ILE A 247 21.06 27.88 -30.06
C ILE A 247 20.30 26.56 -30.06
N GLN A 248 19.08 26.57 -30.58
CA GLN A 248 18.28 25.35 -30.62
C GLN A 248 18.58 24.59 -31.90
N ILE A 249 18.64 23.27 -31.79
CA ILE A 249 18.70 22.42 -32.96
C ILE A 249 17.43 21.59 -32.94
N THR A 250 16.62 21.73 -33.98
CA THR A 250 15.33 21.07 -34.00
C THR A 250 15.40 19.67 -34.60
N ALA A 251 14.57 18.77 -34.07
CA ALA A 251 14.46 17.44 -34.62
C ALA A 251 14.18 17.54 -36.11
N PRO A 252 14.52 16.49 -36.88
CA PRO A 252 14.19 16.44 -38.31
C PRO A 252 12.69 16.64 -38.49
N ALA A 253 12.27 16.94 -39.70
CA ALA A 253 10.84 17.13 -39.98
C ALA A 253 10.09 15.81 -39.93
N SER A 254 10.75 14.73 -40.33
CA SER A 254 10.16 13.40 -40.28
C SER A 254 9.90 12.92 -38.86
N MET A 255 10.52 13.60 -37.88
CA MET A 255 10.26 13.30 -36.48
C MET A 255 9.19 14.24 -35.93
N LEU A 256 9.17 15.48 -36.43
CA LEU A 256 8.29 16.53 -35.94
C LEU A 256 6.79 16.27 -36.16
N ILE A 257 6.48 15.35 -37.06
CA ILE A 257 5.10 15.07 -37.42
C ILE A 257 4.31 14.35 -36.34
N GLY A 258 5.02 13.83 -35.33
CA GLY A 258 4.37 13.13 -34.24
C GLY A 258 5.24 13.03 -32.99
N ASP A 259 4.86 12.16 -32.07
CA ASP A 259 5.65 11.92 -30.86
C ASP A 259 6.96 11.24 -31.21
N HIS A 260 8.03 11.65 -30.56
CA HIS A 260 9.37 11.16 -30.88
C HIS A 260 10.25 11.33 -29.66
N TYR A 261 11.42 10.68 -29.66
CA TYR A 261 12.41 10.83 -28.58
C TYR A 261 13.75 11.32 -29.10
N LEU A 262 14.48 12.03 -28.26
CA LEU A 262 15.93 12.21 -28.45
C LEU A 262 16.59 11.01 -27.78
N CYS A 263 17.26 10.16 -28.54
CA CYS A 263 17.79 8.95 -27.94
C CYS A 263 19.32 8.84 -27.85
N ASP A 264 20.05 9.66 -28.58
CA ASP A 264 21.50 9.66 -28.44
C ASP A 264 22.17 10.95 -28.90
N VAL A 265 23.13 11.42 -28.11
CA VAL A 265 23.91 12.60 -28.46
C VAL A 265 25.40 12.24 -28.49
N THR A 266 26.06 12.52 -29.61
CA THR A 266 27.48 12.22 -29.73
C THR A 266 28.23 13.32 -30.45
N TRP A 267 29.18 13.97 -29.78
CA TRP A 267 30.08 14.92 -30.44
C TRP A 267 31.05 14.16 -31.34
N ALA A 268 31.24 14.66 -32.57
CA ALA A 268 32.12 14.00 -33.54
C ALA A 268 33.44 14.73 -33.63
N THR A 269 33.37 16.05 -33.77
CA THR A 269 34.56 16.88 -33.70
C THR A 269 34.26 18.07 -32.80
N GLN A 270 35.11 19.11 -32.89
CA GLN A 270 34.92 20.33 -32.10
C GLN A 270 33.71 21.13 -32.58
N GLU A 271 33.33 20.91 -33.84
CA GLU A 271 32.30 21.71 -34.48
C GLU A 271 31.22 20.84 -35.14
N ARG A 272 31.17 19.57 -34.77
CA ARG A 272 30.22 18.65 -35.39
C ARG A 272 29.53 17.76 -34.35
N ILE A 273 28.21 17.85 -34.28
CA ILE A 273 27.42 17.06 -33.33
C ILE A 273 26.56 16.04 -34.06
N SER A 274 26.44 14.87 -33.46
CA SER A 274 25.55 13.84 -33.99
C SER A 274 24.37 13.65 -33.03
N LEU A 275 23.15 13.73 -33.57
CA LEU A 275 21.95 13.48 -32.78
C LEU A 275 21.17 12.34 -33.42
N GLN A 276 20.73 11.38 -32.61
CA GLN A 276 19.81 10.37 -33.10
C GLN A 276 18.43 10.54 -32.49
N TRP A 277 17.41 10.47 -33.34
CA TRP A 277 16.03 10.64 -32.91
C TRP A 277 15.26 9.37 -33.21
N LEU A 278 14.15 9.19 -32.49
CA LEU A 278 13.43 7.93 -32.52
C LEU A 278 11.93 8.23 -32.48
N ARG A 279 11.19 7.68 -33.42
CA ARG A 279 9.74 7.86 -33.40
C ARG A 279 9.16 7.07 -32.25
N ARG A 280 7.99 7.48 -31.77
CA ARG A 280 7.38 6.82 -30.61
C ARG A 280 7.00 5.38 -30.96
N ILE A 281 6.70 5.15 -32.23
CA ILE A 281 6.70 3.80 -32.78
C ILE A 281 8.16 3.49 -33.10
N GLN A 282 8.79 2.67 -32.26
CA GLN A 282 10.26 2.63 -32.24
C GLN A 282 10.89 1.69 -33.29
N ASN A 283 10.33 1.70 -34.50
CA ASN A 283 10.94 0.99 -35.63
C ASN A 283 11.49 1.96 -36.66
N TYR A 284 11.62 3.23 -36.27
CA TYR A 284 12.10 4.26 -37.18
C TYR A 284 12.96 5.30 -36.46
N SER A 285 14.18 5.50 -36.96
CA SER A 285 15.14 6.35 -36.31
C SER A 285 15.94 7.19 -37.31
N VAL A 286 16.25 8.43 -36.96
CA VAL A 286 17.00 9.32 -37.82
C VAL A 286 18.22 9.90 -37.11
N MET A 287 19.36 9.87 -37.78
CA MET A 287 20.58 10.46 -37.25
C MET A 287 20.91 11.74 -37.99
N ASP A 288 21.00 12.83 -37.26
CA ASP A 288 21.39 14.12 -37.82
C ASP A 288 22.84 14.42 -37.54
N ILE A 289 23.50 15.04 -38.51
CA ILE A 289 24.88 15.47 -38.37
C ILE A 289 24.90 16.98 -38.47
N CYS A 290 25.23 17.67 -37.38
CA CYS A 290 25.07 19.11 -37.36
C CYS A 290 26.39 19.84 -37.19
N ASP A 291 26.61 20.85 -38.03
CA ASP A 291 27.87 21.58 -38.03
C ASP A 291 27.71 23.05 -37.64
N TYR A 292 28.68 23.55 -36.88
CA TYR A 292 28.73 24.94 -36.50
C TYR A 292 29.10 25.82 -37.70
N ASP A 293 28.27 26.82 -37.98
CA ASP A 293 28.63 27.85 -38.95
C ASP A 293 29.30 29.00 -38.21
N GLU A 294 30.62 29.09 -38.34
CA GLU A 294 31.40 30.00 -37.50
C GLU A 294 31.00 31.45 -37.73
N SER A 295 30.48 31.75 -38.92
CA SER A 295 30.19 33.13 -39.31
C SER A 295 28.82 33.60 -38.84
N SER A 296 27.92 32.65 -38.57
CA SER A 296 26.56 33.01 -38.16
C SER A 296 26.29 32.66 -36.69
N GLY A 297 27.11 31.77 -36.13
CA GLY A 297 26.88 31.34 -34.76
C GLY A 297 25.79 30.29 -34.68
N ARG A 298 25.46 29.71 -35.83
CA ARG A 298 24.34 28.77 -35.94
C ARG A 298 24.78 27.31 -36.09
N TRP A 299 23.83 26.40 -35.99
CA TRP A 299 24.07 24.98 -36.24
C TRP A 299 23.15 24.48 -37.34
N ASN A 300 23.74 23.89 -38.38
CA ASN A 300 22.96 23.44 -39.53
C ASN A 300 23.10 21.94 -39.63
N CYS A 301 21.97 21.25 -39.75
CA CYS A 301 22.02 19.83 -39.97
C CYS A 301 21.52 19.55 -41.37
N LEU A 302 22.45 19.40 -42.31
CA LEU A 302 22.10 19.20 -43.71
C LEU A 302 21.60 17.77 -43.95
N VAL A 303 20.62 17.64 -44.85
CA VAL A 303 19.99 16.34 -45.09
C VAL A 303 20.88 15.37 -45.88
N ALA A 304 21.89 15.90 -46.56
CA ALA A 304 22.83 15.05 -47.29
C ALA A 304 23.51 14.03 -46.37
N ARG A 305 23.74 14.42 -45.12
CA ARG A 305 24.35 13.51 -44.15
C ARG A 305 23.39 13.10 -43.05
N GLN A 306 22.12 12.99 -43.40
CA GLN A 306 21.09 12.46 -42.50
C GLN A 306 20.95 10.96 -42.80
N HIS A 307 20.96 10.12 -41.77
CA HIS A 307 20.90 8.67 -41.99
C HIS A 307 19.66 8.06 -41.34
N ILE A 308 19.07 7.09 -42.01
CA ILE A 308 17.86 6.45 -41.51
C ILE A 308 18.10 5.00 -41.14
N GLU A 309 17.56 4.60 -39.98
CA GLU A 309 17.56 3.19 -39.58
C GLU A 309 16.13 2.72 -39.36
N MET A 310 15.76 1.62 -40.00
CA MET A 310 14.43 1.06 -39.86
C MET A 310 14.53 -0.42 -39.53
N SER A 311 13.52 -0.91 -38.84
CA SER A 311 13.35 -2.34 -38.66
C SER A 311 11.98 -2.73 -39.21
N THR A 312 11.89 -3.91 -39.80
CA THR A 312 10.63 -4.39 -40.34
C THR A 312 10.08 -5.47 -39.43
N THR A 313 10.96 -6.08 -38.66
CA THR A 313 10.59 -7.22 -37.83
C THR A 313 10.42 -6.86 -36.37
N GLY A 314 10.96 -5.71 -35.97
CA GLY A 314 10.94 -5.36 -34.57
C GLY A 314 11.19 -3.88 -34.33
N TRP A 315 12.04 -3.60 -33.34
CA TRP A 315 12.38 -2.22 -33.00
C TRP A 315 13.81 -1.95 -33.46
N VAL A 316 14.26 -0.70 -33.33
CA VAL A 316 15.63 -0.37 -33.72
C VAL A 316 16.60 -0.48 -32.55
N GLY A 317 17.70 -1.20 -32.75
CA GLY A 317 18.69 -1.37 -31.70
C GLY A 317 18.30 -2.46 -30.73
N ARG A 318 19.16 -2.77 -29.76
CA ARG A 318 18.80 -3.76 -28.75
C ARG A 318 17.81 -3.16 -27.75
N PHE A 319 18.14 -1.99 -27.22
CA PHE A 319 17.22 -1.23 -26.38
C PHE A 319 17.03 0.17 -26.94
N ARG A 320 17.92 0.56 -27.83
CA ARG A 320 17.88 1.85 -28.50
C ARG A 320 18.87 1.81 -29.67
N PRO A 321 18.72 2.76 -30.62
CA PRO A 321 19.70 2.86 -31.71
C PRO A 321 21.13 2.92 -31.15
N SER A 322 22.04 2.18 -31.78
CA SER A 322 23.40 2.05 -31.26
C SER A 322 24.19 3.35 -31.41
N GLU A 323 25.26 3.47 -30.62
CA GLU A 323 26.10 4.66 -30.64
C GLU A 323 27.05 4.67 -31.83
N PRO A 324 27.19 5.84 -32.48
CA PRO A 324 28.20 6.06 -33.52
C PRO A 324 29.59 6.29 -32.92
N HIS A 325 30.60 5.70 -33.55
CA HIS A 325 31.98 5.96 -33.19
C HIS A 325 32.71 6.62 -34.36
N PHE A 326 32.98 7.91 -34.21
CA PHE A 326 33.55 8.69 -35.29
C PHE A 326 35.05 8.53 -35.36
N THR A 327 35.60 8.61 -36.56
CA THR A 327 37.04 8.69 -36.75
C THR A 327 37.48 10.10 -36.37
N LEU A 328 38.77 10.29 -36.17
CA LEU A 328 39.30 11.56 -35.64
C LEU A 328 38.84 12.82 -36.37
N ASP A 329 38.71 12.72 -37.69
CA ASP A 329 38.38 13.88 -38.53
C ASP A 329 36.87 14.20 -38.57
N GLY A 330 36.04 13.22 -38.22
CA GLY A 330 34.61 13.45 -38.16
C GLY A 330 33.86 13.12 -39.44
N ASN A 331 34.57 12.56 -40.41
CA ASN A 331 33.99 12.41 -41.73
C ASN A 331 33.41 11.02 -41.91
N SER A 332 33.61 10.16 -40.93
CA SER A 332 33.05 8.82 -40.99
C SER A 332 32.91 8.22 -39.61
N PHE A 333 32.13 7.16 -39.50
CA PHE A 333 31.91 6.55 -38.20
C PHE A 333 31.55 5.07 -38.33
N TYR A 334 31.73 4.33 -37.24
CA TYR A 334 31.31 2.94 -37.18
C TYR A 334 30.22 2.82 -36.13
N LYS A 335 29.23 1.99 -36.41
CA LYS A 335 28.20 1.71 -35.43
C LYS A 335 27.65 0.33 -35.71
N ILE A 336 27.07 -0.28 -34.69
CA ILE A 336 26.52 -1.62 -34.82
C ILE A 336 25.13 -1.57 -35.48
N ILE A 337 24.91 -2.44 -36.45
CA ILE A 337 23.66 -2.52 -37.20
C ILE A 337 23.32 -4.00 -37.38
N SER A 338 22.03 -4.30 -37.41
CA SER A 338 21.58 -5.65 -37.72
C SER A 338 21.75 -5.86 -39.23
N ASN A 339 22.34 -6.98 -39.63
CA ASN A 339 22.59 -7.18 -41.05
C ASN A 339 21.47 -7.95 -41.76
N GLU A 340 21.72 -8.29 -43.02
CA GLU A 340 20.70 -8.90 -43.87
C GLU A 340 20.16 -10.20 -43.25
N GLU A 341 20.95 -10.82 -42.38
CA GLU A 341 20.57 -12.08 -41.77
C GLU A 341 20.14 -11.95 -40.32
N GLY A 342 20.05 -10.72 -39.82
CA GLY A 342 19.53 -10.49 -38.48
C GLY A 342 20.55 -10.53 -37.36
N TYR A 343 21.84 -10.55 -37.71
CA TYR A 343 22.90 -10.54 -36.72
C TYR A 343 23.54 -9.17 -36.64
N ARG A 344 23.90 -8.74 -35.43
CA ARG A 344 24.39 -7.39 -35.23
C ARG A 344 25.90 -7.30 -35.41
N HIS A 345 26.31 -6.49 -36.37
CA HIS A 345 27.72 -6.37 -36.73
C HIS A 345 28.08 -4.92 -36.99
N ILE A 346 29.39 -4.65 -37.02
CA ILE A 346 29.91 -3.30 -37.17
C ILE A 346 29.78 -2.83 -38.61
N CYS A 347 29.21 -1.64 -38.80
CA CYS A 347 29.07 -1.09 -40.13
C CYS A 347 29.88 0.20 -40.27
N TYR A 348 30.46 0.42 -41.44
CA TYR A 348 31.26 1.61 -41.70
C TYR A 348 30.49 2.64 -42.53
N PHE A 349 30.28 3.82 -41.95
CA PHE A 349 29.50 4.87 -42.61
C PHE A 349 30.42 6.03 -43.00
N GLN A 350 30.23 6.56 -44.19
CA GLN A 350 30.91 7.80 -44.55
C GLN A 350 29.90 8.93 -44.62
N ILE A 351 30.15 9.99 -43.87
CA ILE A 351 29.16 11.02 -43.55
C ILE A 351 28.16 11.37 -44.67
N ASP A 352 28.66 11.61 -45.88
CA ASP A 352 27.81 12.11 -46.96
C ASP A 352 27.40 11.07 -48.01
N LYS A 353 27.60 9.79 -47.71
CA LYS A 353 27.35 8.73 -48.69
C LYS A 353 26.32 7.72 -48.19
N LYS A 354 25.75 6.97 -49.14
CA LYS A 354 24.63 6.09 -48.84
C LYS A 354 25.06 4.71 -48.35
N ASP A 355 24.18 4.06 -47.61
CA ASP A 355 24.45 2.70 -47.14
C ASP A 355 25.67 2.76 -46.25
N CYS A 356 26.06 1.61 -45.72
CA CYS A 356 27.35 1.48 -45.07
C CYS A 356 28.00 0.21 -45.56
N THR A 357 29.21 -0.05 -45.08
CA THR A 357 29.86 -1.30 -45.40
C THR A 357 30.07 -2.12 -44.13
N PHE A 358 29.53 -3.32 -44.12
CA PHE A 358 29.77 -4.22 -43.01
C PHE A 358 31.21 -4.70 -43.05
N ILE A 359 31.89 -4.62 -41.91
CA ILE A 359 33.28 -5.06 -41.85
C ILE A 359 33.42 -6.30 -40.98
N THR A 360 32.34 -6.68 -40.29
CA THR A 360 32.22 -8.00 -39.67
C THR A 360 30.95 -8.71 -40.13
N LYS A 361 30.97 -10.03 -40.07
CA LYS A 361 29.85 -10.84 -40.49
C LYS A 361 29.97 -12.21 -39.85
N GLY A 362 28.85 -12.95 -39.78
CA GLY A 362 28.87 -14.26 -39.19
C GLY A 362 27.71 -14.53 -38.27
N THR A 363 27.55 -15.78 -37.88
CA THR A 363 26.54 -16.17 -36.92
C THR A 363 27.01 -15.88 -35.49
N TRP A 364 26.85 -14.64 -35.07
CA TRP A 364 27.25 -14.17 -33.75
C TRP A 364 27.16 -12.66 -33.82
N GLU A 365 27.39 -11.98 -32.71
CA GLU A 365 27.13 -10.55 -32.69
C GLU A 365 28.24 -9.79 -31.99
N VAL A 366 28.46 -8.56 -32.45
CA VAL A 366 29.33 -7.64 -31.76
C VAL A 366 28.54 -7.04 -30.60
N ILE A 367 29.11 -7.09 -29.40
CA ILE A 367 28.40 -6.57 -28.25
C ILE A 367 28.63 -5.08 -28.13
N GLY A 368 29.84 -4.64 -28.45
CA GLY A 368 30.10 -3.22 -28.44
C GLY A 368 31.38 -2.87 -29.16
N ILE A 369 31.43 -1.65 -29.70
CA ILE A 369 32.69 -1.08 -30.16
C ILE A 369 33.35 -0.39 -28.97
N GLU A 370 34.61 -0.71 -28.72
CA GLU A 370 35.27 -0.25 -27.50
C GLU A 370 36.27 0.87 -27.74
N ALA A 371 36.95 0.83 -28.88
CA ALA A 371 37.95 1.85 -29.18
C ALA A 371 38.27 1.93 -30.67
N LEU A 372 38.70 3.11 -31.12
CA LEU A 372 38.95 3.34 -32.53
C LEU A 372 40.26 4.11 -32.66
N THR A 373 41.19 3.55 -33.43
CA THR A 373 42.44 4.22 -33.73
C THR A 373 42.57 4.35 -35.24
N SER A 374 43.67 4.94 -35.68
CA SER A 374 43.92 5.12 -37.11
C SER A 374 44.09 3.77 -37.80
N ASP A 375 44.53 2.77 -37.04
CA ASP A 375 44.90 1.48 -37.61
C ASP A 375 43.88 0.39 -37.33
N TYR A 376 43.24 0.46 -36.16
CA TYR A 376 42.36 -0.61 -35.72
C TYR A 376 41.09 -0.11 -35.06
N LEU A 377 40.07 -0.96 -35.11
CA LEU A 377 38.89 -0.77 -34.31
C LEU A 377 38.84 -1.95 -33.33
N TYR A 378 38.59 -1.64 -32.07
CA TYR A 378 38.43 -2.68 -31.06
C TYR A 378 36.95 -2.86 -30.70
N TYR A 379 36.52 -4.12 -30.60
CA TYR A 379 35.14 -4.43 -30.25
C TYR A 379 35.08 -5.69 -29.39
N ILE A 380 34.00 -5.83 -28.63
CA ILE A 380 33.71 -7.08 -27.90
C ILE A 380 32.67 -7.87 -28.70
N SER A 381 32.80 -9.18 -28.72
CA SER A 381 31.82 -10.02 -29.39
C SER A 381 31.74 -11.36 -28.69
N ASN A 382 30.70 -12.12 -29.03
CA ASN A 382 30.58 -13.49 -28.55
C ASN A 382 30.89 -14.49 -29.67
N GLU A 383 31.82 -14.14 -30.54
CA GLU A 383 32.21 -15.08 -31.60
C GLU A 383 32.84 -16.36 -31.07
N TYR A 384 33.79 -16.22 -30.16
CA TYR A 384 34.62 -17.35 -29.72
C TYR A 384 33.81 -18.60 -29.39
N LYS A 385 34.12 -19.68 -30.12
CA LYS A 385 33.52 -20.99 -29.89
C LYS A 385 32.01 -21.01 -29.99
N GLY A 386 31.44 -20.00 -30.64
CA GLY A 386 30.01 -19.98 -30.86
C GLY A 386 29.20 -19.96 -29.57
N MET A 387 29.83 -19.56 -28.47
CA MET A 387 29.12 -19.40 -27.20
C MET A 387 28.54 -17.99 -27.09
N PRO A 388 27.21 -17.88 -27.18
CA PRO A 388 26.61 -16.54 -27.13
C PRO A 388 26.72 -15.88 -25.76
N GLY A 389 27.04 -16.69 -24.74
CA GLY A 389 27.19 -16.16 -23.39
C GLY A 389 28.64 -15.88 -23.02
N GLY A 390 29.53 -15.87 -24.00
CA GLY A 390 30.91 -15.46 -23.76
C GLY A 390 31.18 -14.11 -24.40
N ARG A 391 32.24 -13.44 -23.97
CA ARG A 391 32.57 -12.10 -24.46
C ARG A 391 34.09 -12.02 -24.64
N ASN A 392 34.53 -11.57 -25.81
CA ASN A 392 35.96 -11.46 -26.06
C ASN A 392 36.32 -10.21 -26.83
N LEU A 393 37.53 -9.73 -26.60
CA LEU A 393 38.03 -8.51 -27.22
C LEU A 393 38.70 -8.89 -28.54
N TYR A 394 38.30 -8.22 -29.61
CA TYR A 394 38.95 -8.36 -30.91
C TYR A 394 39.42 -6.99 -31.43
N LYS A 395 40.31 -7.02 -32.43
CA LYS A 395 40.61 -5.84 -33.23
C LYS A 395 40.62 -6.21 -34.71
N ILE A 396 40.08 -5.30 -35.53
CA ILE A 396 40.00 -5.48 -36.98
C ILE A 396 40.98 -4.52 -37.60
N GLN A 397 41.82 -5.01 -38.49
CA GLN A 397 42.74 -4.12 -39.19
C GLN A 397 41.93 -3.26 -40.16
N LEU A 398 42.00 -1.94 -40.00
CA LEU A 398 41.17 -1.07 -40.82
C LEU A 398 41.54 -1.14 -42.31
N SER A 399 42.84 -1.29 -42.60
CA SER A 399 43.29 -1.34 -43.98
C SER A 399 43.01 -2.70 -44.64
N ASP A 400 42.57 -3.67 -43.86
CA ASP A 400 42.22 -4.98 -44.41
C ASP A 400 41.27 -5.76 -43.48
N TYR A 401 39.98 -5.75 -43.81
CA TYR A 401 38.96 -6.22 -42.90
C TYR A 401 39.03 -7.71 -42.60
N THR A 402 39.73 -8.47 -43.44
CA THR A 402 39.81 -9.91 -43.24
C THR A 402 40.80 -10.25 -42.14
N LYS A 403 41.46 -9.23 -41.60
CA LYS A 403 42.43 -9.46 -40.55
C LYS A 403 41.89 -9.14 -39.16
N VAL A 404 41.26 -10.13 -38.54
CA VAL A 404 40.72 -9.98 -37.20
C VAL A 404 41.57 -10.79 -36.23
N THR A 405 42.07 -10.13 -35.20
CA THR A 405 42.87 -10.79 -34.16
C THR A 405 42.08 -10.84 -32.85
N CYS A 406 41.91 -12.02 -32.27
CA CYS A 406 41.31 -12.08 -30.94
C CYS A 406 42.37 -11.80 -29.90
N LEU A 407 42.10 -10.81 -29.05
CA LEU A 407 43.07 -10.33 -28.08
C LEU A 407 42.98 -10.95 -26.70
N SER A 408 41.88 -11.66 -26.43
CA SER A 408 41.64 -12.14 -25.07
C SER A 408 41.36 -13.63 -25.04
N CYS A 409 40.94 -14.18 -26.18
CA CYS A 409 40.52 -15.58 -26.26
C CYS A 409 41.45 -16.57 -25.56
N GLU A 410 42.76 -16.40 -25.74
CA GLU A 410 43.71 -17.44 -25.36
C GLU A 410 44.58 -17.08 -24.16
N LEU A 411 44.27 -15.97 -23.51
CA LEU A 411 45.05 -15.53 -22.37
C LEU A 411 45.05 -16.57 -21.25
N ASN A 412 43.87 -17.14 -20.98
CA ASN A 412 43.72 -18.20 -19.99
C ASN A 412 42.34 -18.82 -20.17
N PRO A 413 42.19 -19.69 -21.17
CA PRO A 413 40.93 -20.17 -21.74
C PRO A 413 40.02 -20.96 -20.80
N GLU A 414 40.56 -21.44 -19.68
CA GLU A 414 39.73 -22.23 -18.77
C GLU A 414 39.15 -21.34 -17.67
N ARG A 415 39.88 -20.29 -17.32
CA ARG A 415 39.43 -19.36 -16.28
C ARG A 415 38.60 -18.22 -16.84
N CYS A 416 38.88 -17.83 -18.08
CA CYS A 416 38.41 -16.56 -18.62
C CYS A 416 37.71 -16.65 -19.96
N GLN A 417 36.40 -16.42 -19.98
CA GLN A 417 35.63 -16.48 -21.20
C GLN A 417 34.65 -15.32 -21.32
N TYR A 418 34.80 -14.33 -20.43
CA TYR A 418 33.89 -13.19 -20.41
C TYR A 418 34.66 -11.93 -20.03
N TYR A 419 35.04 -11.15 -21.04
CA TYR A 419 35.84 -9.94 -20.82
C TYR A 419 35.03 -8.69 -21.09
N SER A 420 35.33 -7.64 -20.32
CA SER A 420 35.07 -6.28 -20.76
C SER A 420 36.42 -5.59 -20.79
N VAL A 421 36.46 -4.36 -21.29
CA VAL A 421 37.73 -3.66 -21.46
C VAL A 421 37.61 -2.18 -21.10
N SER A 422 38.74 -1.57 -20.77
CA SER A 422 38.81 -0.13 -20.58
C SER A 422 40.08 0.43 -21.20
N PHE A 423 39.91 1.19 -22.28
CA PHE A 423 41.02 1.78 -23.00
C PHE A 423 41.42 3.14 -22.47
N SER A 424 42.72 3.42 -22.47
CA SER A 424 43.24 4.73 -22.09
C SER A 424 42.94 5.73 -23.21
N LYS A 425 43.19 7.01 -22.95
CA LYS A 425 43.08 8.04 -23.98
C LYS A 425 43.88 7.64 -25.21
N GLU A 426 43.22 7.60 -26.36
CA GLU A 426 43.89 7.32 -27.62
C GLU A 426 44.27 5.86 -27.73
N ALA A 427 43.79 5.06 -26.78
CA ALA A 427 43.84 3.61 -26.87
C ALA A 427 45.25 3.02 -26.86
N LYS A 428 46.19 3.74 -26.25
CA LYS A 428 47.57 3.25 -26.14
C LYS A 428 47.64 2.03 -25.22
N TYR A 429 46.77 1.98 -24.22
CA TYR A 429 46.75 0.87 -23.29
C TYR A 429 45.32 0.42 -23.01
N TYR A 430 45.16 -0.81 -22.55
CA TYR A 430 43.85 -1.26 -22.12
C TYR A 430 43.93 -2.18 -20.92
N GLN A 431 42.91 -2.08 -20.07
CA GLN A 431 42.76 -2.97 -18.93
C GLN A 431 41.74 -4.04 -19.31
N LEU A 432 42.15 -5.30 -19.24
CA LEU A 432 41.21 -6.36 -19.46
C LEU A 432 40.58 -6.76 -18.14
N ARG A 433 39.29 -7.04 -18.18
CA ARG A 433 38.55 -7.46 -17.01
C ARG A 433 37.78 -8.72 -17.36
N CYS A 434 38.19 -9.85 -16.79
CA CYS A 434 37.53 -11.13 -17.06
C CYS A 434 36.65 -11.41 -15.86
N SER A 435 35.42 -11.84 -16.10
CA SER A 435 34.45 -12.02 -15.01
C SER A 435 34.04 -13.47 -14.81
N GLY A 436 34.62 -14.39 -15.59
CA GLY A 436 34.29 -15.80 -15.44
C GLY A 436 34.75 -16.63 -16.61
N PRO A 437 34.57 -17.96 -16.56
CA PRO A 437 33.85 -18.70 -15.53
C PRO A 437 34.56 -18.78 -14.17
N GLY A 438 35.88 -18.63 -14.19
CA GLY A 438 36.63 -18.63 -12.93
C GLY A 438 36.60 -17.29 -12.22
N LEU A 439 37.41 -17.15 -11.19
CA LEU A 439 37.44 -15.91 -10.42
C LEU A 439 37.91 -14.74 -11.28
N PRO A 440 37.38 -13.54 -11.03
CA PRO A 440 37.72 -12.37 -11.85
C PRO A 440 39.20 -12.03 -11.86
N LEU A 441 39.68 -11.57 -13.03
CA LEU A 441 41.09 -11.34 -13.27
C LEU A 441 41.26 -10.00 -14.00
N TYR A 442 42.06 -9.11 -13.42
CA TYR A 442 42.29 -7.81 -14.02
C TYR A 442 43.73 -7.71 -14.51
N THR A 443 43.91 -7.30 -15.75
CA THR A 443 45.22 -7.23 -16.36
C THR A 443 45.38 -5.96 -17.19
N LEU A 444 46.62 -5.49 -17.31
CA LEU A 444 46.94 -4.31 -18.09
C LEU A 444 47.73 -4.70 -19.32
N HIS A 445 47.47 -4.03 -20.45
CA HIS A 445 48.08 -4.37 -21.73
C HIS A 445 48.45 -3.11 -22.51
N SER A 446 49.39 -3.24 -23.44
CA SER A 446 49.71 -2.14 -24.34
C SER A 446 49.30 -2.46 -25.76
N SER A 447 48.77 -1.47 -26.47
CA SER A 447 48.19 -1.68 -27.79
C SER A 447 49.24 -1.89 -28.86
N VAL A 448 50.45 -1.37 -28.64
CA VAL A 448 51.47 -1.43 -29.68
C VAL A 448 51.67 -2.83 -30.22
N ASN A 449 51.92 -3.79 -29.34
CA ASN A 449 52.03 -5.19 -29.76
C ASN A 449 51.12 -6.11 -28.95
N ASP A 450 50.09 -5.55 -28.32
CA ASP A 450 49.17 -6.33 -27.50
C ASP A 450 49.94 -7.18 -26.51
N LYS A 451 51.01 -6.62 -25.96
CA LYS A 451 51.77 -7.29 -24.92
C LYS A 451 51.01 -7.25 -23.60
N GLY A 452 51.06 -8.35 -22.86
CA GLY A 452 50.60 -8.33 -21.48
C GLY A 452 51.66 -7.67 -20.62
N LEU A 453 51.28 -6.58 -19.95
CA LEU A 453 52.22 -5.82 -19.14
C LEU A 453 52.36 -6.38 -17.73
N ARG A 454 51.22 -6.56 -17.05
CA ARG A 454 51.24 -6.97 -15.65
C ARG A 454 49.84 -7.29 -15.14
N VAL A 455 49.78 -8.12 -14.10
CA VAL A 455 48.55 -8.45 -13.41
C VAL A 455 48.19 -7.36 -12.41
N LEU A 456 46.92 -6.97 -12.37
CA LEU A 456 46.46 -5.91 -11.48
C LEU A 456 45.77 -6.48 -10.24
N GLU A 457 44.90 -7.46 -10.44
CA GLU A 457 44.27 -8.18 -9.34
C GLU A 457 43.87 -9.56 -9.86
N ASP A 458 44.24 -10.60 -9.14
CA ASP A 458 43.90 -11.96 -9.56
C ASP A 458 43.00 -12.66 -8.55
N ASN A 459 42.58 -11.93 -7.53
CA ASN A 459 41.64 -12.46 -6.56
C ASN A 459 42.16 -13.73 -5.87
N SER A 460 43.47 -13.78 -5.66
CA SER A 460 44.07 -14.93 -5.01
C SER A 460 43.56 -15.05 -3.58
N ALA A 461 43.36 -13.91 -2.92
CA ALA A 461 42.85 -13.91 -1.56
C ALA A 461 41.48 -14.59 -1.47
N LEU A 462 40.62 -14.34 -2.45
CA LEU A 462 39.30 -14.96 -2.48
C LEU A 462 39.50 -16.44 -2.78
N ASP A 463 40.46 -16.72 -3.67
CA ASP A 463 40.66 -18.06 -4.16
C ASP A 463 40.93 -19.03 -3.02
N LYS A 464 41.79 -18.63 -2.10
CA LYS A 464 42.24 -19.54 -1.04
C LYS A 464 41.13 -19.77 -0.02
N MET A 465 40.29 -18.76 0.19
CA MET A 465 39.18 -18.90 1.12
C MET A 465 38.16 -19.91 0.62
N LEU A 466 37.90 -19.89 -0.69
CA LEU A 466 36.85 -20.72 -1.28
C LEU A 466 37.31 -22.16 -1.44
N GLN A 467 38.62 -22.38 -1.42
CA GLN A 467 39.16 -23.73 -1.45
C GLN A 467 38.74 -24.47 -0.19
N ASN A 468 38.37 -23.71 0.84
CA ASN A 468 37.98 -24.26 2.12
C ASN A 468 36.46 -24.46 2.17
N VAL A 469 35.79 -24.17 1.06
CA VAL A 469 34.32 -24.22 1.00
C VAL A 469 33.84 -25.18 -0.09
N GLN A 470 32.70 -25.83 0.16
CA GLN A 470 32.09 -26.70 -0.84
C GLN A 470 31.26 -25.86 -1.82
N MET A 471 31.89 -25.44 -2.90
CA MET A 471 31.21 -24.55 -3.84
C MET A 471 30.50 -25.35 -4.93
N PRO A 472 29.40 -24.81 -5.45
CA PRO A 472 28.71 -25.44 -6.57
C PRO A 472 29.51 -25.25 -7.86
N SER A 473 29.26 -26.10 -8.86
CA SER A 473 29.83 -25.89 -10.17
C SER A 473 28.77 -25.28 -11.07
N LYS A 474 29.19 -24.77 -12.22
CA LYS A 474 28.25 -24.18 -13.16
C LYS A 474 28.34 -24.87 -14.50
N LYS A 475 27.21 -25.44 -14.93
CA LYS A 475 27.11 -26.11 -16.22
C LYS A 475 26.46 -25.15 -17.21
N LEU A 476 27.13 -24.93 -18.35
CA LEU A 476 26.63 -24.03 -19.39
C LEU A 476 26.51 -24.86 -20.67
N ASP A 477 25.29 -25.02 -21.17
CA ASP A 477 25.05 -25.90 -22.31
C ASP A 477 23.79 -25.50 -23.06
N PHE A 478 23.37 -26.31 -24.02
CA PHE A 478 22.19 -25.98 -24.81
C PHE A 478 21.31 -27.20 -25.08
N ILE A 479 20.01 -26.95 -25.23
CA ILE A 479 19.10 -27.94 -25.78
C ILE A 479 18.63 -27.45 -27.14
N ILE A 480 18.25 -28.38 -28.02
CA ILE A 480 17.72 -28.01 -29.32
C ILE A 480 16.22 -28.19 -29.33
N LEU A 481 15.49 -27.14 -29.66
CA LEU A 481 14.04 -27.19 -29.59
C LEU A 481 13.38 -27.50 -30.92
N ASN A 482 13.59 -26.65 -31.92
CA ASN A 482 13.14 -27.00 -33.25
C ASN A 482 14.32 -27.45 -34.09
N GLU A 483 14.86 -26.53 -34.87
CA GLU A 483 16.21 -26.71 -35.40
C GLU A 483 17.09 -25.63 -34.79
N THR A 484 16.63 -25.07 -33.66
CA THR A 484 17.31 -23.96 -33.00
C THR A 484 17.93 -24.34 -31.66
N LYS A 485 19.17 -23.90 -31.44
CA LYS A 485 19.82 -24.11 -30.15
C LYS A 485 19.41 -23.03 -29.15
N PHE A 486 19.07 -23.46 -27.95
CA PHE A 486 18.76 -22.52 -26.90
C PHE A 486 19.60 -22.85 -25.68
N TRP A 487 20.25 -21.83 -25.13
CA TRP A 487 21.24 -22.02 -24.09
C TRP A 487 20.65 -21.94 -22.69
N TYR A 488 21.23 -22.71 -21.77
CA TYR A 488 20.84 -22.67 -20.38
C TYR A 488 22.07 -22.85 -19.51
N GLN A 489 21.97 -22.43 -18.26
CA GLN A 489 23.00 -22.73 -17.29
C GLN A 489 22.39 -23.41 -16.07
N MET A 490 23.17 -24.25 -15.42
CA MET A 490 22.76 -24.83 -14.15
C MET A 490 23.81 -24.56 -13.08
N ILE A 491 23.37 -24.05 -11.94
CA ILE A 491 24.21 -24.03 -10.75
C ILE A 491 23.99 -25.36 -10.02
N LEU A 492 25.04 -26.17 -9.96
CA LEU A 492 24.93 -27.54 -9.45
C LEU A 492 25.54 -27.66 -8.07
N PRO A 493 24.86 -28.36 -7.17
CA PRO A 493 25.37 -28.60 -5.81
C PRO A 493 26.71 -29.32 -5.85
N PRO A 494 27.58 -29.04 -4.88
CA PRO A 494 28.88 -29.74 -4.82
C PRO A 494 28.69 -31.25 -4.77
N HIS A 495 29.66 -31.97 -5.32
CA HIS A 495 29.61 -33.43 -5.35
C HIS A 495 28.36 -33.87 -6.11
N PHE A 496 28.09 -33.18 -7.20
CA PHE A 496 26.90 -33.48 -7.97
C PHE A 496 26.89 -34.94 -8.42
N ASP A 497 25.78 -35.61 -8.16
CA ASP A 497 25.62 -37.00 -8.55
C ASP A 497 24.41 -37.17 -9.46
N LYS A 498 24.65 -37.51 -10.72
CA LYS A 498 23.58 -37.57 -11.70
C LYS A 498 22.67 -38.78 -11.51
N SER A 499 23.01 -39.64 -10.55
CA SER A 499 22.15 -40.76 -10.20
C SER A 499 21.15 -40.34 -9.12
N LYS A 500 21.46 -39.27 -8.40
CA LYS A 500 20.54 -38.70 -7.42
C LYS A 500 19.46 -37.89 -8.12
N LYS A 501 18.37 -37.60 -7.40
CA LYS A 501 17.36 -36.67 -7.88
C LYS A 501 17.43 -35.41 -7.04
N TYR A 502 17.55 -34.27 -7.72
CA TYR A 502 17.62 -32.99 -7.04
C TYR A 502 16.41 -32.11 -7.37
N PRO A 503 15.94 -31.33 -6.38
CA PRO A 503 14.94 -30.29 -6.65
C PRO A 503 15.57 -29.19 -7.52
N LEU A 504 14.75 -28.55 -8.34
CA LEU A 504 15.24 -27.54 -9.28
C LEU A 504 14.47 -26.23 -9.12
N LEU A 505 15.21 -25.12 -9.01
CA LEU A 505 14.65 -23.76 -9.01
C LEU A 505 14.95 -23.10 -10.36
N LEU A 506 13.91 -22.83 -11.13
CA LEU A 506 14.09 -22.10 -12.38
C LEU A 506 14.18 -20.61 -12.06
N ASP A 507 15.36 -20.03 -12.26
CA ASP A 507 15.56 -18.58 -12.12
C ASP A 507 15.34 -17.89 -13.47
N VAL A 508 14.31 -17.05 -13.54
CA VAL A 508 13.90 -16.46 -14.80
C VAL A 508 14.02 -14.94 -14.82
N TYR A 509 14.48 -14.41 -15.95
CA TYR A 509 14.20 -13.03 -16.27
C TYR A 509 13.42 -13.01 -17.59
N ALA A 510 14.12 -13.24 -18.69
CA ALA A 510 13.49 -13.57 -19.96
C ALA A 510 12.86 -12.39 -20.69
N GLY A 511 13.13 -11.17 -20.23
CA GLY A 511 12.67 -10.01 -20.97
C GLY A 511 13.39 -9.92 -22.30
N PRO A 512 12.91 -9.04 -23.21
CA PRO A 512 13.53 -8.85 -24.52
C PRO A 512 15.01 -8.49 -24.45
N CYS A 513 15.82 -9.25 -25.19
CA CYS A 513 17.27 -9.08 -25.26
C CYS A 513 17.97 -9.34 -23.92
N SER A 514 17.38 -10.18 -23.09
CA SER A 514 18.04 -10.58 -21.85
C SER A 514 18.88 -11.82 -22.12
N GLN A 515 19.84 -12.07 -21.23
CA GLN A 515 20.63 -13.28 -21.27
C GLN A 515 20.87 -13.75 -19.84
N LYS A 516 20.35 -14.93 -19.51
CA LYS A 516 20.55 -15.47 -18.18
C LYS A 516 21.45 -16.71 -18.16
N ALA A 517 21.92 -17.11 -19.33
CA ALA A 517 22.93 -18.17 -19.40
C ALA A 517 24.21 -17.60 -19.94
N ASP A 518 25.20 -17.44 -19.07
CA ASP A 518 26.47 -16.87 -19.48
C ASP A 518 27.62 -17.48 -18.69
N THR A 519 28.84 -17.04 -18.96
CA THR A 519 29.98 -17.63 -18.29
C THR A 519 30.51 -16.75 -17.18
N VAL A 520 29.66 -15.90 -16.62
CA VAL A 520 30.08 -15.04 -15.50
C VAL A 520 30.10 -15.81 -14.16
N PHE A 521 31.10 -15.50 -13.34
CA PHE A 521 31.17 -16.05 -11.99
C PHE A 521 30.43 -15.14 -11.02
N ARG A 522 29.47 -15.71 -10.27
CA ARG A 522 28.69 -14.93 -9.32
C ARG A 522 28.62 -15.62 -7.96
N LEU A 523 28.67 -14.83 -6.89
CA LEU A 523 28.31 -15.30 -5.56
C LEU A 523 27.01 -14.61 -5.16
N ASN A 524 25.92 -15.38 -5.13
CA ASN A 524 24.59 -14.82 -4.94
C ASN A 524 23.67 -15.85 -4.28
N TRP A 525 22.36 -15.61 -4.33
CA TRP A 525 21.41 -16.44 -3.61
C TRP A 525 21.47 -17.87 -4.13
N ALA A 526 21.63 -18.01 -5.44
CA ALA A 526 21.65 -19.34 -6.06
C ALA A 526 22.84 -20.15 -5.53
N THR A 527 23.94 -19.47 -5.25
CA THR A 527 25.12 -20.13 -4.70
C THR A 527 24.73 -20.81 -3.38
N TYR A 528 24.15 -20.03 -2.48
CA TYR A 528 23.65 -20.59 -1.23
C TYR A 528 22.68 -21.74 -1.48
N LEU A 529 21.80 -21.60 -2.47
CA LEU A 529 20.78 -22.60 -2.68
C LEU A 529 21.37 -23.94 -3.14
N ALA A 530 22.40 -23.86 -3.97
CA ALA A 530 23.08 -25.07 -4.46
C ALA A 530 24.02 -25.64 -3.40
N SER A 531 24.88 -24.80 -2.84
CA SER A 531 25.91 -25.26 -1.91
C SER A 531 25.38 -25.81 -0.59
N THR A 532 24.33 -25.20 -0.06
CA THR A 532 23.84 -25.56 1.27
C THR A 532 22.57 -26.39 1.24
N GLU A 533 21.63 -26.04 0.37
CA GLU A 533 20.34 -26.72 0.32
C GLU A 533 20.27 -27.75 -0.79
N ASN A 534 21.39 -27.92 -1.50
CA ASN A 534 21.48 -28.92 -2.57
C ASN A 534 20.39 -28.76 -3.61
N ILE A 535 20.12 -27.51 -3.97
CA ILE A 535 19.11 -27.20 -4.97
C ILE A 535 19.79 -26.85 -6.28
N ILE A 536 19.27 -27.38 -7.39
CA ILE A 536 19.74 -26.95 -8.70
C ILE A 536 19.06 -25.65 -9.08
N VAL A 537 19.85 -24.66 -9.47
CA VAL A 537 19.29 -23.42 -9.98
C VAL A 537 19.60 -23.26 -11.47
N ALA A 538 18.56 -23.34 -12.28
CA ALA A 538 18.67 -23.28 -13.72
C ALA A 538 18.14 -21.95 -14.26
N SER A 539 18.76 -21.48 -15.33
CA SER A 539 18.24 -20.36 -16.11
C SER A 539 18.26 -20.72 -17.60
N PHE A 540 17.24 -20.28 -18.33
CA PHE A 540 17.06 -20.64 -19.73
C PHE A 540 16.87 -19.40 -20.60
N ASP A 541 17.61 -19.34 -21.71
CA ASP A 541 17.45 -18.25 -22.64
C ASP A 541 16.68 -18.73 -23.86
N GLY A 542 15.39 -18.40 -23.88
CA GLY A 542 14.55 -18.82 -24.99
C GLY A 542 14.27 -17.68 -25.96
N ARG A 543 13.15 -17.77 -26.67
CA ARG A 543 12.79 -16.73 -27.63
C ARG A 543 12.57 -15.38 -26.96
N GLY A 544 13.00 -14.31 -27.64
CA GLY A 544 13.09 -13.01 -27.01
C GLY A 544 14.49 -12.69 -26.49
N SER A 545 15.30 -13.72 -26.21
CA SER A 545 16.61 -13.49 -25.61
C SER A 545 17.62 -12.89 -26.59
N GLY A 546 18.66 -12.26 -26.07
CA GLY A 546 19.51 -11.45 -26.92
C GLY A 546 20.82 -12.09 -27.37
N TYR A 547 21.60 -11.30 -28.10
CA TYR A 547 22.97 -11.65 -28.47
C TYR A 547 23.06 -12.91 -29.32
N GLN A 548 21.95 -13.24 -29.96
CA GLN A 548 21.87 -14.42 -30.81
C GLN A 548 21.13 -14.13 -32.12
N GLY A 549 20.96 -12.87 -32.48
CA GLY A 549 20.34 -12.55 -33.75
C GLY A 549 18.86 -12.16 -33.63
N ASP A 550 18.34 -11.47 -34.64
CA ASP A 550 16.97 -10.96 -34.60
C ASP A 550 15.87 -12.05 -34.65
N LYS A 551 16.10 -13.09 -35.43
CA LYS A 551 15.14 -14.18 -35.56
C LYS A 551 14.66 -14.61 -34.18
N ILE A 552 15.59 -14.64 -33.24
CA ILE A 552 15.30 -15.05 -31.88
C ILE A 552 14.84 -13.89 -31.00
N MET A 553 15.51 -12.75 -31.13
CA MET A 553 15.19 -11.61 -30.28
C MET A 553 13.81 -11.05 -30.61
N HIS A 554 13.51 -10.91 -31.90
CA HIS A 554 12.26 -10.31 -32.37
C HIS A 554 11.07 -11.27 -32.37
N ALA A 555 11.30 -12.54 -32.06
CA ALA A 555 10.22 -13.52 -32.10
C ALA A 555 9.07 -13.05 -31.23
N ILE A 556 9.39 -12.20 -30.27
CA ILE A 556 8.48 -11.84 -29.21
C ILE A 556 7.80 -10.52 -29.53
N ASN A 557 8.13 -9.94 -30.67
CA ASN A 557 7.63 -8.62 -31.06
C ASN A 557 6.10 -8.49 -30.98
N ARG A 558 5.63 -7.43 -30.31
CA ARG A 558 4.20 -7.18 -30.15
C ARG A 558 3.45 -8.31 -29.45
N ARG A 559 4.19 -9.25 -28.86
CA ARG A 559 3.56 -10.38 -28.19
C ARG A 559 4.26 -10.72 -26.90
N LEU A 560 4.41 -9.77 -25.99
CA LEU A 560 5.04 -10.08 -24.71
C LEU A 560 4.12 -11.00 -23.90
N GLY A 561 4.70 -11.99 -23.22
CA GLY A 561 3.91 -12.90 -22.43
C GLY A 561 3.44 -14.13 -23.19
N THR A 562 4.10 -14.45 -24.29
CA THR A 562 3.77 -15.67 -25.03
C THR A 562 4.96 -16.61 -25.12
N PHE A 563 5.79 -16.47 -26.16
CA PHE A 563 6.82 -17.46 -26.40
C PHE A 563 7.86 -17.54 -25.28
N GLU A 564 8.21 -16.39 -24.70
CA GLU A 564 9.21 -16.39 -23.64
C GLU A 564 8.64 -17.13 -22.44
N VAL A 565 7.34 -17.06 -22.26
CA VAL A 565 6.72 -17.77 -21.16
C VAL A 565 6.67 -19.26 -21.48
N GLU A 566 6.07 -19.60 -22.62
CA GLU A 566 6.01 -20.99 -23.07
C GLU A 566 7.37 -21.67 -23.01
N ASP A 567 8.41 -20.99 -23.49
CA ASP A 567 9.73 -21.60 -23.59
C ASP A 567 10.32 -21.95 -22.22
N GLN A 568 10.09 -21.09 -21.23
CA GLN A 568 10.50 -21.39 -19.85
C GLN A 568 9.84 -22.67 -19.37
N ILE A 569 8.56 -22.85 -19.70
CA ILE A 569 7.84 -24.06 -19.33
C ILE A 569 8.44 -25.26 -20.06
N GLU A 570 8.78 -25.06 -21.34
CA GLU A 570 9.30 -26.13 -22.17
C GLU A 570 10.70 -26.53 -21.70
N ALA A 571 11.46 -25.57 -21.18
CA ALA A 571 12.79 -25.85 -20.68
C ALA A 571 12.71 -26.73 -19.44
N ALA A 572 11.76 -26.43 -18.57
CA ALA A 572 11.61 -27.16 -17.33
C ALA A 572 11.21 -28.61 -17.61
N ARG A 573 10.41 -28.83 -18.65
CA ARG A 573 10.07 -30.19 -19.06
C ARG A 573 11.32 -30.92 -19.53
N GLN A 574 12.13 -30.25 -20.33
CA GLN A 574 13.41 -30.80 -20.78
C GLN A 574 14.25 -31.15 -19.56
N PHE A 575 14.28 -30.24 -18.60
CA PHE A 575 15.08 -30.47 -17.40
C PHE A 575 14.52 -31.67 -16.65
N SER A 576 13.20 -31.81 -16.68
CA SER A 576 12.52 -32.91 -16.00
C SER A 576 12.98 -34.23 -16.57
N LYS A 577 13.04 -34.31 -17.90
CA LYS A 577 13.52 -35.52 -18.55
C LYS A 577 14.84 -35.95 -17.93
N MET A 578 15.88 -35.12 -18.10
CA MET A 578 17.19 -35.39 -17.51
C MET A 578 17.01 -36.04 -16.13
N GLY A 579 17.73 -37.13 -15.89
CA GLY A 579 17.39 -38.00 -14.78
C GLY A 579 17.84 -37.52 -13.41
N PHE A 580 18.40 -36.33 -13.31
CA PHE A 580 18.87 -35.84 -12.02
C PHE A 580 17.94 -34.79 -11.43
N VAL A 581 16.74 -34.69 -11.99
CA VAL A 581 15.73 -33.76 -11.51
C VAL A 581 14.51 -34.50 -10.95
N ASP A 582 14.15 -34.17 -9.71
CA ASP A 582 12.91 -34.65 -9.11
C ASP A 582 11.76 -33.80 -9.63
N ASN A 583 11.01 -34.31 -10.61
CA ASN A 583 10.03 -33.45 -11.26
C ASN A 583 8.80 -33.16 -10.40
N LYS A 584 8.78 -33.73 -9.20
CA LYS A 584 7.74 -33.39 -8.22
C LYS A 584 8.12 -32.14 -7.45
N ARG A 585 9.39 -31.74 -7.53
CA ARG A 585 9.87 -30.54 -6.85
C ARG A 585 10.58 -29.57 -7.79
N ILE A 586 9.81 -28.94 -8.67
CA ILE A 586 10.34 -27.88 -9.52
C ILE A 586 9.70 -26.53 -9.16
N ALA A 587 10.53 -25.53 -8.90
CA ALA A 587 10.03 -24.21 -8.54
C ALA A 587 10.44 -23.18 -9.59
N ILE A 588 9.86 -22.00 -9.50
CA ILE A 588 10.27 -20.91 -10.35
C ILE A 588 10.19 -19.59 -9.59
N TRP A 589 11.06 -18.65 -9.93
CA TRP A 589 11.00 -17.32 -9.34
C TRP A 589 11.70 -16.30 -10.23
N GLY A 590 11.36 -15.03 -10.01
CA GLY A 590 12.01 -13.96 -10.73
C GLY A 590 11.59 -12.60 -10.20
N TRP A 591 12.31 -11.58 -10.63
CA TRP A 591 12.13 -10.21 -10.18
C TRP A 591 11.79 -9.40 -11.45
N SER A 592 10.82 -8.48 -11.32
CA SER A 592 10.40 -7.59 -12.42
C SER A 592 9.82 -8.29 -13.65
N TYR A 593 10.53 -8.29 -14.77
CA TYR A 593 10.05 -9.06 -15.92
C TYR A 593 10.07 -10.54 -15.57
N GLY A 594 11.00 -10.94 -14.70
CA GLY A 594 11.03 -12.31 -14.23
C GLY A 594 9.85 -12.61 -13.32
N GLY A 595 9.42 -11.57 -12.60
CA GLY A 595 8.26 -11.73 -11.73
C GLY A 595 7.01 -11.90 -12.57
N TYR A 596 6.96 -11.21 -13.69
CA TYR A 596 5.84 -11.31 -14.62
C TYR A 596 5.84 -12.68 -15.30
N VAL A 597 7.01 -13.15 -15.73
CA VAL A 597 7.06 -14.42 -16.41
C VAL A 597 6.76 -15.54 -15.44
N THR A 598 7.31 -15.45 -14.22
CA THR A 598 7.01 -16.43 -13.18
C THR A 598 5.51 -16.57 -12.96
N SER A 599 4.80 -15.45 -12.90
CA SER A 599 3.37 -15.52 -12.61
C SER A 599 2.58 -16.06 -13.81
N MET A 600 2.96 -15.63 -15.01
CA MET A 600 2.31 -16.13 -16.21
C MET A 600 2.51 -17.64 -16.29
N VAL A 601 3.71 -18.09 -15.94
CA VAL A 601 4.02 -19.51 -15.93
C VAL A 601 3.18 -20.26 -14.90
N LEU A 602 3.12 -19.73 -13.67
CA LEU A 602 2.34 -20.39 -12.63
C LEU A 602 0.87 -20.38 -12.99
N GLY A 603 0.46 -19.39 -13.78
CA GLY A 603 -0.94 -19.27 -14.16
C GLY A 603 -1.31 -20.01 -15.43
N SER A 604 -0.39 -20.82 -15.97
CA SER A 604 -0.66 -21.47 -17.26
C SER A 604 -1.33 -22.83 -17.07
N GLY A 605 -1.43 -23.30 -15.83
CA GLY A 605 -2.05 -24.59 -15.58
C GLY A 605 -1.29 -25.75 -16.19
N SER A 606 0.02 -25.58 -16.37
CA SER A 606 0.83 -26.56 -17.09
C SER A 606 1.13 -27.77 -16.23
N GLY A 607 1.16 -27.58 -14.92
CA GLY A 607 1.34 -28.70 -14.02
C GLY A 607 2.80 -29.06 -13.77
N VAL A 608 3.70 -28.31 -14.39
CA VAL A 608 5.12 -28.59 -14.27
C VAL A 608 5.71 -28.04 -12.96
N PHE A 609 5.07 -27.00 -12.42
CA PHE A 609 5.62 -26.29 -11.28
C PHE A 609 4.80 -26.42 -10.00
N LYS A 610 5.49 -26.72 -8.90
CA LYS A 610 4.85 -26.86 -7.61
C LYS A 610 4.58 -25.51 -6.94
N CYS A 611 5.55 -24.61 -7.03
CA CYS A 611 5.47 -23.31 -6.37
C CYS A 611 6.34 -22.27 -7.11
N GLY A 612 6.17 -21.00 -6.77
CA GLY A 612 6.98 -19.97 -7.38
C GLY A 612 6.93 -18.65 -6.63
N ILE A 613 7.93 -17.81 -6.85
CA ILE A 613 7.96 -16.51 -6.20
C ILE A 613 8.07 -15.40 -7.24
N ALA A 614 7.17 -14.42 -7.15
CA ALA A 614 7.24 -13.24 -7.99
C ALA A 614 7.58 -12.03 -7.13
N VAL A 615 8.66 -11.34 -7.48
CA VAL A 615 9.01 -10.12 -6.78
C VAL A 615 8.81 -8.95 -7.73
N ALA A 616 8.16 -7.90 -7.23
CA ALA A 616 7.85 -6.70 -8.01
C ALA A 616 7.52 -7.03 -9.46
N PRO A 617 6.53 -7.91 -9.67
CA PRO A 617 6.15 -8.30 -11.03
C PRO A 617 5.45 -7.18 -11.79
N VAL A 618 5.61 -7.19 -13.11
CA VAL A 618 4.64 -6.53 -13.98
C VAL A 618 3.46 -7.47 -14.08
N SER A 619 2.24 -6.94 -14.10
CA SER A 619 1.05 -7.78 -14.15
C SER A 619 0.16 -7.46 -15.36
N ARG A 620 0.33 -6.26 -15.91
CA ARG A 620 -0.45 -5.79 -17.03
C ARG A 620 0.34 -4.65 -17.67
N TRP A 621 0.58 -4.73 -18.98
CA TRP A 621 1.53 -3.82 -19.63
C TRP A 621 1.06 -2.39 -19.71
N GLU A 622 -0.25 -2.15 -19.66
CA GLU A 622 -0.74 -0.79 -19.55
C GLU A 622 -0.25 -0.10 -18.27
N TYR A 623 0.15 -0.87 -17.27
CA TYR A 623 0.64 -0.29 -16.01
C TYR A 623 2.08 0.18 -16.07
N TYR A 624 2.86 -0.38 -17.01
CA TYR A 624 4.28 -0.04 -17.06
C TYR A 624 4.51 1.12 -18.03
N ASP A 625 5.73 1.67 -18.06
CA ASP A 625 5.96 2.92 -18.78
C ASP A 625 5.96 2.79 -20.31
N SER A 626 5.73 3.91 -20.98
CA SER A 626 5.48 3.93 -22.42
C SER A 626 6.70 3.54 -23.24
N VAL A 627 7.86 4.06 -22.86
CA VAL A 627 9.06 3.91 -23.68
C VAL A 627 9.52 2.46 -23.80
N TYR A 628 9.48 1.71 -22.70
CA TYR A 628 9.89 0.32 -22.71
C TYR A 628 8.79 -0.55 -23.32
N THR A 629 7.56 -0.35 -22.84
CA THR A 629 6.45 -1.21 -23.21
C THR A 629 6.14 -1.06 -24.70
N GLU A 630 6.00 0.18 -25.15
CA GLU A 630 5.58 0.46 -26.52
C GLU A 630 6.63 -0.02 -27.50
N ARG A 631 7.88 -0.04 -27.04
CA ARG A 631 9.00 -0.51 -27.87
C ARG A 631 8.70 -1.91 -28.39
N TYR A 632 8.05 -2.73 -27.55
CA TYR A 632 7.78 -4.11 -27.93
C TYR A 632 6.31 -4.36 -28.23
N MET A 633 5.43 -3.48 -27.73
CA MET A 633 4.00 -3.78 -27.73
C MET A 633 3.16 -2.84 -28.56
N GLY A 634 3.78 -1.80 -29.11
CA GLY A 634 3.01 -0.80 -29.83
C GLY A 634 2.11 -0.06 -28.85
N LEU A 635 1.09 0.63 -29.37
CA LEU A 635 0.16 1.35 -28.52
C LEU A 635 -1.02 0.46 -28.19
N PRO A 636 -1.61 0.62 -26.99
CA PRO A 636 -2.78 -0.14 -26.56
C PRO A 636 -4.10 0.44 -27.10
N THR A 637 -4.17 0.69 -28.40
CA THR A 637 -5.42 1.13 -29.02
C THR A 637 -6.00 0.02 -29.87
N PRO A 638 -7.33 0.05 -30.07
CA PRO A 638 -8.01 -0.98 -30.88
C PRO A 638 -7.42 -1.07 -32.29
N GLU A 639 -6.96 0.06 -32.82
CA GLU A 639 -6.36 0.07 -34.14
C GLU A 639 -4.88 -0.37 -34.15
N ASP A 640 -4.29 -0.55 -32.97
CA ASP A 640 -2.90 -1.03 -32.93
C ASP A 640 -2.74 -2.44 -32.32
N ASN A 641 -2.50 -2.51 -31.02
CA ASN A 641 -2.19 -3.81 -30.41
C ASN A 641 -2.88 -4.02 -29.06
N LEU A 642 -4.02 -3.36 -28.88
CA LEU A 642 -4.78 -3.45 -27.64
C LEU A 642 -5.16 -4.88 -27.27
N ASP A 643 -5.53 -5.67 -28.28
CA ASP A 643 -5.96 -7.05 -28.04
C ASP A 643 -4.92 -7.87 -27.30
N HIS A 644 -3.64 -7.76 -27.66
CA HIS A 644 -2.62 -8.51 -26.93
C HIS A 644 -2.23 -7.89 -25.58
N TYR A 645 -2.35 -6.57 -25.46
CA TYR A 645 -2.24 -5.95 -24.13
C TYR A 645 -3.22 -6.63 -23.18
N ARG A 646 -4.45 -6.79 -23.62
CA ARG A 646 -5.52 -7.33 -22.79
C ARG A 646 -5.46 -8.85 -22.62
N ASN A 647 -4.74 -9.53 -23.51
CA ASN A 647 -4.67 -10.98 -23.49
C ASN A 647 -3.43 -11.45 -22.70
N SER A 648 -2.55 -10.52 -22.35
CA SER A 648 -1.27 -10.88 -21.76
C SER A 648 -1.11 -10.43 -20.31
N THR A 649 -2.21 -10.35 -19.58
CA THR A 649 -2.17 -9.95 -18.17
C THR A 649 -2.07 -11.18 -17.26
N VAL A 650 -1.50 -10.99 -16.09
CA VAL A 650 -1.49 -12.02 -15.05
C VAL A 650 -2.90 -12.24 -14.49
N MET A 651 -3.64 -11.15 -14.27
CA MET A 651 -4.95 -11.23 -13.64
C MET A 651 -5.89 -12.22 -14.32
N SER A 652 -5.85 -12.30 -15.65
CA SER A 652 -6.80 -13.14 -16.36
C SER A 652 -6.52 -14.64 -16.15
N ARG A 653 -5.44 -14.96 -15.45
CA ARG A 653 -5.07 -16.36 -15.22
C ARG A 653 -5.30 -16.81 -13.77
N ALA A 654 -5.93 -15.96 -12.97
CA ALA A 654 -6.02 -16.19 -11.53
C ALA A 654 -6.51 -17.61 -11.18
N GLU A 655 -7.50 -18.10 -11.92
CA GLU A 655 -8.10 -19.41 -11.63
C GLU A 655 -7.05 -20.53 -11.57
N ASN A 656 -6.06 -20.48 -12.44
CA ASN A 656 -5.13 -21.58 -12.53
C ASN A 656 -4.18 -21.63 -11.34
N PHE A 657 -4.09 -20.52 -10.61
CA PHE A 657 -3.23 -20.46 -9.44
C PHE A 657 -3.66 -21.38 -8.29
N LYS A 658 -4.85 -21.96 -8.35
CA LYS A 658 -5.26 -22.85 -7.28
C LYS A 658 -4.50 -24.17 -7.35
N GLN A 659 -3.67 -24.32 -8.37
CA GLN A 659 -2.90 -25.54 -8.56
C GLN A 659 -1.48 -25.45 -8.00
N VAL A 660 -1.07 -24.25 -7.58
CA VAL A 660 0.31 -24.06 -7.13
C VAL A 660 0.39 -23.22 -5.85
N GLU A 661 1.55 -23.25 -5.19
CA GLU A 661 1.82 -22.34 -4.08
C GLU A 661 2.54 -21.10 -4.62
N TYR A 662 2.07 -19.92 -4.23
CA TYR A 662 2.52 -18.67 -4.83
C TYR A 662 2.93 -17.69 -3.74
N LEU A 663 4.12 -17.10 -3.89
CA LEU A 663 4.57 -16.03 -3.00
C LEU A 663 4.74 -14.72 -3.78
N LEU A 664 4.05 -13.68 -3.33
CA LEU A 664 4.01 -12.41 -4.04
C LEU A 664 4.56 -11.30 -3.17
N ILE A 665 5.61 -10.65 -3.67
CA ILE A 665 6.35 -9.67 -2.88
C ILE A 665 6.48 -8.40 -3.70
N HIS A 666 6.34 -7.25 -3.04
CA HIS A 666 6.49 -5.96 -3.71
C HIS A 666 6.80 -4.85 -2.69
N GLY A 667 7.61 -3.89 -3.10
CA GLY A 667 7.88 -2.75 -2.23
C GLY A 667 6.85 -1.66 -2.48
N THR A 668 6.40 -1.00 -1.40
CA THR A 668 5.31 -0.04 -1.52
C THR A 668 5.73 1.26 -2.20
N ALA A 669 7.01 1.59 -2.12
CA ALA A 669 7.49 2.82 -2.74
C ALA A 669 8.23 2.54 -4.04
N ASP A 670 7.89 1.43 -4.69
CA ASP A 670 8.51 1.09 -5.98
C ASP A 670 8.03 2.11 -7.03
N ASP A 671 8.94 2.99 -7.44
CA ASP A 671 8.65 4.03 -8.43
C ASP A 671 8.70 3.51 -9.85
N ASN A 672 9.16 2.27 -10.01
CA ASN A 672 9.43 1.74 -11.34
C ASN A 672 8.33 0.78 -11.76
N VAL A 673 8.27 -0.37 -11.10
CA VAL A 673 7.12 -1.25 -11.23
C VAL A 673 6.23 -0.95 -10.05
N HIS A 674 5.11 -0.29 -10.31
CA HIS A 674 4.30 0.28 -9.23
C HIS A 674 3.61 -0.83 -8.47
N PHE A 675 3.51 -0.64 -7.16
CA PHE A 675 2.91 -1.65 -6.29
C PHE A 675 1.53 -2.01 -6.82
N GLN A 676 0.90 -1.02 -7.45
CA GLN A 676 -0.33 -1.22 -8.20
C GLN A 676 -0.35 -2.56 -8.91
N GLN A 677 0.75 -2.94 -9.55
CA GLN A 677 0.76 -4.17 -10.34
C GLN A 677 0.52 -5.42 -9.50
N SER A 678 1.13 -5.52 -8.32
CA SER A 678 0.85 -6.64 -7.41
C SER A 678 -0.49 -6.46 -6.68
N ALA A 679 -0.83 -5.22 -6.38
CA ALA A 679 -2.14 -4.90 -5.81
C ALA A 679 -3.27 -5.46 -6.69
N GLN A 680 -3.10 -5.38 -8.01
CA GLN A 680 -4.15 -5.90 -8.88
C GLN A 680 -4.06 -7.42 -9.02
N ILE A 681 -2.86 -7.98 -8.89
CA ILE A 681 -2.74 -9.45 -8.92
C ILE A 681 -3.46 -10.09 -7.74
N SER A 682 -3.19 -9.57 -6.54
CA SER A 682 -3.74 -10.20 -5.34
C SER A 682 -5.26 -10.06 -5.36
N LYS A 683 -5.74 -8.93 -5.88
CA LYS A 683 -7.18 -8.69 -5.95
C LYS A 683 -7.86 -9.72 -6.85
N ALA A 684 -7.24 -10.05 -7.98
CA ALA A 684 -7.82 -11.03 -8.88
C ALA A 684 -7.85 -12.43 -8.26
N LEU A 685 -6.80 -12.77 -7.51
CA LEU A 685 -6.71 -14.05 -6.82
C LEU A 685 -7.76 -14.19 -5.71
N VAL A 686 -7.92 -13.12 -4.93
CA VAL A 686 -8.98 -13.05 -3.93
C VAL A 686 -10.35 -13.28 -4.57
N ASP A 687 -10.67 -12.49 -5.60
CA ASP A 687 -12.00 -12.55 -6.21
C ASP A 687 -12.30 -13.96 -6.76
N VAL A 688 -11.24 -14.72 -7.01
CA VAL A 688 -11.35 -16.07 -7.54
C VAL A 688 -11.26 -17.18 -6.47
N GLY A 689 -10.93 -16.81 -5.24
CA GLY A 689 -10.90 -17.79 -4.17
C GLY A 689 -9.62 -18.62 -4.09
N VAL A 690 -8.51 -18.04 -4.52
CA VAL A 690 -7.22 -18.74 -4.50
C VAL A 690 -6.34 -18.26 -3.35
N ASP A 691 -5.92 -19.18 -2.49
CA ASP A 691 -5.04 -18.79 -1.40
C ASP A 691 -3.59 -18.69 -1.88
N PHE A 692 -2.85 -17.73 -1.33
CA PHE A 692 -1.46 -17.48 -1.71
C PHE A 692 -0.78 -16.73 -0.57
N GLN A 693 0.54 -16.65 -0.63
CA GLN A 693 1.28 -15.91 0.37
C GLN A 693 1.78 -14.60 -0.21
N ALA A 694 1.90 -13.59 0.64
CA ALA A 694 2.24 -12.27 0.18
C ALA A 694 3.17 -11.59 1.17
N MET A 695 3.85 -10.55 0.70
CA MET A 695 4.65 -9.72 1.58
C MET A 695 4.92 -8.38 0.92
N TRP A 696 4.47 -7.31 1.57
CA TRP A 696 4.86 -5.97 1.13
C TRP A 696 6.10 -5.59 1.92
N TYR A 697 6.91 -4.69 1.38
CA TYR A 697 8.00 -4.09 2.15
C TYR A 697 7.84 -2.60 2.14
N THR A 698 7.52 -2.03 3.30
CA THR A 698 7.16 -0.63 3.33
C THR A 698 8.34 0.30 3.10
N ASP A 699 8.11 1.25 2.19
CA ASP A 699 9.08 2.27 1.79
C ASP A 699 10.27 1.74 0.99
N GLU A 700 10.23 0.47 0.61
CA GLU A 700 11.27 -0.06 -0.27
C GLU A 700 10.92 0.19 -1.74
N ASP A 701 11.90 0.52 -2.56
CA ASP A 701 11.63 0.68 -3.98
C ASP A 701 11.89 -0.62 -4.73
N HIS A 702 12.17 -0.52 -6.02
CA HIS A 702 12.20 -1.71 -6.87
C HIS A 702 13.32 -2.68 -6.50
N GLY A 703 14.44 -2.17 -5.99
CA GLY A 703 15.56 -3.04 -5.65
C GLY A 703 15.48 -3.66 -4.26
N ILE A 704 14.50 -3.22 -3.46
CA ILE A 704 14.34 -3.73 -2.09
C ILE A 704 15.70 -4.00 -1.47
N ALA A 705 16.52 -2.95 -1.38
CA ALA A 705 17.95 -3.12 -1.26
C ALA A 705 18.52 -2.50 0.01
N SER A 706 17.69 -1.81 0.79
CA SER A 706 18.17 -1.41 2.10
C SER A 706 18.61 -2.72 2.74
N SER A 707 19.71 -2.70 3.48
CA SER A 707 20.34 -3.94 3.90
C SER A 707 19.44 -4.75 4.82
N THR A 708 18.60 -4.09 5.60
CA THR A 708 17.67 -4.84 6.44
C THR A 708 16.59 -5.52 5.60
N ALA A 709 16.07 -4.82 4.60
CA ALA A 709 15.04 -5.40 3.75
C ALA A 709 15.62 -6.51 2.89
N HIS A 710 16.85 -6.31 2.41
CA HIS A 710 17.49 -7.25 1.52
C HIS A 710 17.72 -8.56 2.25
N GLN A 711 18.20 -8.46 3.49
CA GLN A 711 18.35 -9.63 4.32
C GLN A 711 16.99 -10.28 4.56
N HIS A 712 15.98 -9.47 4.83
CA HIS A 712 14.69 -10.01 5.20
C HIS A 712 14.04 -10.76 4.03
N ILE A 713 14.04 -10.17 2.84
CA ILE A 713 13.31 -10.79 1.72
C ILE A 713 13.91 -12.13 1.32
N TYR A 714 15.25 -12.21 1.31
CA TYR A 714 15.92 -13.45 0.93
C TYR A 714 15.77 -14.51 2.02
N THR A 715 15.69 -14.07 3.27
CA THR A 715 15.42 -15.00 4.33
C THR A 715 13.98 -15.50 4.17
N HIS A 716 13.08 -14.62 3.79
CA HIS A 716 11.68 -15.02 3.63
C HIS A 716 11.53 -15.99 2.47
N MET A 717 12.19 -15.69 1.35
CA MET A 717 12.09 -16.56 0.18
C MET A 717 12.76 -17.91 0.44
N SER A 718 13.84 -17.89 1.22
CA SER A 718 14.53 -19.14 1.53
C SER A 718 13.63 -20.10 2.32
N HIS A 719 12.98 -19.59 3.36
CA HIS A 719 12.01 -20.38 4.10
C HIS A 719 10.90 -20.92 3.20
N PHE A 720 10.37 -20.08 2.32
CA PHE A 720 9.28 -20.51 1.44
C PHE A 720 9.72 -21.64 0.52
N ILE A 721 10.88 -21.49 -0.09
CA ILE A 721 11.43 -22.52 -0.98
C ILE A 721 11.76 -23.83 -0.27
N LYS A 722 12.31 -23.73 0.94
CA LYS A 722 12.64 -24.93 1.70
C LYS A 722 11.42 -25.72 2.16
N GLN A 723 10.32 -25.03 2.45
CA GLN A 723 9.10 -25.74 2.82
C GLN A 723 8.41 -26.36 1.60
N CYS A 724 8.44 -25.66 0.47
CA CYS A 724 7.90 -26.18 -0.79
C CYS A 724 8.65 -27.44 -1.23
N PHE A 725 9.90 -27.54 -0.83
CA PHE A 725 10.74 -28.69 -1.17
C PHE A 725 10.93 -29.66 -0.01
N SER A 726 10.34 -29.33 1.14
CA SER A 726 10.41 -30.19 2.32
C SER A 726 11.86 -30.42 2.75
N LEU A 727 12.67 -29.36 2.74
CA LEU A 727 14.09 -29.49 3.08
C LEU A 727 14.37 -29.08 4.53
N PRO A 728 14.37 -30.05 5.45
CA PRO A 728 14.57 -29.75 6.87
C PRO A 728 15.96 -29.17 7.16
N SER B 1 -21.58 -39.76 12.80
CA SER B 1 -22.39 -39.70 11.54
C SER B 1 -22.78 -38.27 11.21
N ARG B 2 -23.28 -37.55 12.22
CA ARG B 2 -23.69 -36.16 12.06
C ARG B 2 -22.50 -35.28 11.65
N LYS B 3 -22.75 -34.33 10.77
CA LYS B 3 -21.70 -33.43 10.31
C LYS B 3 -21.27 -32.42 11.38
N THR B 4 -20.10 -31.82 11.17
CA THR B 4 -19.61 -30.74 11.99
C THR B 4 -20.02 -29.39 11.36
N TYR B 5 -19.80 -28.30 12.07
CA TYR B 5 -20.09 -26.98 11.51
C TYR B 5 -18.85 -26.45 10.80
N THR B 6 -18.89 -26.45 9.46
CA THR B 6 -17.66 -26.29 8.67
C THR B 6 -17.34 -24.84 8.33
N LEU B 7 -16.10 -24.59 7.91
CA LEU B 7 -15.73 -23.24 7.48
C LEU B 7 -16.70 -22.75 6.41
N THR B 8 -16.99 -23.62 5.45
CA THR B 8 -17.92 -23.27 4.37
C THR B 8 -19.31 -22.91 4.90
N ASP B 9 -19.77 -23.61 5.93
CA ASP B 9 -21.08 -23.29 6.50
C ASP B 9 -21.06 -21.85 7.01
N TYR B 10 -19.95 -21.46 7.63
CA TYR B 10 -19.80 -20.10 8.14
C TYR B 10 -19.74 -19.12 6.97
N LEU B 11 -18.94 -19.46 5.96
CA LEU B 11 -18.67 -18.56 4.86
C LEU B 11 -19.89 -18.34 3.97
N LYS B 12 -20.66 -19.39 3.75
CA LYS B 12 -21.83 -19.31 2.89
C LYS B 12 -23.15 -19.16 3.65
N ASN B 13 -23.06 -19.14 4.98
CA ASN B 13 -24.23 -18.80 5.79
C ASN B 13 -25.30 -19.88 5.70
N THR B 14 -24.86 -21.13 5.66
CA THR B 14 -25.78 -22.27 5.52
C THR B 14 -26.92 -22.25 6.54
N TYR B 15 -26.58 -21.91 7.78
CA TYR B 15 -27.56 -21.87 8.87
C TYR B 15 -27.86 -20.43 9.28
N ARG B 16 -29.04 -19.92 8.91
CA ARG B 16 -29.35 -18.51 9.12
C ARG B 16 -30.25 -18.26 10.33
N LEU B 17 -29.87 -17.27 11.13
CA LEU B 17 -30.74 -16.79 12.20
C LEU B 17 -31.86 -15.96 11.58
N LYS B 18 -33.11 -16.29 11.93
CA LYS B 18 -34.22 -15.46 11.50
C LYS B 18 -34.39 -14.29 12.44
N LEU B 19 -34.71 -13.13 11.89
CA LEU B 19 -34.94 -11.91 12.66
C LEU B 19 -36.42 -11.56 12.63
N TYR B 20 -36.81 -10.56 13.40
CA TYR B 20 -38.12 -9.97 13.26
C TYR B 20 -37.98 -8.46 13.48
N SER B 21 -37.62 -7.76 12.42
CA SER B 21 -37.40 -6.33 12.47
C SER B 21 -38.70 -5.60 12.22
N LEU B 22 -39.21 -4.92 13.24
CA LEU B 22 -40.45 -4.20 13.08
C LEU B 22 -40.25 -2.71 13.34
N ARG B 23 -41.14 -1.88 12.80
CA ARG B 23 -41.09 -0.45 13.07
C ARG B 23 -42.44 -0.01 13.60
N TRP B 24 -42.51 0.37 14.86
CA TRP B 24 -43.74 0.92 15.41
C TRP B 24 -44.08 2.23 14.70
N ILE B 25 -45.32 2.40 14.29
CA ILE B 25 -45.74 3.65 13.65
C ILE B 25 -46.86 4.34 14.44
N SER B 26 -47.30 3.72 15.52
CA SER B 26 -48.23 4.37 16.44
C SER B 26 -48.15 3.65 17.77
N ASP B 27 -49.15 3.83 18.62
CA ASP B 27 -49.12 3.21 19.92
C ASP B 27 -49.60 1.76 19.89
N HIS B 28 -50.18 1.32 18.77
CA HIS B 28 -50.69 -0.06 18.70
C HIS B 28 -50.42 -0.83 17.40
N GLU B 29 -49.75 -0.21 16.43
CA GLU B 29 -49.47 -0.87 15.15
C GLU B 29 -48.00 -0.80 14.81
N TYR B 30 -47.50 -1.81 14.12
CA TYR B 30 -46.14 -1.77 13.58
C TYR B 30 -46.08 -2.26 12.13
N LEU B 31 -45.02 -1.84 11.43
CA LEU B 31 -44.80 -2.32 10.07
C LEU B 31 -43.79 -3.45 10.09
N TYR B 32 -44.03 -4.44 9.24
CA TYR B 32 -43.15 -5.58 9.12
C TYR B 32 -43.03 -5.94 7.65
N LYS B 33 -41.81 -6.18 7.20
CA LYS B 33 -41.57 -6.57 5.81
C LYS B 33 -41.53 -8.09 5.71
N GLN B 34 -42.37 -8.64 4.84
CA GLN B 34 -42.53 -10.09 4.71
C GLN B 34 -42.61 -10.50 3.25
N GLU B 35 -41.61 -11.24 2.79
CA GLU B 35 -41.50 -11.63 1.38
C GLU B 35 -41.65 -10.37 0.53
N ASN B 36 -40.90 -9.34 0.92
CA ASN B 36 -40.95 -8.03 0.28
C ASN B 36 -42.32 -7.35 0.25
N ASN B 37 -43.31 -7.94 0.92
CA ASN B 37 -44.56 -7.24 1.18
C ASN B 37 -44.42 -6.46 2.48
N ILE B 38 -44.95 -5.24 2.50
CA ILE B 38 -44.94 -4.45 3.72
C ILE B 38 -46.29 -4.54 4.40
N LEU B 39 -46.31 -5.16 5.56
CA LEU B 39 -47.55 -5.39 6.30
C LEU B 39 -47.67 -4.44 7.49
N VAL B 40 -48.90 -4.07 7.82
CA VAL B 40 -49.18 -3.36 9.06
C VAL B 40 -49.81 -4.36 10.02
N PHE B 41 -49.31 -4.37 11.26
CA PHE B 41 -49.81 -5.29 12.27
C PHE B 41 -50.47 -4.55 13.43
N ASN B 42 -51.57 -5.13 13.93
CA ASN B 42 -52.23 -4.62 15.11
C ASN B 42 -51.76 -5.43 16.31
N ALA B 43 -51.19 -4.75 17.31
CA ALA B 43 -50.48 -5.43 18.38
C ALA B 43 -51.37 -6.23 19.31
N GLU B 44 -52.49 -5.65 19.70
CA GLU B 44 -53.37 -6.31 20.66
C GLU B 44 -53.95 -7.62 20.10
N TYR B 45 -54.31 -7.62 18.83
CA TYR B 45 -55.06 -8.73 18.27
C TYR B 45 -54.27 -9.51 17.24
N GLY B 46 -53.21 -8.90 16.71
CA GLY B 46 -52.24 -9.67 15.93
C GLY B 46 -52.61 -9.74 14.48
N ASN B 47 -53.74 -9.14 14.13
CA ASN B 47 -54.18 -9.22 12.74
C ASN B 47 -53.48 -8.18 11.85
N SER B 48 -53.36 -8.51 10.57
CA SER B 48 -52.52 -7.71 9.69
C SER B 48 -53.20 -7.35 8.40
N SER B 49 -52.68 -6.32 7.75
CA SER B 49 -53.08 -5.95 6.40
C SER B 49 -51.85 -5.69 5.55
N VAL B 50 -51.95 -5.98 4.26
CA VAL B 50 -50.86 -5.70 3.35
C VAL B 50 -50.90 -4.22 2.97
N PHE B 51 -49.83 -3.52 3.31
CA PHE B 51 -49.75 -2.07 3.14
C PHE B 51 -49.10 -1.74 1.80
N LEU B 52 -48.10 -2.54 1.44
CA LEU B 52 -47.42 -2.38 0.16
C LEU B 52 -47.13 -3.76 -0.42
N GLU B 53 -47.79 -4.07 -1.54
CA GLU B 53 -47.61 -5.35 -2.21
C GLU B 53 -46.23 -5.47 -2.85
N ASN B 54 -45.59 -6.62 -2.70
CA ASN B 54 -44.23 -6.80 -3.21
C ASN B 54 -44.16 -6.66 -4.73
N SER B 55 -45.33 -6.62 -5.38
CA SER B 55 -45.40 -6.50 -6.83
C SER B 55 -45.38 -5.04 -7.28
N THR B 56 -45.76 -4.14 -6.38
CA THR B 56 -45.61 -2.71 -6.66
C THR B 56 -44.13 -2.44 -6.92
N PHE B 57 -43.86 -1.62 -7.93
CA PHE B 57 -42.49 -1.24 -8.28
C PHE B 57 -41.73 -2.35 -9.01
N ASP B 58 -42.42 -3.41 -9.38
CA ASP B 58 -41.80 -4.47 -10.17
C ASP B 58 -41.21 -3.88 -11.46
N GLU B 59 -41.83 -2.82 -11.96
CA GLU B 59 -41.41 -2.20 -13.21
C GLU B 59 -40.82 -0.81 -12.96
N PHE B 60 -40.38 -0.57 -11.74
CA PHE B 60 -39.87 0.75 -11.32
C PHE B 60 -38.61 1.18 -12.07
N GLY B 61 -37.79 0.21 -12.48
CA GLY B 61 -36.66 0.53 -13.33
C GLY B 61 -35.30 0.44 -12.67
N HIS B 62 -35.30 0.35 -11.34
CA HIS B 62 -34.06 0.15 -10.59
C HIS B 62 -34.37 -0.82 -9.46
N SER B 63 -33.36 -1.53 -8.96
CA SER B 63 -33.56 -2.31 -7.75
C SER B 63 -33.65 -1.30 -6.61
N ILE B 64 -34.68 -1.43 -5.79
CA ILE B 64 -34.89 -0.50 -4.70
C ILE B 64 -34.17 -1.00 -3.46
N ASN B 65 -33.18 -0.24 -3.02
CA ASN B 65 -32.32 -0.68 -1.94
C ASN B 65 -32.96 -0.58 -0.56
N ASP B 66 -33.90 0.36 -0.41
CA ASP B 66 -34.51 0.61 0.89
C ASP B 66 -35.75 1.48 0.70
N TYR B 67 -36.61 1.53 1.71
CA TYR B 67 -37.78 2.39 1.67
C TYR B 67 -37.94 3.14 2.99
N SER B 68 -38.75 4.19 2.98
CA SER B 68 -39.12 4.89 4.19
C SER B 68 -40.49 5.53 4.03
N ILE B 69 -41.42 5.14 4.89
CA ILE B 69 -42.79 5.63 4.80
C ILE B 69 -42.98 6.86 5.68
N SER B 70 -43.52 7.93 5.10
CA SER B 70 -43.80 9.11 5.89
C SER B 70 -44.68 8.71 7.07
N PRO B 71 -44.57 9.43 8.19
CA PRO B 71 -45.22 9.05 9.44
C PRO B 71 -46.73 8.87 9.31
N ASP B 72 -47.37 9.76 8.57
CA ASP B 72 -48.81 9.69 8.48
C ASP B 72 -49.29 8.97 7.22
N GLY B 73 -48.41 8.13 6.68
CA GLY B 73 -48.84 7.07 5.78
C GLY B 73 -49.14 7.47 4.36
N GLN B 74 -48.99 8.75 4.06
CA GLN B 74 -49.39 9.27 2.75
C GLN B 74 -48.35 9.05 1.65
N PHE B 75 -47.09 8.87 2.03
CA PHE B 75 -46.02 8.71 1.05
C PHE B 75 -44.99 7.65 1.43
N ILE B 76 -44.26 7.17 0.44
CA ILE B 76 -43.11 6.33 0.72
C ILE B 76 -41.90 6.78 -0.09
N LEU B 77 -40.76 6.92 0.59
CA LEU B 77 -39.48 7.22 -0.06
C LEU B 77 -38.84 5.94 -0.59
N LEU B 78 -38.45 5.92 -1.85
CA LEU B 78 -37.73 4.76 -2.39
C LEU B 78 -36.27 5.10 -2.63
N GLU B 79 -35.39 4.42 -1.91
CA GLU B 79 -33.96 4.64 -2.04
C GLU B 79 -33.38 3.71 -3.10
N TYR B 80 -32.63 4.26 -4.05
CA TYR B 80 -31.94 3.41 -5.02
C TYR B 80 -30.63 4.04 -5.47
N ASN B 81 -29.80 3.26 -6.16
CA ASN B 81 -28.47 3.72 -6.56
C ASN B 81 -27.56 3.95 -5.34
N TYR B 82 -27.77 3.17 -4.29
CA TYR B 82 -26.99 3.32 -3.06
C TYR B 82 -25.50 3.14 -3.32
N VAL B 83 -24.71 4.11 -2.89
CA VAL B 83 -23.25 3.99 -2.93
C VAL B 83 -22.66 4.29 -1.56
N LYS B 84 -22.07 3.28 -0.93
CA LYS B 84 -21.58 3.37 0.45
C LYS B 84 -20.34 4.24 0.55
N GLN B 85 -20.28 5.05 1.60
CA GLN B 85 -19.04 5.78 1.89
C GLN B 85 -18.34 5.20 3.12
N TRP B 86 -18.53 5.79 4.30
CA TRP B 86 -17.91 5.22 5.50
C TRP B 86 -18.84 4.25 6.21
N ARG B 87 -18.73 4.16 7.53
CA ARG B 87 -19.51 3.15 8.26
C ARG B 87 -21.00 3.44 8.18
N HIS B 88 -21.38 4.72 8.20
CA HIS B 88 -22.79 5.09 8.18
C HIS B 88 -23.16 5.90 6.96
N SER B 89 -22.23 6.73 6.49
CA SER B 89 -22.52 7.67 5.43
C SER B 89 -22.69 6.95 4.11
N TYR B 90 -23.55 7.49 3.24
CA TYR B 90 -23.68 6.98 1.89
C TYR B 90 -24.45 7.97 1.03
N THR B 91 -24.37 7.78 -0.29
CA THR B 91 -25.08 8.64 -1.23
C THR B 91 -26.09 7.81 -2.01
N ALA B 92 -27.17 8.44 -2.45
CA ALA B 92 -28.22 7.70 -3.13
C ALA B 92 -29.17 8.60 -3.93
N SER B 93 -30.00 7.94 -4.74
CA SER B 93 -31.08 8.60 -5.45
C SER B 93 -32.38 8.28 -4.75
N TYR B 94 -33.40 9.09 -5.03
CA TYR B 94 -34.68 8.94 -4.33
C TYR B 94 -35.87 9.24 -5.23
N ASP B 95 -36.89 8.40 -5.13
CA ASP B 95 -38.18 8.69 -5.70
C ASP B 95 -39.20 8.70 -4.58
N ILE B 96 -40.26 9.47 -4.76
CA ILE B 96 -41.35 9.47 -3.80
C ILE B 96 -42.61 8.94 -4.47
N TYR B 97 -43.31 8.05 -3.78
CA TYR B 97 -44.50 7.42 -4.32
C TYR B 97 -45.71 7.89 -3.50
N ASP B 98 -46.64 8.57 -4.16
CA ASP B 98 -47.86 9.01 -3.50
C ASP B 98 -48.82 7.86 -3.33
N LEU B 99 -49.07 7.47 -2.09
CA LEU B 99 -49.88 6.29 -1.80
C LEU B 99 -51.37 6.51 -2.01
N ASN B 100 -51.86 7.72 -1.67
CA ASN B 100 -53.26 8.06 -1.87
C ASN B 100 -53.62 7.91 -3.34
N LYS B 101 -52.96 8.70 -4.18
CA LYS B 101 -52.92 8.41 -5.61
C LYS B 101 -52.16 7.10 -5.74
N ARG B 102 -51.72 6.76 -6.94
CA ARG B 102 -50.82 5.63 -7.08
C ARG B 102 -49.71 5.97 -8.05
N GLN B 103 -49.12 7.15 -7.84
CA GLN B 103 -48.14 7.70 -8.77
C GLN B 103 -46.81 7.98 -8.09
N LEU B 104 -45.73 7.79 -8.83
CA LEU B 104 -44.47 8.42 -8.50
C LEU B 104 -44.66 9.91 -8.79
N ILE B 105 -44.24 10.77 -7.87
CA ILE B 105 -44.27 12.19 -8.17
C ILE B 105 -43.14 12.46 -9.17
N THR B 106 -43.42 13.25 -10.20
CA THR B 106 -42.52 13.32 -11.34
C THR B 106 -41.62 14.55 -11.39
N GLU B 107 -42.03 15.62 -10.71
CA GLU B 107 -41.26 16.87 -10.74
C GLU B 107 -40.79 17.27 -9.36
N GLU B 108 -39.79 18.14 -9.30
CA GLU B 108 -39.18 18.56 -8.03
C GLU B 108 -38.62 17.35 -7.30
N ARG B 109 -38.14 16.37 -8.06
CA ARG B 109 -37.58 15.17 -7.47
C ARG B 109 -36.41 15.50 -6.55
N ILE B 110 -36.28 14.75 -5.46
CA ILE B 110 -35.06 14.76 -4.68
C ILE B 110 -33.93 14.42 -5.64
N PRO B 111 -32.86 15.21 -5.61
CA PRO B 111 -31.77 15.09 -6.58
C PRO B 111 -30.98 13.79 -6.43
N ASN B 112 -30.26 13.42 -7.47
CA ASN B 112 -29.30 12.31 -7.39
C ASN B 112 -28.14 12.69 -6.47
N ASN B 113 -27.45 11.68 -5.93
CA ASN B 113 -26.29 11.90 -5.07
C ASN B 113 -26.69 12.65 -3.79
N THR B 114 -27.93 12.45 -3.35
CA THR B 114 -28.34 13.01 -2.07
C THR B 114 -27.65 12.28 -0.94
N GLN B 115 -27.24 13.02 0.09
CA GLN B 115 -26.38 12.46 1.12
C GLN B 115 -27.17 12.01 2.33
N TRP B 116 -28.34 12.61 2.55
CA TRP B 116 -29.21 12.20 3.63
C TRP B 116 -30.60 12.76 3.41
N VAL B 117 -31.62 12.00 3.84
CA VAL B 117 -33.01 12.40 3.72
C VAL B 117 -33.77 11.90 4.95
N THR B 118 -34.66 12.72 5.48
CA THR B 118 -35.53 12.27 6.56
C THR B 118 -36.92 12.85 6.43
N TRP B 119 -37.91 12.05 6.78
CA TRP B 119 -39.24 12.57 7.05
C TRP B 119 -39.22 13.33 8.36
N SER B 120 -40.17 14.24 8.54
CA SER B 120 -40.41 14.85 9.84
C SER B 120 -41.13 13.80 10.69
N PRO B 121 -41.20 14.02 12.02
CA PRO B 121 -41.80 13.05 12.94
C PRO B 121 -43.28 12.83 12.69
N VAL B 122 -43.95 13.86 12.20
CA VAL B 122 -45.36 13.80 11.85
C VAL B 122 -45.58 14.42 10.48
N GLY B 123 -46.61 13.96 9.77
CA GLY B 123 -46.92 14.54 8.48
C GLY B 123 -46.07 13.95 7.36
N HIS B 124 -45.63 14.81 6.45
CA HIS B 124 -44.84 14.36 5.31
C HIS B 124 -43.88 15.41 4.76
N LYS B 125 -43.39 16.29 5.64
CA LYS B 125 -42.28 17.17 5.26
C LYS B 125 -41.02 16.33 5.05
N LEU B 126 -40.13 16.80 4.17
CA LEU B 126 -38.84 16.17 3.96
C LEU B 126 -37.70 17.16 4.20
N ALA B 127 -36.60 16.66 4.74
CA ALA B 127 -35.37 17.43 4.75
C ALA B 127 -34.30 16.53 4.13
N TYR B 128 -33.50 17.08 3.20
CA TYR B 128 -32.38 16.32 2.66
C TYR B 128 -31.10 17.13 2.55
N VAL B 129 -29.99 16.42 2.42
CA VAL B 129 -28.69 17.05 2.24
C VAL B 129 -28.11 16.65 0.89
N TRP B 130 -27.75 17.66 0.11
CA TRP B 130 -27.19 17.46 -1.22
C TRP B 130 -26.07 18.49 -1.40
N ASN B 131 -24.91 18.03 -1.85
CA ASN B 131 -23.71 18.86 -1.88
C ASN B 131 -23.43 19.58 -0.57
N ASN B 132 -23.69 18.92 0.56
CA ASN B 132 -23.34 19.47 1.87
C ASN B 132 -24.22 20.62 2.33
N ASP B 133 -25.30 20.90 1.59
CA ASP B 133 -26.32 21.85 2.02
C ASP B 133 -27.68 21.22 2.31
N ILE B 134 -28.45 21.90 3.17
CA ILE B 134 -29.74 21.41 3.64
C ILE B 134 -30.89 22.02 2.83
N TYR B 135 -31.86 21.19 2.49
CA TYR B 135 -33.05 21.60 1.75
C TYR B 135 -34.29 21.07 2.44
N VAL B 136 -35.41 21.78 2.30
CA VAL B 136 -36.66 21.32 2.88
C VAL B 136 -37.82 21.36 1.89
N LYS B 137 -38.57 20.26 1.87
CA LYS B 137 -39.78 20.16 1.07
C LYS B 137 -40.98 20.09 1.99
N ILE B 138 -41.91 21.02 1.84
CA ILE B 138 -43.10 21.05 2.68
C ILE B 138 -44.07 19.99 2.17
N GLU B 139 -44.18 19.90 0.85
CA GLU B 139 -44.91 18.81 0.21
C GLU B 139 -43.97 18.12 -0.77
N PRO B 140 -44.13 16.79 -0.96
CA PRO B 140 -43.28 15.98 -1.84
C PRO B 140 -43.20 16.44 -3.29
N ASN B 141 -44.25 17.12 -3.77
CA ASN B 141 -44.23 17.59 -5.15
C ASN B 141 -43.87 19.06 -5.31
N LEU B 142 -43.65 19.77 -4.21
CA LEU B 142 -43.29 21.18 -4.29
C LEU B 142 -41.77 21.38 -4.37
N PRO B 143 -41.35 22.50 -4.97
CA PRO B 143 -39.95 22.90 -4.95
C PRO B 143 -39.44 23.01 -3.50
N SER B 144 -38.23 22.54 -3.26
CA SER B 144 -37.69 22.60 -1.91
C SER B 144 -37.14 24.00 -1.63
N TYR B 145 -36.99 24.32 -0.35
CA TYR B 145 -36.36 25.56 0.07
C TYR B 145 -34.92 25.29 0.47
N ARG B 146 -34.00 26.10 -0.03
CA ARG B 146 -32.61 25.93 0.33
C ARG B 146 -32.35 26.66 1.64
N ILE B 147 -31.87 25.92 2.64
CA ILE B 147 -31.68 26.41 4.00
C ILE B 147 -30.26 26.92 4.23
N THR B 148 -29.28 26.23 3.66
CA THR B 148 -27.89 26.63 3.79
C THR B 148 -27.25 26.84 2.41
N TRP B 149 -26.22 27.68 2.36
CA TRP B 149 -25.53 27.99 1.11
C TRP B 149 -24.02 27.85 1.27
N THR B 150 -23.59 27.43 2.46
CA THR B 150 -22.16 27.37 2.75
C THR B 150 -21.50 26.04 2.42
N GLY B 151 -22.32 25.04 2.09
CA GLY B 151 -21.77 23.71 1.84
C GLY B 151 -20.65 23.65 0.82
N LYS B 152 -19.61 22.89 1.15
CA LYS B 152 -18.45 22.72 0.28
C LYS B 152 -17.78 21.36 0.56
N GLU B 153 -17.58 20.55 -0.49
CA GLU B 153 -17.09 19.18 -0.30
C GLU B 153 -15.79 19.17 0.50
N ASP B 154 -15.76 18.34 1.55
CA ASP B 154 -14.58 18.14 2.38
C ASP B 154 -14.28 19.30 3.32
N ILE B 155 -15.10 20.34 3.31
CA ILE B 155 -14.77 21.51 4.12
C ILE B 155 -15.88 21.98 5.05
N ILE B 156 -17.01 22.40 4.50
CA ILE B 156 -18.15 22.74 5.33
C ILE B 156 -19.27 21.72 5.12
N TYR B 157 -19.74 21.13 6.23
CA TYR B 157 -20.83 20.16 6.21
C TYR B 157 -22.04 20.71 6.96
N ASN B 158 -23.17 20.86 6.27
CA ASN B 158 -24.41 21.24 6.95
C ASN B 158 -25.38 20.06 7.01
N GLY B 159 -25.72 19.62 8.22
CA GLY B 159 -26.76 18.61 8.35
C GLY B 159 -26.22 17.19 8.23
N ILE B 160 -24.95 17.08 7.88
CA ILE B 160 -24.26 15.81 7.91
C ILE B 160 -22.93 15.94 8.65
N THR B 161 -22.43 14.81 9.14
CA THR B 161 -21.19 14.78 9.90
C THR B 161 -19.97 14.66 8.98
N ASP B 162 -18.81 15.02 9.51
CA ASP B 162 -17.55 14.77 8.83
C ASP B 162 -17.08 13.39 9.29
N TRP B 163 -15.88 12.99 8.87
CA TRP B 163 -15.46 11.63 9.17
C TRP B 163 -15.47 11.32 10.66
N VAL B 164 -14.86 12.19 11.46
CA VAL B 164 -14.63 11.83 12.86
C VAL B 164 -15.91 11.95 13.70
N TYR B 165 -16.80 12.87 13.35
CA TYR B 165 -18.08 12.93 14.03
C TYR B 165 -18.96 11.71 13.69
N GLU B 166 -18.93 11.28 12.43
CA GLU B 166 -19.72 10.12 12.04
C GLU B 166 -19.26 8.88 12.81
N GLU B 167 -17.95 8.67 12.86
CA GLU B 167 -17.39 7.45 13.44
C GLU B 167 -17.35 7.44 14.96
N GLU B 168 -17.06 8.60 15.58
CA GLU B 168 -16.77 8.62 17.01
C GLU B 168 -17.79 9.31 17.90
N VAL B 169 -18.64 10.18 17.36
CA VAL B 169 -19.51 10.97 18.22
C VAL B 169 -20.98 10.61 18.06
N PHE B 170 -21.49 10.74 16.85
CA PHE B 170 -22.90 10.50 16.61
C PHE B 170 -23.19 9.06 16.17
N SER B 171 -22.19 8.34 15.68
CA SER B 171 -22.40 7.02 15.09
C SER B 171 -23.47 7.09 14.00
N ALA B 172 -23.36 8.10 13.15
CA ALA B 172 -24.41 8.36 12.19
C ALA B 172 -23.89 9.46 11.28
N TYR B 173 -24.36 9.46 10.03
CA TYR B 173 -24.01 10.49 9.06
C TYR B 173 -24.88 11.72 9.31
N SER B 174 -26.12 11.47 9.73
CA SER B 174 -27.10 12.52 9.90
C SER B 174 -26.69 13.53 10.98
N ALA B 175 -26.92 14.81 10.73
CA ALA B 175 -26.80 15.82 11.80
C ALA B 175 -28.00 16.76 11.74
N LEU B 176 -29.18 16.18 11.67
CA LEU B 176 -30.44 16.88 11.47
C LEU B 176 -31.38 16.42 12.60
N TRP B 177 -32.08 17.34 13.24
CA TRP B 177 -33.02 16.95 14.30
C TRP B 177 -34.34 17.72 14.22
N TRP B 178 -35.39 17.07 13.72
CA TRP B 178 -36.71 17.69 13.68
C TRP B 178 -37.27 17.81 15.09
N SER B 179 -38.03 18.87 15.36
CA SER B 179 -38.75 18.95 16.62
C SER B 179 -39.88 17.92 16.56
N PRO B 180 -40.43 17.52 17.72
CA PRO B 180 -41.44 16.47 17.69
C PRO B 180 -42.64 16.87 16.85
N ASN B 181 -42.84 18.18 16.73
CA ASN B 181 -43.92 18.80 15.95
C ASN B 181 -43.67 18.74 14.44
N GLY B 182 -42.39 18.76 14.06
CA GLY B 182 -42.04 18.99 12.68
C GLY B 182 -41.94 20.48 12.38
N THR B 183 -42.14 21.31 13.39
CA THR B 183 -42.12 22.74 13.19
C THR B 183 -40.69 23.27 13.00
N PHE B 184 -39.78 22.80 13.84
CA PHE B 184 -38.38 23.24 13.75
C PHE B 184 -37.47 22.16 13.18
N LEU B 185 -36.51 22.57 12.36
CA LEU B 185 -35.41 21.71 11.93
C LEU B 185 -34.13 22.20 12.60
N ALA B 186 -33.57 21.39 13.50
CA ALA B 186 -32.26 21.68 14.08
C ALA B 186 -31.15 20.99 13.30
N TYR B 187 -30.01 21.64 13.15
CA TYR B 187 -28.90 21.00 12.48
C TYR B 187 -27.57 21.53 12.99
N ALA B 188 -26.52 20.74 12.79
CA ALA B 188 -25.17 21.15 13.12
C ALA B 188 -24.41 21.46 11.84
N GLN B 189 -23.35 22.25 11.97
CA GLN B 189 -22.49 22.56 10.85
C GLN B 189 -21.06 22.30 11.27
N PHE B 190 -20.36 21.49 10.49
CA PHE B 190 -18.99 21.15 10.84
C PHE B 190 -18.07 21.78 9.85
N ASN B 191 -16.90 22.19 10.34
CA ASN B 191 -15.95 22.95 9.55
C ASN B 191 -14.58 22.29 9.67
N ASP B 192 -14.08 21.77 8.54
CA ASP B 192 -12.88 20.95 8.55
C ASP B 192 -11.73 21.66 7.84
N THR B 193 -11.89 22.95 7.62
CA THR B 193 -10.89 23.77 6.93
C THR B 193 -9.43 23.42 7.22
N GLU B 194 -9.10 23.16 8.47
CA GLU B 194 -7.69 22.96 8.80
C GLU B 194 -7.35 21.56 9.31
N VAL B 195 -8.33 20.68 9.29
CA VAL B 195 -8.08 19.28 9.61
C VAL B 195 -7.19 18.69 8.51
N PRO B 196 -6.08 18.04 8.90
CA PRO B 196 -5.17 17.47 7.89
C PRO B 196 -5.81 16.29 7.17
N LEU B 197 -5.27 15.94 6.02
CA LEU B 197 -5.87 14.92 5.19
C LEU B 197 -5.03 13.64 5.24
N ILE B 198 -5.69 12.53 5.52
CA ILE B 198 -5.05 11.23 5.33
C ILE B 198 -5.23 10.90 3.85
N GLU B 199 -4.16 10.48 3.21
CA GLU B 199 -4.21 10.18 1.78
C GLU B 199 -3.82 8.72 1.61
N TYR B 200 -4.45 8.05 0.67
CA TYR B 200 -4.09 6.68 0.34
C TYR B 200 -4.61 6.31 -1.04
N SER B 201 -3.91 5.38 -1.68
CA SER B 201 -4.26 4.96 -3.04
C SER B 201 -5.46 4.02 -3.05
N PHE B 202 -6.32 4.22 -4.04
CA PHE B 202 -7.38 3.27 -4.35
C PHE B 202 -7.11 2.79 -5.77
N TYR B 203 -7.10 1.49 -5.97
CA TYR B 203 -6.64 0.93 -7.23
C TYR B 203 -7.75 0.65 -8.22
N SER B 204 -8.95 0.38 -7.70
CA SER B 204 -10.13 0.21 -8.53
C SER B 204 -10.02 -0.99 -9.44
N ASP B 205 -10.90 -1.06 -10.43
CA ASP B 205 -10.88 -2.13 -11.42
C ASP B 205 -9.58 -2.12 -12.21
N GLU B 206 -9.22 -3.30 -12.68
CA GLU B 206 -8.01 -3.52 -13.47
C GLU B 206 -7.86 -2.51 -14.61
N SER B 207 -8.98 -2.03 -15.15
CA SER B 207 -8.96 -1.14 -16.30
C SER B 207 -8.44 0.27 -16.02
N LEU B 208 -8.50 0.69 -14.76
CA LEU B 208 -7.97 1.99 -14.37
C LEU B 208 -6.43 1.98 -14.48
N GLN B 209 -5.88 2.88 -15.30
CA GLN B 209 -4.43 2.83 -15.55
C GLN B 209 -3.62 3.52 -14.44
N TYR B 210 -4.10 4.65 -13.95
CA TYR B 210 -3.43 5.31 -12.84
C TYR B 210 -4.25 5.20 -11.56
N PRO B 211 -3.63 4.67 -10.49
CA PRO B 211 -4.32 4.57 -9.21
C PRO B 211 -4.89 5.92 -8.81
N LYS B 212 -6.01 5.88 -8.09
CA LYS B 212 -6.63 7.09 -7.58
C LYS B 212 -6.04 7.37 -6.20
N THR B 213 -5.97 8.64 -5.80
CA THR B 213 -5.65 8.98 -4.43
C THR B 213 -6.87 9.53 -3.71
N VAL B 214 -7.23 8.86 -2.62
CA VAL B 214 -8.34 9.29 -1.77
C VAL B 214 -7.80 10.17 -0.66
N ARG B 215 -8.50 11.25 -0.39
CA ARG B 215 -8.06 12.23 0.60
C ARG B 215 -9.24 12.58 1.50
N VAL B 216 -9.10 12.32 2.80
CA VAL B 216 -10.20 12.47 3.75
C VAL B 216 -9.75 13.33 4.92
N PRO B 217 -10.49 14.39 5.24
CA PRO B 217 -10.14 15.18 6.42
C PRO B 217 -10.24 14.27 7.64
N TYR B 218 -9.16 14.18 8.42
CA TYR B 218 -9.08 13.14 9.44
C TYR B 218 -8.10 13.54 10.53
N PRO B 219 -8.61 13.98 11.68
CA PRO B 219 -7.69 14.41 12.74
C PRO B 219 -7.07 13.23 13.48
N LYS B 220 -5.76 13.08 13.37
CA LYS B 220 -5.06 12.11 14.17
C LYS B 220 -4.83 12.75 15.53
N ALA B 221 -4.42 11.93 16.50
CA ALA B 221 -4.38 12.37 17.89
C ALA B 221 -3.54 13.65 18.01
N GLY B 222 -4.11 14.67 18.62
CA GLY B 222 -3.37 15.89 18.87
C GLY B 222 -3.43 16.85 17.72
N ALA B 223 -4.02 16.44 16.61
CA ALA B 223 -4.08 17.30 15.42
C ALA B 223 -5.21 18.33 15.55
N VAL B 224 -5.25 19.27 14.62
CA VAL B 224 -6.36 20.24 14.55
C VAL B 224 -7.71 19.56 14.26
N ASN B 225 -8.69 19.84 15.11
CA ASN B 225 -10.02 19.21 15.01
C ASN B 225 -11.03 20.05 14.25
N PRO B 226 -12.05 19.40 13.67
CA PRO B 226 -13.16 20.17 13.12
C PRO B 226 -13.79 21.06 14.20
N THR B 227 -14.35 22.18 13.77
CA THR B 227 -15.16 23.01 14.64
C THR B 227 -16.63 22.85 14.25
N VAL B 228 -17.52 23.11 15.21
CA VAL B 228 -18.94 22.88 15.01
C VAL B 228 -19.75 24.07 15.43
N LYS B 229 -20.88 24.27 14.77
CA LYS B 229 -21.86 25.27 15.14
C LYS B 229 -23.24 24.64 15.11
N PHE B 230 -24.16 25.20 15.88
CA PHE B 230 -25.51 24.64 15.95
C PHE B 230 -26.57 25.68 15.62
N PHE B 231 -27.54 25.27 14.80
CA PHE B 231 -28.57 26.16 14.25
C PHE B 231 -29.96 25.53 14.35
N VAL B 232 -30.98 26.38 14.42
CA VAL B 232 -32.36 25.89 14.40
C VAL B 232 -33.18 26.78 13.47
N VAL B 233 -33.90 26.18 12.53
CA VAL B 233 -34.73 26.94 11.61
C VAL B 233 -36.22 26.62 11.77
N ASN B 234 -37.07 27.61 11.58
CA ASN B 234 -38.51 27.42 11.68
C ASN B 234 -39.05 27.06 10.30
N THR B 235 -39.49 25.82 10.17
CA THR B 235 -39.80 25.28 8.86
C THR B 235 -41.20 25.72 8.41
N ASP B 236 -41.95 26.35 9.31
CA ASP B 236 -43.30 26.82 9.01
C ASP B 236 -43.34 28.20 8.36
N SER B 237 -42.22 28.94 8.42
CA SER B 237 -42.20 30.31 7.93
C SER B 237 -41.25 30.50 6.76
N LEU B 238 -41.04 29.43 5.98
CA LEU B 238 -40.14 29.49 4.83
C LEU B 238 -40.77 30.29 3.69
N SER B 239 -39.94 31.04 2.97
CA SER B 239 -40.43 31.88 1.87
C SER B 239 -39.84 31.49 0.52
N SER B 240 -40.67 31.55 -0.52
CA SER B 240 -40.23 31.24 -1.87
C SER B 240 -39.16 32.23 -2.34
N VAL B 241 -39.29 33.49 -1.92
CA VAL B 241 -38.43 34.56 -2.43
C VAL B 241 -37.44 35.09 -1.40
N THR B 242 -37.60 34.69 -0.14
CA THR B 242 -36.65 35.06 0.91
C THR B 242 -35.84 33.85 1.42
N ASN B 243 -34.53 34.02 1.49
CA ASN B 243 -33.68 33.00 2.10
C ASN B 243 -34.19 32.72 3.50
N ALA B 244 -34.08 31.46 3.93
CA ALA B 244 -34.53 31.07 5.25
C ALA B 244 -33.54 31.56 6.29
N THR B 245 -34.04 31.90 7.48
CA THR B 245 -33.17 32.36 8.55
C THR B 245 -32.94 31.29 9.60
N SER B 246 -31.68 30.96 9.84
CA SER B 246 -31.33 30.02 10.91
C SER B 246 -30.89 30.81 12.13
N ILE B 247 -31.41 30.45 13.29
CA ILE B 247 -30.91 31.02 14.54
C ILE B 247 -29.83 30.11 15.11
N GLN B 248 -28.65 30.67 15.37
CA GLN B 248 -27.56 29.93 15.96
C GLN B 248 -27.75 29.79 17.47
N ILE B 249 -27.33 28.66 18.02
CA ILE B 249 -27.30 28.51 19.46
C ILE B 249 -25.86 28.24 19.85
N THR B 250 -25.29 29.14 20.63
CA THR B 250 -23.87 29.10 20.94
C THR B 250 -23.59 28.15 22.10
N ALA B 251 -22.43 27.51 22.07
CA ALA B 251 -22.01 26.67 23.19
C ALA B 251 -21.81 27.56 24.40
N PRO B 252 -21.87 26.98 25.61
CA PRO B 252 -21.57 27.68 26.87
C PRO B 252 -20.14 28.17 26.90
N ALA B 253 -19.92 29.33 27.50
CA ALA B 253 -18.60 29.94 27.59
C ALA B 253 -17.52 28.97 28.09
N SER B 254 -17.90 28.05 28.96
CA SER B 254 -16.94 27.11 29.52
C SER B 254 -16.48 26.09 28.47
N MET B 255 -17.18 26.04 27.34
CA MET B 255 -16.72 25.27 26.20
C MET B 255 -15.93 26.13 25.21
N LEU B 256 -16.29 27.41 25.10
CA LEU B 256 -15.70 28.30 24.11
C LEU B 256 -14.24 28.71 24.38
N ILE B 257 -13.75 28.44 25.59
CA ILE B 257 -12.37 28.76 25.95
C ILE B 257 -11.35 27.82 25.31
N GLY B 258 -11.83 26.87 24.50
CA GLY B 258 -10.95 25.89 23.90
C GLY B 258 -11.69 24.95 22.96
N ASP B 259 -11.00 23.93 22.47
CA ASP B 259 -11.63 22.95 21.60
C ASP B 259 -12.67 22.15 22.38
N HIS B 260 -13.77 21.85 21.70
CA HIS B 260 -14.93 21.21 22.32
C HIS B 260 -15.72 20.51 21.22
N TYR B 261 -16.60 19.58 21.63
CA TYR B 261 -17.47 18.86 20.72
C TYR B 261 -18.93 19.05 21.11
N LEU B 262 -19.80 19.16 20.12
CA LEU B 262 -21.23 18.96 20.33
C LEU B 262 -21.45 17.45 20.33
N CYS B 263 -21.98 16.91 21.42
CA CYS B 263 -22.06 15.46 21.52
C CYS B 263 -23.46 14.86 21.67
N ASP B 264 -24.47 15.66 22.02
CA ASP B 264 -25.85 15.16 22.09
C ASP B 264 -26.87 16.23 21.75
N VAL B 265 -27.88 15.85 20.99
CA VAL B 265 -28.99 16.73 20.67
C VAL B 265 -30.30 16.00 20.92
N THR B 266 -31.18 16.60 21.72
CA THR B 266 -32.43 15.94 22.07
C THR B 266 -33.51 16.98 22.32
N TRP B 267 -34.60 16.90 21.57
CA TRP B 267 -35.77 17.75 21.80
C TRP B 267 -36.52 17.32 23.06
N ALA B 268 -36.85 18.27 23.92
CA ALA B 268 -37.56 17.97 25.15
C ALA B 268 -39.06 18.13 24.96
N THR B 269 -39.43 19.20 24.26
CA THR B 269 -40.83 19.47 23.91
C THR B 269 -40.79 20.14 22.54
N GLN B 270 -41.93 20.68 22.11
CA GLN B 270 -42.01 21.43 20.87
C GLN B 270 -41.12 22.68 20.89
N GLU B 271 -40.77 23.15 22.08
CA GLU B 271 -40.12 24.45 22.21
C GLU B 271 -38.92 24.43 23.14
N ARG B 272 -38.44 23.22 23.48
CA ARG B 272 -37.25 23.11 24.30
C ARG B 272 -36.30 22.06 23.73
N ILE B 273 -35.03 22.47 23.55
CA ILE B 273 -33.98 21.60 23.03
C ILE B 273 -32.88 21.41 24.07
N SER B 274 -32.40 20.18 24.16
CA SER B 274 -31.28 19.87 25.05
C SER B 274 -30.04 19.66 24.20
N LEU B 275 -28.96 20.37 24.52
CA LEU B 275 -27.68 20.15 23.85
C LEU B 275 -26.61 19.79 24.87
N GLN B 276 -25.82 18.77 24.57
CA GLN B 276 -24.68 18.44 25.41
C GLN B 276 -23.36 18.72 24.69
N TRP B 277 -22.45 19.36 25.41
CA TRP B 277 -21.15 19.73 24.84
C TRP B 277 -20.09 19.04 25.65
N LEU B 278 -18.94 18.80 25.03
CA LEU B 278 -17.89 18.03 25.67
C LEU B 278 -16.56 18.68 25.31
N ARG B 279 -15.72 18.94 26.32
CA ARG B 279 -14.40 19.51 26.07
C ARG B 279 -13.50 18.51 25.37
N ARG B 280 -12.48 18.99 24.67
CA ARG B 280 -11.60 18.10 23.92
C ARG B 280 -10.95 17.12 24.88
N ILE B 281 -10.59 17.59 26.06
CA ILE B 281 -10.24 16.71 27.16
C ILE B 281 -11.56 16.26 27.75
N GLN B 282 -11.86 14.97 27.61
CA GLN B 282 -13.24 14.53 27.68
C GLN B 282 -13.68 14.11 29.08
N ASN B 283 -13.27 14.89 30.07
CA ASN B 283 -13.64 14.63 31.45
C ASN B 283 -14.61 15.69 31.98
N TYR B 284 -15.11 16.52 31.08
CA TYR B 284 -15.97 17.65 31.48
C TYR B 284 -16.98 17.99 30.41
N SER B 285 -18.27 17.93 30.76
CA SER B 285 -19.32 18.25 29.80
C SER B 285 -20.46 19.07 30.39
N VAL B 286 -21.15 19.78 29.50
CA VAL B 286 -22.23 20.67 29.90
C VAL B 286 -23.48 20.36 29.11
N MET B 287 -24.59 20.21 29.81
CA MET B 287 -25.89 20.14 29.15
C MET B 287 -26.59 21.50 29.17
N ASP B 288 -26.93 21.99 27.99
CA ASP B 288 -27.60 23.27 27.82
C ASP B 288 -29.07 22.99 27.52
N ILE B 289 -29.96 23.75 28.15
CA ILE B 289 -31.38 23.63 27.90
C ILE B 289 -31.93 24.96 27.38
N CYS B 290 -32.43 24.95 26.15
CA CYS B 290 -32.73 26.18 25.44
C CYS B 290 -34.20 26.24 25.04
N ASP B 291 -34.86 27.34 25.40
CA ASP B 291 -36.27 27.50 25.09
C ASP B 291 -36.51 28.53 24.00
N TYR B 292 -37.53 28.27 23.19
CA TYR B 292 -37.90 29.16 22.10
C TYR B 292 -38.70 30.34 22.65
N ASP B 293 -38.29 31.55 22.29
CA ASP B 293 -39.02 32.75 22.64
C ASP B 293 -39.87 33.19 21.46
N GLU B 294 -41.16 32.85 21.47
CA GLU B 294 -42.02 33.04 20.32
C GLU B 294 -42.17 34.51 19.95
N SER B 295 -41.85 35.38 20.91
CA SER B 295 -41.90 36.81 20.68
C SER B 295 -40.63 37.29 19.97
N SER B 296 -39.49 36.84 20.47
CA SER B 296 -38.20 37.19 19.87
C SER B 296 -37.96 36.40 18.59
N GLY B 297 -38.53 35.20 18.51
CA GLY B 297 -38.15 34.28 17.46
C GLY B 297 -36.77 33.71 17.72
N ARG B 298 -36.25 33.95 18.92
CA ARG B 298 -34.90 33.55 19.26
C ARG B 298 -34.91 32.37 20.23
N TRP B 299 -33.74 31.79 20.49
CA TRP B 299 -33.61 30.71 21.44
C TRP B 299 -32.67 31.12 22.57
N ASN B 300 -33.12 30.96 23.81
CA ASN B 300 -32.28 31.28 24.95
C ASN B 300 -32.02 30.07 25.85
N CYS B 301 -30.80 29.97 26.33
CA CYS B 301 -30.44 28.89 27.24
C CYS B 301 -30.03 29.53 28.58
N LEU B 302 -30.86 29.34 29.60
CA LEU B 302 -30.57 29.89 30.92
C LEU B 302 -29.41 29.15 31.59
N VAL B 303 -28.43 29.90 32.07
CA VAL B 303 -27.26 29.30 32.72
C VAL B 303 -27.71 28.53 33.97
N ALA B 304 -28.73 29.04 34.63
CA ALA B 304 -29.28 28.38 35.81
C ALA B 304 -29.62 26.94 35.48
N ARG B 305 -30.07 26.72 34.25
CA ARG B 305 -30.53 25.39 33.82
C ARG B 305 -29.41 24.47 33.35
N GLN B 306 -28.20 25.00 33.19
CA GLN B 306 -27.07 24.17 32.78
C GLN B 306 -26.84 23.05 33.78
N HIS B 307 -26.40 21.90 33.27
CA HIS B 307 -25.99 20.80 34.14
C HIS B 307 -24.60 20.34 33.76
N ILE B 308 -23.76 20.17 34.77
CA ILE B 308 -22.36 19.86 34.54
C ILE B 308 -22.03 18.44 34.97
N GLU B 309 -21.20 17.78 34.15
CA GLU B 309 -20.83 16.41 34.41
C GLU B 309 -19.32 16.29 34.31
N MET B 310 -18.69 15.85 35.38
CA MET B 310 -17.23 15.75 35.46
C MET B 310 -16.82 14.34 35.83
N SER B 311 -15.64 13.95 35.38
CA SER B 311 -15.06 12.71 35.86
C SER B 311 -13.69 12.96 36.45
N THR B 312 -13.42 12.30 37.58
CA THR B 312 -12.11 12.36 38.22
C THR B 312 -11.29 11.15 37.82
N THR B 313 -11.98 10.05 37.54
CA THR B 313 -11.34 8.75 37.38
C THR B 313 -10.97 8.45 35.93
N GLY B 314 -11.69 9.08 35.01
CA GLY B 314 -11.50 8.81 33.59
C GLY B 314 -12.22 9.83 32.73
N TRP B 315 -13.16 9.37 31.93
CA TRP B 315 -13.83 10.23 30.96
C TRP B 315 -15.34 10.27 31.24
N VAL B 316 -16.09 11.11 30.54
CA VAL B 316 -17.52 11.23 30.77
C VAL B 316 -18.35 10.23 29.96
N GLY B 317 -19.19 9.46 30.63
CA GLY B 317 -20.01 8.46 29.95
C GLY B 317 -19.19 7.27 29.46
N ARG B 318 -19.84 6.24 28.95
CA ARG B 318 -19.12 5.07 28.45
C ARG B 318 -18.28 5.38 27.22
N PHE B 319 -18.93 5.87 26.16
CA PHE B 319 -18.21 6.37 25.00
C PHE B 319 -18.43 7.86 24.82
N ARG B 320 -19.36 8.40 25.61
CA ARG B 320 -19.79 9.79 25.46
C ARG B 320 -20.87 10.04 26.51
N PRO B 321 -21.17 11.31 26.81
CA PRO B 321 -22.24 11.61 27.77
C PRO B 321 -23.53 10.94 27.35
N SER B 322 -24.26 10.41 28.32
CA SER B 322 -25.49 9.67 28.03
C SER B 322 -26.65 10.59 27.62
N GLU B 323 -27.60 10.00 26.91
CA GLU B 323 -28.79 10.67 26.41
C GLU B 323 -29.79 10.90 27.54
N PRO B 324 -30.38 12.11 27.61
CA PRO B 324 -31.39 12.37 28.64
C PRO B 324 -32.76 11.97 28.12
N HIS B 325 -33.59 11.42 29.00
CA HIS B 325 -34.95 11.11 28.62
C HIS B 325 -35.93 11.97 29.39
N PHE B 326 -36.56 12.90 28.67
CA PHE B 326 -37.42 13.89 29.28
C PHE B 326 -38.82 13.38 29.58
N THR B 327 -39.35 13.76 30.74
CA THR B 327 -40.76 13.56 31.06
C THR B 327 -41.60 14.28 30.00
N LEU B 328 -42.87 13.93 29.89
CA LEU B 328 -43.73 14.51 28.87
C LEU B 328 -43.76 16.04 28.85
N ASP B 329 -43.70 16.67 30.03
CA ASP B 329 -43.83 18.12 30.13
C ASP B 329 -42.52 18.86 29.91
N GLY B 330 -41.42 18.12 29.88
CA GLY B 330 -40.13 18.71 29.57
C GLY B 330 -39.43 19.40 30.74
N ASN B 331 -40.00 19.29 31.94
CA ASN B 331 -39.43 19.98 33.09
C ASN B 331 -38.47 19.11 33.90
N SER B 332 -38.42 17.82 33.56
CA SER B 332 -37.47 16.94 34.20
C SER B 332 -37.01 15.88 33.21
N PHE B 333 -36.04 15.07 33.62
CA PHE B 333 -35.55 14.00 32.77
C PHE B 333 -34.73 12.98 33.56
N TYR B 334 -34.48 11.82 32.95
CA TYR B 334 -33.68 10.79 33.58
C TYR B 334 -32.49 10.50 32.69
N LYS B 335 -31.32 10.27 33.29
CA LYS B 335 -30.22 9.76 32.50
C LYS B 335 -29.30 8.92 33.34
N ILE B 336 -28.49 8.12 32.67
CA ILE B 336 -27.54 7.25 33.33
C ILE B 336 -26.29 8.05 33.70
N ILE B 337 -25.90 7.97 34.96
CA ILE B 337 -24.77 8.70 35.51
C ILE B 337 -24.01 7.68 36.35
N SER B 338 -22.69 7.79 36.38
CA SER B 338 -21.88 6.94 37.25
C SER B 338 -22.07 7.43 38.68
N ASN B 339 -22.42 6.52 39.60
CA ASN B 339 -22.65 6.95 40.97
C ASN B 339 -21.35 7.01 41.75
N GLU B 340 -21.44 7.14 43.07
CA GLU B 340 -20.28 7.42 43.90
C GLU B 340 -19.40 6.20 44.12
N GLU B 341 -19.97 5.01 43.96
CA GLU B 341 -19.20 3.77 43.96
C GLU B 341 -18.71 3.41 42.55
N GLY B 342 -19.08 4.24 41.57
CA GLY B 342 -18.60 4.04 40.21
C GLY B 342 -19.48 3.19 39.32
N TYR B 343 -20.69 2.86 39.78
CA TYR B 343 -21.63 2.11 38.96
C TYR B 343 -22.66 3.01 38.28
N ARG B 344 -22.95 2.73 37.01
CA ARG B 344 -23.83 3.56 36.23
C ARG B 344 -25.29 3.24 36.51
N HIS B 345 -25.98 4.20 37.11
CA HIS B 345 -27.38 4.03 37.43
C HIS B 345 -28.24 5.20 36.97
N ILE B 346 -29.55 5.03 37.07
CA ILE B 346 -30.49 6.03 36.57
C ILE B 346 -30.65 7.18 37.56
N CYS B 347 -30.39 8.40 37.09
CA CYS B 347 -30.51 9.60 37.92
C CYS B 347 -31.65 10.49 37.44
N TYR B 348 -32.44 10.98 38.40
CA TYR B 348 -33.55 11.87 38.09
C TYR B 348 -33.16 13.33 38.30
N PHE B 349 -33.26 14.12 37.24
CA PHE B 349 -32.90 15.54 37.27
C PHE B 349 -34.13 16.40 37.13
N GLN B 350 -34.17 17.50 37.87
CA GLN B 350 -35.17 18.52 37.59
C GLN B 350 -34.51 19.76 37.04
N ILE B 351 -35.10 20.31 35.99
CA ILE B 351 -34.41 21.29 35.15
C ILE B 351 -33.93 22.55 35.87
N ASP B 352 -34.66 22.99 36.88
CA ASP B 352 -34.27 24.20 37.59
C ASP B 352 -33.56 23.89 38.91
N LYS B 353 -33.29 22.60 39.15
CA LYS B 353 -32.58 22.18 40.35
C LYS B 353 -31.13 21.83 40.02
N LYS B 354 -30.33 21.67 41.07
CA LYS B 354 -28.89 21.52 40.91
C LYS B 354 -28.43 20.07 40.85
N ASP B 355 -28.90 19.26 41.81
CA ASP B 355 -28.44 17.87 41.90
C ASP B 355 -29.52 16.91 41.43
N CYS B 356 -29.12 15.71 41.03
CA CYS B 356 -30.09 14.68 40.69
C CYS B 356 -30.27 13.66 41.79
N THR B 357 -31.23 12.77 41.61
CA THR B 357 -31.51 11.74 42.58
C THR B 357 -31.38 10.38 41.91
N PHE B 358 -30.61 9.50 42.53
CA PHE B 358 -30.47 8.16 41.99
C PHE B 358 -31.71 7.34 42.28
N ILE B 359 -32.16 6.64 41.26
CA ILE B 359 -33.41 5.89 41.29
C ILE B 359 -33.08 4.40 41.37
N THR B 360 -31.85 4.06 40.99
CA THR B 360 -31.33 2.71 41.11
C THR B 360 -29.95 2.75 41.78
N LYS B 361 -29.54 1.62 42.33
CA LYS B 361 -28.25 1.50 42.97
C LYS B 361 -27.87 0.03 43.02
N GLY B 362 -26.61 -0.24 43.33
CA GLY B 362 -26.16 -1.63 43.43
C GLY B 362 -24.91 -1.94 42.61
N THR B 363 -24.37 -3.14 42.83
CA THR B 363 -23.14 -3.58 42.18
C THR B 363 -23.41 -4.17 40.80
N TRP B 364 -24.10 -3.40 39.97
CA TRP B 364 -24.40 -3.77 38.59
C TRP B 364 -24.66 -2.45 37.90
N GLU B 365 -24.87 -2.46 36.59
CA GLU B 365 -25.09 -1.21 35.86
C GLU B 365 -26.37 -1.24 35.02
N VAL B 366 -26.97 -0.06 34.90
CA VAL B 366 -28.02 0.16 33.92
C VAL B 366 -27.38 0.32 32.55
N ILE B 367 -27.90 -0.40 31.57
CA ILE B 367 -27.37 -0.40 30.22
C ILE B 367 -27.99 0.72 29.40
N GLY B 368 -29.30 0.87 29.49
CA GLY B 368 -29.96 1.92 28.73
C GLY B 368 -31.36 2.12 29.28
N ILE B 369 -31.86 3.35 29.18
CA ILE B 369 -33.25 3.66 29.50
C ILE B 369 -34.03 3.51 28.18
N GLU B 370 -35.03 2.65 28.18
CA GLU B 370 -35.71 2.31 26.93
C GLU B 370 -37.05 3.01 26.77
N ALA B 371 -37.72 3.28 27.87
CA ALA B 371 -39.03 3.91 27.78
C ALA B 371 -39.40 4.57 29.09
N LEU B 372 -40.30 5.55 28.98
CA LEU B 372 -40.74 6.34 30.13
C LEU B 372 -42.20 6.67 29.93
N THR B 373 -43.03 6.31 30.90
CA THR B 373 -44.39 6.85 30.99
C THR B 373 -44.51 7.60 32.31
N SER B 374 -45.70 8.10 32.61
CA SER B 374 -45.92 8.82 33.85
C SER B 374 -45.85 7.87 35.06
N ASP B 375 -46.18 6.60 34.86
CA ASP B 375 -46.13 5.65 35.96
C ASP B 375 -44.83 4.84 36.09
N TYR B 376 -44.13 4.63 34.98
CA TYR B 376 -43.01 3.68 34.96
C TYR B 376 -41.86 4.12 34.09
N LEU B 377 -40.64 3.75 34.47
CA LEU B 377 -39.48 3.85 33.61
C LEU B 377 -38.95 2.44 33.34
N TYR B 378 -38.71 2.14 32.07
CA TYR B 378 -38.27 0.80 31.66
C TYR B 378 -36.81 0.88 31.28
N TYR B 379 -36.01 -0.07 31.78
CA TYR B 379 -34.58 -0.05 31.49
C TYR B 379 -33.99 -1.44 31.37
N ILE B 380 -32.86 -1.53 30.67
CA ILE B 380 -32.08 -2.75 30.56
C ILE B 380 -30.93 -2.65 31.55
N SER B 381 -30.65 -3.75 32.24
CA SER B 381 -29.51 -3.79 33.14
C SER B 381 -28.93 -5.19 33.14
N ASN B 382 -27.74 -5.33 33.74
CA ASN B 382 -27.17 -6.65 33.93
C ASN B 382 -27.25 -7.13 35.38
N GLU B 383 -28.32 -6.75 36.07
CA GLU B 383 -28.46 -7.11 37.47
C GLU B 383 -28.74 -8.59 37.73
N TYR B 384 -29.47 -9.24 36.83
CA TYR B 384 -29.94 -10.59 37.12
C TYR B 384 -28.79 -11.54 37.38
N LYS B 385 -28.87 -12.25 38.51
CA LYS B 385 -27.87 -13.25 38.90
C LYS B 385 -26.44 -12.72 38.94
N GLY B 386 -26.30 -11.40 38.98
CA GLY B 386 -24.98 -10.81 39.06
C GLY B 386 -24.08 -11.10 37.87
N MET B 387 -24.66 -11.38 36.70
CA MET B 387 -23.88 -11.66 35.50
C MET B 387 -23.76 -10.40 34.63
N PRO B 388 -22.54 -9.89 34.46
CA PRO B 388 -22.31 -8.66 33.69
C PRO B 388 -22.67 -8.81 32.21
N GLY B 389 -22.63 -10.06 31.73
CA GLY B 389 -22.82 -10.34 30.33
C GLY B 389 -24.26 -10.71 30.00
N GLY B 390 -25.13 -10.69 31.01
CA GLY B 390 -26.55 -10.86 30.77
C GLY B 390 -27.26 -9.51 30.69
N ARG B 391 -28.44 -9.49 30.09
CA ARG B 391 -29.17 -8.24 29.92
C ARG B 391 -30.65 -8.54 30.09
N ASN B 392 -31.31 -7.77 30.94
CA ASN B 392 -32.75 -7.95 31.13
C ASN B 392 -33.56 -6.66 31.19
N LEU B 393 -34.84 -6.76 30.88
CA LEU B 393 -35.77 -5.63 30.96
C LEU B 393 -36.41 -5.51 32.35
N TYR B 394 -36.32 -4.31 32.92
CA TYR B 394 -36.93 -4.00 34.21
C TYR B 394 -37.82 -2.76 34.09
N LYS B 395 -38.77 -2.63 35.00
CA LYS B 395 -39.51 -1.38 35.13
C LYS B 395 -39.53 -0.89 36.57
N ILE B 396 -39.35 0.42 36.75
CA ILE B 396 -39.40 1.02 38.08
C ILE B 396 -40.65 1.86 38.20
N GLN B 397 -41.39 1.64 39.28
CA GLN B 397 -42.55 2.46 39.62
C GLN B 397 -42.03 3.84 40.03
N LEU B 398 -42.38 4.87 39.29
CA LEU B 398 -41.85 6.20 39.57
C LEU B 398 -42.40 6.82 40.86
N SER B 399 -43.48 6.25 41.40
CA SER B 399 -44.01 6.73 42.67
C SER B 399 -43.37 6.04 43.88
N ASP B 400 -42.70 4.91 43.65
CA ASP B 400 -42.00 4.19 44.72
C ASP B 400 -40.80 3.39 44.16
N TYR B 401 -39.61 3.98 44.26
CA TYR B 401 -38.42 3.47 43.59
C TYR B 401 -38.03 2.08 44.07
N THR B 402 -38.51 1.69 45.26
CA THR B 402 -38.15 0.39 45.79
C THR B 402 -38.91 -0.72 45.05
N LYS B 403 -39.83 -0.33 44.19
CA LYS B 403 -40.61 -1.31 43.45
C LYS B 403 -40.09 -1.48 42.02
N VAL B 404 -39.12 -2.37 41.87
CA VAL B 404 -38.59 -2.71 40.57
C VAL B 404 -39.04 -4.13 40.23
N THR B 405 -39.74 -4.28 39.11
CA THR B 405 -40.05 -5.63 38.66
C THR B 405 -39.29 -5.98 37.39
N CYS B 406 -38.57 -7.11 37.42
CA CYS B 406 -37.94 -7.60 36.21
C CYS B 406 -39.01 -8.17 35.29
N LEU B 407 -39.00 -7.76 34.03
CA LEU B 407 -40.04 -8.16 33.10
C LEU B 407 -39.58 -9.26 32.14
N SER B 408 -38.30 -9.60 32.15
CA SER B 408 -37.79 -10.59 31.19
C SER B 408 -37.05 -11.75 31.84
N CYS B 409 -36.66 -11.59 33.10
CA CYS B 409 -35.78 -12.53 33.79
C CYS B 409 -36.32 -13.96 33.80
N GLU B 410 -37.64 -14.11 33.88
CA GLU B 410 -38.22 -15.43 34.11
C GLU B 410 -39.02 -15.99 32.94
N LEU B 411 -39.06 -15.26 31.83
CA LEU B 411 -39.87 -15.70 30.70
C LEU B 411 -39.42 -17.07 30.19
N ASN B 412 -38.12 -17.21 30.00
CA ASN B 412 -37.53 -18.41 29.41
C ASN B 412 -36.09 -18.46 29.88
N PRO B 413 -35.88 -18.78 31.16
CA PRO B 413 -34.61 -18.59 31.86
C PRO B 413 -33.44 -19.46 31.38
N GLU B 414 -33.75 -20.59 30.74
CA GLU B 414 -32.69 -21.47 30.24
C GLU B 414 -32.22 -20.96 28.88
N ARG B 415 -33.17 -20.51 28.06
CA ARG B 415 -32.87 -20.12 26.70
C ARG B 415 -32.46 -18.65 26.56
N CYS B 416 -32.93 -17.82 27.48
CA CYS B 416 -32.94 -16.37 27.30
C CYS B 416 -32.39 -15.57 28.47
N GLN B 417 -31.23 -14.95 28.25
CA GLN B 417 -30.55 -14.21 29.29
C GLN B 417 -29.94 -12.92 28.74
N TYR B 418 -30.19 -12.64 27.46
CA TYR B 418 -29.65 -11.42 26.84
C TYR B 418 -30.71 -10.75 25.99
N TYR B 419 -31.37 -9.75 26.56
CA TYR B 419 -32.53 -9.16 25.93
C TYR B 419 -32.22 -7.77 25.41
N SER B 420 -32.91 -7.37 24.34
CA SER B 420 -33.03 -5.96 24.01
C SER B 420 -34.52 -5.76 23.73
N VAL B 421 -34.96 -4.52 23.54
CA VAL B 421 -36.39 -4.26 23.50
C VAL B 421 -36.77 -3.10 22.61
N SER B 422 -38.03 -3.08 22.17
CA SER B 422 -38.53 -2.00 21.33
C SER B 422 -39.98 -1.66 21.72
N PHE B 423 -40.18 -0.47 22.26
CA PHE B 423 -41.50 -0.03 22.71
C PHE B 423 -42.25 0.70 21.62
N SER B 424 -43.56 0.46 21.53
CA SER B 424 -44.41 1.27 20.66
C SER B 424 -44.53 2.67 21.27
N LYS B 425 -45.11 3.59 20.52
CA LYS B 425 -45.32 4.94 21.05
C LYS B 425 -46.10 4.88 22.38
N GLU B 426 -45.73 5.74 23.31
CA GLU B 426 -46.41 5.83 24.59
C GLU B 426 -46.30 4.53 25.38
N ALA B 427 -45.40 3.66 24.93
CA ALA B 427 -45.07 2.43 25.64
C ALA B 427 -46.27 1.53 25.93
N LYS B 428 -47.26 1.54 25.05
CA LYS B 428 -48.41 0.66 25.24
C LYS B 428 -48.03 -0.81 25.02
N TYR B 429 -47.15 -1.08 24.07
CA TYR B 429 -46.67 -2.44 23.84
C TYR B 429 -45.17 -2.45 23.66
N TYR B 430 -44.57 -3.62 23.78
CA TYR B 430 -43.15 -3.75 23.49
C TYR B 430 -42.81 -5.11 22.88
N GLN B 431 -41.80 -5.11 22.02
CA GLN B 431 -41.24 -6.35 21.47
C GLN B 431 -39.97 -6.72 22.21
N LEU B 432 -39.93 -7.94 22.73
CA LEU B 432 -38.71 -8.44 23.35
C LEU B 432 -37.89 -9.22 22.35
N ARG B 433 -36.58 -9.08 22.45
CA ARG B 433 -35.67 -9.74 21.54
C ARG B 433 -34.56 -10.37 22.36
N CYS B 434 -34.63 -11.69 22.46
CA CYS B 434 -33.66 -12.48 23.19
C CYS B 434 -32.60 -12.95 22.18
N SER B 435 -31.33 -12.84 22.56
CA SER B 435 -30.22 -13.16 21.66
C SER B 435 -29.40 -14.35 22.14
N GLY B 436 -29.79 -14.91 23.28
CA GLY B 436 -29.07 -16.08 23.77
C GLY B 436 -29.28 -16.32 25.24
N PRO B 437 -28.65 -17.38 25.78
CA PRO B 437 -27.69 -18.22 25.05
C PRO B 437 -28.34 -19.20 24.07
N GLY B 438 -29.65 -19.37 24.18
CA GLY B 438 -30.36 -20.23 23.24
C GLY B 438 -30.53 -19.51 21.91
N LEU B 439 -31.30 -20.12 21.02
CA LEU B 439 -31.59 -19.48 19.74
C LEU B 439 -32.45 -18.25 19.99
N PRO B 440 -32.21 -17.17 19.23
CA PRO B 440 -32.94 -15.91 19.39
C PRO B 440 -34.45 -16.09 19.36
N LEU B 441 -35.14 -15.34 20.22
CA LEU B 441 -36.58 -15.49 20.40
C LEU B 441 -37.24 -14.10 20.42
N TYR B 442 -38.20 -13.88 19.52
CA TYR B 442 -38.87 -12.58 19.44
C TYR B 442 -40.34 -12.67 19.89
N THR B 443 -40.67 -11.88 20.89
CA THR B 443 -41.97 -11.95 21.53
C THR B 443 -42.61 -10.57 21.61
N LEU B 444 -43.94 -10.53 21.55
CA LEU B 444 -44.68 -9.27 21.69
C LEU B 444 -45.44 -9.24 23.01
N HIS B 445 -45.41 -8.10 23.69
CA HIS B 445 -46.02 -7.97 25.01
C HIS B 445 -46.88 -6.71 25.15
N SER B 446 -47.87 -6.79 26.03
CA SER B 446 -48.73 -5.67 26.38
C SER B 446 -48.25 -5.05 27.69
N SER B 447 -48.07 -3.73 27.71
CA SER B 447 -47.57 -3.06 28.92
C SER B 447 -48.58 -3.00 30.07
N VAL B 448 -49.87 -2.98 29.75
CA VAL B 448 -50.92 -2.90 30.77
C VAL B 448 -50.64 -3.78 31.99
N ASN B 449 -50.46 -5.09 31.76
CA ASN B 449 -50.07 -6.00 32.82
C ASN B 449 -48.85 -6.86 32.46
N ASP B 450 -48.09 -6.43 31.46
CA ASP B 450 -46.92 -7.18 31.02
C ASP B 450 -47.32 -8.61 30.75
N LYS B 451 -48.36 -8.77 29.92
CA LYS B 451 -48.81 -10.09 29.50
C LYS B 451 -48.20 -10.42 28.15
N GLY B 452 -47.71 -11.65 28.01
CA GLY B 452 -47.24 -12.10 26.71
C GLY B 452 -48.41 -12.13 25.75
N LEU B 453 -48.23 -11.63 24.54
CA LEU B 453 -49.29 -11.65 23.54
C LEU B 453 -49.10 -12.82 22.59
N ARG B 454 -47.91 -12.90 22.01
CA ARG B 454 -47.60 -13.99 21.10
C ARG B 454 -46.12 -14.08 20.77
N VAL B 455 -45.72 -15.26 20.29
CA VAL B 455 -44.40 -15.49 19.74
C VAL B 455 -44.37 -14.94 18.34
N LEU B 456 -43.31 -14.21 18.00
CA LEU B 456 -43.20 -13.61 16.68
C LEU B 456 -42.26 -14.42 15.78
N GLU B 457 -41.13 -14.83 16.34
CA GLU B 457 -40.18 -15.68 15.65
C GLU B 457 -39.43 -16.47 16.71
N ASP B 458 -39.44 -17.80 16.60
CA ASP B 458 -38.74 -18.65 17.57
C ASP B 458 -37.60 -19.42 16.93
N ASN B 459 -37.39 -19.20 15.63
CA ASN B 459 -36.24 -19.79 14.96
C ASN B 459 -36.29 -21.31 14.97
N SER B 460 -37.49 -21.85 14.84
CA SER B 460 -37.68 -23.30 14.85
C SER B 460 -37.04 -23.96 13.63
N ALA B 461 -37.09 -23.29 12.49
CA ALA B 461 -36.44 -23.82 11.29
C ALA B 461 -34.94 -24.07 11.52
N LEU B 462 -34.26 -23.10 12.11
CA LEU B 462 -32.83 -23.23 12.38
C LEU B 462 -32.62 -24.34 13.39
N ASP B 463 -33.56 -24.48 14.31
CA ASP B 463 -33.46 -25.52 15.32
C ASP B 463 -33.44 -26.91 14.66
N LYS B 464 -34.32 -27.12 13.69
CA LYS B 464 -34.41 -28.42 13.01
C LYS B 464 -33.05 -28.78 12.43
N MET B 465 -32.50 -27.86 11.65
CA MET B 465 -31.26 -28.12 10.94
C MET B 465 -30.10 -28.43 11.88
N LEU B 466 -29.97 -27.66 12.96
CA LEU B 466 -28.84 -27.80 13.88
C LEU B 466 -28.84 -29.12 14.65
N GLN B 467 -30.00 -29.75 14.75
CA GLN B 467 -30.09 -31.06 15.40
C GLN B 467 -29.31 -32.10 14.59
N ASN B 468 -28.96 -31.75 13.36
CA ASN B 468 -28.16 -32.62 12.49
C ASN B 468 -26.65 -32.32 12.51
N VAL B 469 -26.24 -31.32 13.31
CA VAL B 469 -24.83 -30.96 13.37
C VAL B 469 -24.31 -31.08 14.78
N GLN B 470 -23.03 -31.40 14.90
CA GLN B 470 -22.38 -31.41 16.21
C GLN B 470 -21.98 -29.98 16.60
N MET B 471 -22.89 -29.29 17.29
CA MET B 471 -22.63 -27.91 17.67
C MET B 471 -21.69 -27.84 18.88
N PRO B 472 -20.83 -26.83 18.92
CA PRO B 472 -20.02 -26.57 20.12
C PRO B 472 -20.94 -26.05 21.22
N SER B 473 -20.48 -26.11 22.47
CA SER B 473 -21.20 -25.43 23.55
C SER B 473 -20.37 -24.27 24.09
N LYS B 474 -20.96 -23.49 24.98
CA LYS B 474 -20.32 -22.28 25.49
C LYS B 474 -20.34 -22.24 27.03
N LYS B 475 -19.17 -22.03 27.62
CA LYS B 475 -19.10 -21.83 29.05
C LYS B 475 -18.87 -20.35 29.34
N LEU B 476 -19.65 -19.81 30.27
CA LEU B 476 -19.49 -18.43 30.75
C LEU B 476 -19.22 -18.53 32.24
N ASP B 477 -18.06 -18.05 32.67
CA ASP B 477 -17.66 -18.19 34.08
C ASP B 477 -16.70 -17.05 34.43
N PHE B 478 -16.08 -17.12 35.61
CA PHE B 478 -15.13 -16.09 35.99
C PHE B 478 -13.93 -16.68 36.71
N ILE B 479 -12.82 -15.95 36.68
CA ILE B 479 -11.66 -16.24 37.50
C ILE B 479 -11.42 -15.07 38.43
N ILE B 480 -10.54 -15.26 39.40
CA ILE B 480 -10.15 -14.21 40.34
C ILE B 480 -8.73 -13.76 39.99
N LEU B 481 -8.55 -12.45 39.85
CA LEU B 481 -7.22 -11.87 39.78
C LEU B 481 -7.15 -10.81 40.86
N ASN B 482 -6.15 -10.90 41.72
CA ASN B 482 -6.00 -9.96 42.82
C ASN B 482 -7.36 -9.62 43.40
N GLU B 483 -8.07 -10.62 43.89
CA GLU B 483 -9.22 -10.36 44.76
C GLU B 483 -10.49 -9.91 44.02
N THR B 484 -10.45 -9.86 42.69
CA THR B 484 -11.62 -9.44 41.91
C THR B 484 -12.03 -10.45 40.84
N LYS B 485 -13.34 -10.53 40.57
CA LYS B 485 -13.87 -11.36 39.50
C LYS B 485 -13.65 -10.71 38.12
N PHE B 486 -13.17 -11.52 37.18
CA PHE B 486 -13.14 -11.14 35.78
C PHE B 486 -13.71 -12.29 34.95
N TRP B 487 -14.61 -11.96 34.03
CA TRP B 487 -15.35 -12.98 33.31
C TRP B 487 -14.69 -13.40 32.01
N TYR B 488 -14.94 -14.64 31.62
CA TYR B 488 -14.47 -15.17 30.35
C TYR B 488 -15.54 -16.08 29.80
N GLN B 489 -15.45 -16.39 28.51
CA GLN B 489 -16.28 -17.44 27.96
C GLN B 489 -15.38 -18.39 27.21
N MET B 490 -15.81 -19.65 27.11
CA MET B 490 -15.12 -20.60 26.25
C MET B 490 -16.11 -21.25 25.29
N ILE B 491 -15.75 -21.28 24.02
CA ILE B 491 -16.48 -22.06 23.06
C ILE B 491 -15.82 -23.43 23.00
N LEU B 492 -16.55 -24.44 23.44
CA LEU B 492 -15.99 -25.77 23.63
C LEU B 492 -16.39 -26.71 22.50
N PRO B 493 -15.44 -27.54 22.06
CA PRO B 493 -15.71 -28.54 21.02
C PRO B 493 -16.87 -29.44 21.43
N PRO B 494 -17.59 -30.00 20.46
CA PRO B 494 -18.63 -30.95 20.85
C PRO B 494 -17.99 -32.19 21.49
N HIS B 495 -18.74 -32.88 22.34
CA HIS B 495 -18.23 -34.05 23.06
C HIS B 495 -16.99 -33.66 23.83
N PHE B 496 -17.01 -32.47 24.42
CA PHE B 496 -15.87 -31.97 25.19
C PHE B 496 -15.51 -32.96 26.27
N ASP B 497 -14.22 -33.05 26.59
CA ASP B 497 -13.72 -34.07 27.49
C ASP B 497 -12.58 -33.49 28.32
N LYS B 498 -12.88 -33.09 29.56
CA LYS B 498 -11.91 -32.37 30.38
C LYS B 498 -10.68 -33.20 30.73
N SER B 499 -10.64 -34.45 30.27
CA SER B 499 -9.47 -35.29 30.49
C SER B 499 -8.47 -35.18 29.33
N LYS B 500 -8.94 -34.69 28.19
CA LYS B 500 -8.04 -34.50 27.04
C LYS B 500 -7.52 -33.06 27.01
N LYS B 501 -6.40 -32.85 26.32
CA LYS B 501 -5.83 -31.52 26.21
C LYS B 501 -6.06 -30.90 24.82
N TYR B 502 -6.69 -29.73 24.82
CA TYR B 502 -7.08 -29.06 23.59
C TYR B 502 -6.19 -27.85 23.32
N PRO B 503 -5.95 -27.55 22.03
CA PRO B 503 -5.33 -26.27 21.67
C PRO B 503 -6.31 -25.16 22.05
N LEU B 504 -5.77 -23.99 22.41
CA LEU B 504 -6.63 -22.87 22.77
C LEU B 504 -6.30 -21.62 21.95
N LEU B 505 -7.34 -21.01 21.38
CA LEU B 505 -7.25 -19.74 20.67
C LEU B 505 -7.92 -18.66 21.53
N LEU B 506 -7.14 -17.65 21.92
CA LEU B 506 -7.69 -16.53 22.67
C LEU B 506 -8.17 -15.45 21.68
N ASP B 507 -9.48 -15.30 21.57
CA ASP B 507 -10.08 -14.24 20.77
C ASP B 507 -10.18 -12.96 21.63
N VAL B 508 -9.48 -11.91 21.22
CA VAL B 508 -9.40 -10.69 22.03
C VAL B 508 -9.95 -9.45 21.34
N TYR B 509 -10.51 -8.55 22.14
CA TYR B 509 -10.75 -7.18 21.70
C TYR B 509 -10.22 -6.22 22.76
N ALA B 510 -10.89 -6.19 23.92
CA ALA B 510 -10.35 -5.57 25.12
C ALA B 510 -10.17 -4.05 25.06
N GLY B 511 -10.74 -3.40 24.06
CA GLY B 511 -10.78 -1.95 24.07
C GLY B 511 -11.64 -1.44 25.22
N PRO B 512 -11.50 -0.16 25.60
CA PRO B 512 -12.18 0.38 26.77
C PRO B 512 -13.70 0.20 26.69
N CYS B 513 -14.29 -0.28 27.77
CA CYS B 513 -15.73 -0.57 27.79
C CYS B 513 -16.17 -1.66 26.81
N SER B 514 -15.26 -2.58 26.49
CA SER B 514 -15.64 -3.73 25.68
C SER B 514 -16.18 -4.87 26.54
N GLN B 515 -16.90 -5.78 25.91
CA GLN B 515 -17.33 -6.99 26.59
C GLN B 515 -17.32 -8.16 25.61
N LYS B 516 -16.49 -9.15 25.89
CA LYS B 516 -16.35 -10.31 25.01
C LYS B 516 -16.92 -11.58 25.63
N ALA B 517 -17.29 -11.51 26.90
CA ALA B 517 -17.93 -12.64 27.54
C ALA B 517 -19.36 -12.26 27.85
N ASP B 518 -20.30 -12.90 27.17
CA ASP B 518 -21.72 -12.60 27.38
C ASP B 518 -22.56 -13.82 27.08
N THR B 519 -23.86 -13.66 27.06
CA THR B 519 -24.75 -14.80 26.96
C THR B 519 -25.41 -14.92 25.59
N VAL B 520 -24.89 -14.22 24.58
CA VAL B 520 -25.54 -14.23 23.27
C VAL B 520 -25.11 -15.42 22.41
N PHE B 521 -26.06 -15.91 21.61
CA PHE B 521 -25.83 -17.00 20.66
C PHE B 521 -25.24 -16.45 19.37
N ARG B 522 -24.07 -16.97 18.98
CA ARG B 522 -23.44 -16.55 17.74
C ARG B 522 -23.06 -17.76 16.89
N LEU B 523 -23.16 -17.60 15.57
CA LEU B 523 -22.57 -18.57 14.65
C LEU B 523 -21.51 -17.84 13.85
N ASN B 524 -20.25 -18.14 14.14
CA ASN B 524 -19.16 -17.40 13.53
C ASN B 524 -17.95 -18.30 13.31
N TRP B 525 -16.80 -17.68 13.11
CA TRP B 525 -15.57 -18.42 12.83
C TRP B 525 -15.28 -19.35 13.98
N ALA B 526 -15.50 -18.86 15.20
CA ALA B 526 -15.20 -19.63 16.39
C ALA B 526 -16.03 -20.92 16.47
N THR B 527 -17.29 -20.84 16.05
CA THR B 527 -18.13 -22.03 15.99
C THR B 527 -17.42 -23.10 15.17
N TYR B 528 -16.90 -22.69 14.02
CA TYR B 528 -16.18 -23.60 13.13
C TYR B 528 -14.93 -24.16 13.80
N LEU B 529 -14.10 -23.30 14.38
CA LEU B 529 -12.85 -23.76 14.94
C LEU B 529 -13.08 -24.81 16.04
N ALA B 530 -14.16 -24.65 16.80
CA ALA B 530 -14.48 -25.59 17.87
C ALA B 530 -15.16 -26.86 17.33
N SER B 531 -16.12 -26.71 16.45
CA SER B 531 -16.90 -27.85 15.95
C SER B 531 -16.10 -28.79 15.04
N THR B 532 -15.31 -28.21 14.14
CA THR B 532 -14.63 -29.00 13.13
C THR B 532 -13.16 -29.22 13.49
N GLU B 533 -12.51 -28.20 14.05
CA GLU B 533 -11.08 -28.27 14.34
C GLU B 533 -10.77 -28.58 15.80
N ASN B 534 -11.82 -28.74 16.60
CA ASN B 534 -11.70 -29.14 18.00
C ASN B 534 -10.78 -28.23 18.82
N ILE B 535 -10.88 -26.95 18.51
CA ILE B 535 -10.14 -25.92 19.21
C ILE B 535 -11.05 -25.23 20.23
N ILE B 536 -10.49 -24.84 21.37
CA ILE B 536 -11.25 -24.04 22.31
C ILE B 536 -10.98 -22.59 21.99
N VAL B 537 -12.03 -21.80 21.83
CA VAL B 537 -11.88 -20.37 21.62
C VAL B 537 -12.33 -19.62 22.85
N ALA B 538 -11.36 -19.00 23.53
CA ALA B 538 -11.64 -18.29 24.75
C ALA B 538 -11.64 -16.78 24.51
N SER B 539 -12.48 -16.08 25.26
CA SER B 539 -12.39 -14.63 25.36
C SER B 539 -12.47 -14.21 26.82
N PHE B 540 -11.75 -13.14 27.17
CA PHE B 540 -11.63 -12.70 28.55
C PHE B 540 -11.86 -11.18 28.65
N ASP B 541 -12.66 -10.74 29.61
CA ASP B 541 -12.83 -9.31 29.88
C ASP B 541 -12.01 -8.90 31.10
N GLY B 542 -10.88 -8.24 30.86
CA GLY B 542 -10.04 -7.78 31.95
C GLY B 542 -10.26 -6.31 32.30
N ARG B 543 -9.26 -5.71 32.94
CA ARG B 543 -9.33 -4.29 33.30
C ARG B 543 -9.51 -3.47 32.04
N GLY B 544 -10.32 -2.43 32.13
CA GLY B 544 -10.68 -1.68 30.94
C GLY B 544 -12.02 -2.11 30.35
N SER B 545 -12.47 -3.32 30.66
CA SER B 545 -13.73 -3.78 30.10
C SER B 545 -14.93 -3.11 30.79
N GLY B 546 -16.08 -3.11 30.11
CA GLY B 546 -17.21 -2.33 30.57
C GLY B 546 -18.29 -3.06 31.34
N TYR B 547 -19.30 -2.29 31.77
CA TYR B 547 -20.52 -2.83 32.37
C TYR B 547 -20.34 -3.42 33.76
N GLN B 548 -19.19 -3.15 34.37
CA GLN B 548 -18.91 -3.63 35.73
C GLN B 548 -18.40 -2.51 36.64
N GLY B 549 -18.67 -1.26 36.26
CA GLY B 549 -18.30 -0.14 37.11
C GLY B 549 -16.96 0.48 36.80
N ASP B 550 -16.72 1.68 37.32
CA ASP B 550 -15.59 2.48 36.92
C ASP B 550 -14.25 1.99 37.44
N LYS B 551 -14.23 1.34 38.60
CA LYS B 551 -12.97 0.84 39.11
C LYS B 551 -12.30 -0.02 38.03
N ILE B 552 -13.06 -0.96 37.47
CA ILE B 552 -12.56 -1.80 36.38
C ILE B 552 -12.41 -1.02 35.08
N MET B 553 -13.44 -0.31 34.66
CA MET B 553 -13.39 0.28 33.34
C MET B 553 -12.29 1.32 33.19
N HIS B 554 -12.10 2.15 34.21
CA HIS B 554 -11.17 3.29 34.14
C HIS B 554 -9.73 2.95 34.53
N ALA B 555 -9.49 1.69 34.89
CA ALA B 555 -8.16 1.28 35.31
C ALA B 555 -7.16 1.63 34.21
N ILE B 556 -7.67 1.81 33.00
CA ILE B 556 -6.84 1.91 31.82
C ILE B 556 -6.60 3.36 31.43
N ASN B 557 -7.16 4.27 32.22
CA ASN B 557 -7.12 5.68 31.92
C ASN B 557 -5.69 6.19 31.70
N ARG B 558 -5.51 6.92 30.60
CA ARG B 558 -4.22 7.50 30.21
C ARG B 558 -3.11 6.45 30.05
N ARG B 559 -3.52 5.20 29.85
CA ARG B 559 -2.59 4.09 29.98
C ARG B 559 -3.02 2.95 29.06
N LEU B 560 -3.36 3.26 27.81
CA LEU B 560 -3.78 2.23 26.87
C LEU B 560 -2.63 1.27 26.55
N GLY B 561 -2.96 0.00 26.38
CA GLY B 561 -1.94 -0.97 26.05
C GLY B 561 -1.11 -1.42 27.24
N THR B 562 -1.70 -1.37 28.44
CA THR B 562 -0.99 -1.84 29.63
C THR B 562 -1.77 -2.93 30.35
N PHE B 563 -2.67 -2.52 31.27
CA PHE B 563 -3.38 -3.46 32.11
C PHE B 563 -4.22 -4.44 31.30
N GLU B 564 -4.81 -3.95 30.21
CA GLU B 564 -5.65 -4.84 29.41
C GLU B 564 -4.79 -5.82 28.61
N VAL B 565 -3.53 -5.48 28.40
CA VAL B 565 -2.62 -6.41 27.72
C VAL B 565 -2.06 -7.45 28.70
N GLU B 566 -1.68 -7.00 29.89
CA GLU B 566 -1.23 -7.93 30.93
C GLU B 566 -2.33 -8.92 31.31
N ASP B 567 -3.57 -8.42 31.45
CA ASP B 567 -4.67 -9.25 31.90
C ASP B 567 -5.03 -10.35 30.90
N GLN B 568 -4.98 -10.06 29.61
CA GLN B 568 -5.18 -11.08 28.59
C GLN B 568 -4.10 -12.17 28.73
N ILE B 569 -2.88 -11.76 29.07
CA ILE B 569 -1.81 -12.72 29.30
C ILE B 569 -2.03 -13.60 30.53
N GLU B 570 -2.37 -12.97 31.66
CA GLU B 570 -2.59 -13.71 32.90
C GLU B 570 -3.78 -14.67 32.77
N ALA B 571 -4.80 -14.24 32.04
CA ALA B 571 -5.96 -15.09 31.78
C ALA B 571 -5.54 -16.33 31.00
N ALA B 572 -4.57 -16.15 30.11
CA ALA B 572 -4.07 -17.24 29.28
C ALA B 572 -3.28 -18.24 30.14
N ARG B 573 -2.47 -17.72 31.06
CA ARG B 573 -1.77 -18.58 32.01
C ARG B 573 -2.78 -19.40 32.82
N GLN B 574 -3.80 -18.74 33.35
CA GLN B 574 -4.76 -19.43 34.18
C GLN B 574 -5.50 -20.50 33.39
N PHE B 575 -5.77 -20.21 32.12
CA PHE B 575 -6.38 -21.19 31.23
C PHE B 575 -5.43 -22.37 31.06
N SER B 576 -4.14 -22.08 30.94
CA SER B 576 -3.10 -23.10 30.81
C SER B 576 -3.09 -24.09 31.98
N LYS B 577 -3.34 -23.58 33.18
CA LYS B 577 -3.38 -24.43 34.36
C LYS B 577 -4.49 -25.47 34.25
N MET B 578 -5.67 -25.03 33.81
CA MET B 578 -6.79 -25.96 33.66
C MET B 578 -6.33 -27.17 32.87
N GLY B 579 -6.84 -28.34 33.21
CA GLY B 579 -6.22 -29.57 32.77
C GLY B 579 -6.63 -30.06 31.40
N PHE B 580 -7.35 -29.22 30.66
CA PHE B 580 -7.81 -29.60 29.32
C PHE B 580 -7.26 -28.71 28.20
N VAL B 581 -6.33 -27.82 28.55
CA VAL B 581 -5.66 -27.01 27.54
C VAL B 581 -4.22 -27.47 27.34
N ASP B 582 -3.85 -27.73 26.10
CA ASP B 582 -2.45 -28.01 25.79
C ASP B 582 -1.72 -26.68 25.83
N ASN B 583 -0.82 -26.52 26.81
CA ASN B 583 -0.12 -25.26 27.00
C ASN B 583 0.92 -25.01 25.91
N LYS B 584 1.13 -26.01 25.06
CA LYS B 584 2.07 -25.89 23.95
C LYS B 584 1.40 -25.31 22.71
N ARG B 585 0.06 -25.28 22.73
CA ARG B 585 -0.69 -24.77 21.59
C ARG B 585 -1.71 -23.72 22.00
N ILE B 586 -1.20 -22.56 22.40
CA ILE B 586 -2.03 -21.41 22.72
C ILE B 586 -1.81 -20.34 21.65
N ALA B 587 -2.88 -19.93 20.97
CA ALA B 587 -2.81 -18.85 19.98
C ALA B 587 -3.64 -17.65 20.42
N ILE B 588 -3.44 -16.52 19.76
CA ILE B 588 -4.19 -15.31 20.06
C ILE B 588 -4.44 -14.52 18.79
N TRP B 589 -5.61 -13.89 18.70
CA TRP B 589 -5.94 -13.06 17.54
C TRP B 589 -7.03 -12.02 17.83
N GLY B 590 -7.07 -10.99 17.01
CA GLY B 590 -8.10 -9.98 17.13
C GLY B 590 -8.05 -8.98 16.00
N TRP B 591 -9.11 -8.18 15.91
CA TRP B 591 -9.27 -7.18 14.87
C TRP B 591 -9.20 -5.78 15.51
N SER B 592 -8.55 -4.84 14.84
CA SER B 592 -8.49 -3.44 15.31
C SER B 592 -7.84 -3.32 16.69
N TYR B 593 -8.61 -2.93 17.70
CA TYR B 593 -8.03 -2.82 19.05
C TYR B 593 -7.58 -4.22 19.42
N GLY B 594 -8.34 -5.21 18.99
CA GLY B 594 -7.96 -6.60 19.18
C GLY B 594 -6.67 -6.96 18.48
N GLY B 595 -6.38 -6.27 17.37
CA GLY B 595 -5.13 -6.54 16.68
C GLY B 595 -3.95 -5.86 17.37
N TYR B 596 -4.21 -4.70 17.96
CA TYR B 596 -3.24 -3.98 18.78
C TYR B 596 -2.87 -4.87 19.96
N VAL B 597 -3.86 -5.23 20.77
CA VAL B 597 -3.61 -6.09 21.91
C VAL B 597 -2.92 -7.39 21.50
N THR B 598 -3.41 -8.05 20.44
CA THR B 598 -2.75 -9.26 19.97
C THR B 598 -1.26 -9.00 19.72
N SER B 599 -0.95 -7.86 19.11
CA SER B 599 0.45 -7.58 18.77
C SER B 599 1.27 -7.27 20.00
N MET B 600 0.70 -6.52 20.94
CA MET B 600 1.40 -6.17 22.18
C MET B 600 1.65 -7.42 23.04
N VAL B 601 0.67 -8.33 23.07
CA VAL B 601 0.85 -9.60 23.75
C VAL B 601 1.95 -10.45 23.09
N LEU B 602 1.91 -10.58 21.77
CA LEU B 602 2.91 -11.37 21.06
C LEU B 602 4.30 -10.78 21.21
N GLY B 603 4.37 -9.47 21.44
CA GLY B 603 5.64 -8.79 21.60
C GLY B 603 6.05 -8.58 23.04
N SER B 604 5.36 -9.24 23.97
CA SER B 604 5.63 -9.04 25.38
C SER B 604 6.72 -10.00 25.88
N GLY B 605 6.95 -11.07 25.14
CA GLY B 605 7.97 -12.03 25.53
C GLY B 605 7.48 -12.98 26.60
N SER B 606 6.18 -12.93 26.89
CA SER B 606 5.62 -13.73 27.96
C SER B 606 5.93 -15.21 27.75
N GLY B 607 6.15 -15.60 26.50
CA GLY B 607 6.43 -16.99 26.21
C GLY B 607 5.18 -17.85 26.27
N VAL B 608 4.05 -17.22 26.57
CA VAL B 608 2.79 -17.93 26.75
C VAL B 608 2.16 -18.35 25.42
N PHE B 609 2.46 -17.62 24.36
CA PHE B 609 1.77 -17.84 23.10
C PHE B 609 2.67 -18.36 21.99
N LYS B 610 2.16 -19.33 21.24
CA LYS B 610 2.89 -19.91 20.13
C LYS B 610 2.81 -19.05 18.87
N CYS B 611 1.63 -18.49 18.60
CA CYS B 611 1.43 -17.70 17.39
C CYS B 611 0.23 -16.78 17.59
N GLY B 612 0.12 -15.76 16.73
CA GLY B 612 -1.01 -14.87 16.80
C GLY B 612 -1.32 -14.21 15.47
N ILE B 613 -2.56 -13.72 15.33
CA ILE B 613 -2.99 -13.05 14.12
C ILE B 613 -3.55 -11.67 14.46
N ALA B 614 -2.97 -10.64 13.86
CA ALA B 614 -3.47 -9.28 14.05
C ALA B 614 -4.09 -8.78 12.74
N VAL B 615 -5.36 -8.38 12.80
CA VAL B 615 -6.01 -7.87 11.61
C VAL B 615 -6.33 -6.40 11.79
N ALA B 616 -5.84 -5.58 10.88
CA ALA B 616 -6.12 -4.16 10.87
C ALA B 616 -5.85 -3.56 12.25
N PRO B 617 -4.62 -3.74 12.74
CA PRO B 617 -4.24 -3.28 14.09
C PRO B 617 -3.88 -1.81 14.14
N VAL B 618 -4.28 -1.15 15.23
CA VAL B 618 -3.59 0.05 15.64
C VAL B 618 -2.21 -0.36 16.14
N SER B 619 -1.21 0.48 15.91
CA SER B 619 0.16 0.14 16.26
C SER B 619 0.77 1.24 17.10
N ARG B 620 0.24 2.44 16.93
CA ARG B 620 0.78 3.64 17.58
C ARG B 620 -0.42 4.59 17.70
N TRP B 621 -0.65 5.12 18.89
CA TRP B 621 -1.88 5.88 19.14
C TRP B 621 -1.88 7.25 18.49
N GLU B 622 -0.71 7.76 18.16
CA GLU B 622 -0.64 8.98 17.40
C GLU B 622 -1.21 8.83 15.98
N TYR B 623 -1.32 7.58 15.49
CA TYR B 623 -1.90 7.34 14.15
C TYR B 623 -3.42 7.33 14.12
N TYR B 624 -4.06 7.02 15.24
CA TYR B 624 -5.51 6.93 15.27
C TYR B 624 -6.18 8.27 15.55
N ASP B 625 -7.51 8.33 15.46
CA ASP B 625 -8.18 9.61 15.42
C ASP B 625 -8.30 10.26 16.79
N SER B 626 -8.41 11.58 16.78
CA SER B 626 -8.33 12.37 17.99
C SER B 626 -9.44 12.03 18.98
N VAL B 627 -10.67 11.93 18.50
CA VAL B 627 -11.81 11.83 19.41
C VAL B 627 -11.78 10.55 20.22
N TYR B 628 -11.37 9.45 19.59
CA TYR B 628 -11.36 8.19 20.32
C TYR B 628 -10.13 8.11 21.19
N THR B 629 -8.98 8.45 20.62
CA THR B 629 -7.72 8.26 21.30
C THR B 629 -7.56 9.20 22.51
N GLU B 630 -7.85 10.47 22.30
CA GLU B 630 -7.64 11.46 23.35
C GLU B 630 -8.58 11.20 24.51
N ARG B 631 -9.72 10.59 24.22
CA ARG B 631 -10.69 10.28 25.27
C ARG B 631 -10.03 9.47 26.36
N TYR B 632 -9.16 8.54 25.97
CA TYR B 632 -8.48 7.69 26.95
C TYR B 632 -7.06 8.12 27.26
N MET B 633 -6.37 8.73 26.29
CA MET B 633 -4.93 8.93 26.41
C MET B 633 -4.54 10.39 26.62
N GLY B 634 -5.51 11.28 26.61
CA GLY B 634 -5.20 12.70 26.64
C GLY B 634 -4.45 13.07 25.38
N LEU B 635 -3.70 14.16 25.44
CA LEU B 635 -3.01 14.68 24.26
C LEU B 635 -1.58 14.16 24.22
N PRO B 636 -1.05 13.92 23.02
CA PRO B 636 0.32 13.47 22.81
C PRO B 636 1.34 14.61 22.89
N THR B 637 1.26 15.43 23.93
CA THR B 637 2.25 16.50 24.14
C THR B 637 3.07 16.23 25.40
N PRO B 638 4.27 16.83 25.49
CA PRO B 638 5.13 16.69 26.67
C PRO B 638 4.49 17.18 27.97
N GLU B 639 3.55 18.12 27.86
CA GLU B 639 2.83 18.62 29.03
C GLU B 639 1.74 17.65 29.51
N ASP B 640 1.25 16.79 28.60
CA ASP B 640 0.16 15.89 28.96
C ASP B 640 0.64 14.45 29.11
N ASN B 641 0.49 13.66 28.06
CA ASN B 641 0.66 12.21 28.19
C ASN B 641 1.53 11.64 27.07
N LEU B 642 2.34 12.49 26.47
CA LEU B 642 3.22 12.10 25.37
C LEU B 642 3.98 10.81 25.69
N ASP B 643 4.45 10.69 26.92
CA ASP B 643 5.34 9.59 27.28
C ASP B 643 4.68 8.21 27.24
N HIS B 644 3.41 8.10 27.59
CA HIS B 644 2.80 6.79 27.43
C HIS B 644 2.35 6.53 26.00
N TYR B 645 2.06 7.59 25.25
CA TYR B 645 1.88 7.47 23.81
C TYR B 645 3.09 6.74 23.21
N ARG B 646 4.29 7.25 23.51
CA ARG B 646 5.51 6.68 22.94
C ARG B 646 5.88 5.31 23.53
N ASN B 647 5.33 5.02 24.70
CA ASN B 647 5.69 3.82 25.42
C ASN B 647 4.79 2.65 25.07
N SER B 648 3.76 2.91 24.27
CA SER B 648 2.72 1.92 24.06
C SER B 648 2.56 1.50 22.58
N THR B 649 3.66 1.57 21.83
CA THR B 649 3.63 1.19 20.42
C THR B 649 3.95 -0.30 20.26
N VAL B 650 3.43 -0.91 19.20
CA VAL B 650 3.84 -2.26 18.84
C VAL B 650 5.31 -2.26 18.43
N MET B 651 5.73 -1.20 17.73
CA MET B 651 7.06 -1.13 17.13
C MET B 651 8.19 -1.30 18.15
N SER B 652 8.01 -0.72 19.33
CA SER B 652 9.05 -0.76 20.37
C SER B 652 9.33 -2.18 20.87
N ARG B 653 8.50 -3.13 20.44
CA ARG B 653 8.58 -4.49 20.94
C ARG B 653 8.99 -5.49 19.86
N ALA B 654 9.40 -4.97 18.72
CA ALA B 654 9.77 -5.79 17.55
C ALA B 654 10.64 -6.99 17.90
N GLU B 655 11.68 -6.78 18.70
CA GLU B 655 12.66 -7.82 19.02
C GLU B 655 12.02 -9.09 19.58
N ASN B 656 11.02 -8.92 20.44
CA ASN B 656 10.44 -10.07 21.13
C ASN B 656 9.63 -10.95 20.21
N PHE B 657 9.34 -10.44 19.01
CA PHE B 657 8.52 -11.17 18.06
C PHE B 657 9.22 -12.40 17.47
N LYS B 658 10.54 -12.51 17.65
CA LYS B 658 11.23 -13.65 17.07
C LYS B 658 10.91 -14.93 17.83
N GLN B 659 10.16 -14.80 18.92
CA GLN B 659 9.75 -15.95 19.70
C GLN B 659 8.43 -16.55 19.24
N VAL B 660 7.76 -15.90 18.29
CA VAL B 660 6.42 -16.34 17.88
C VAL B 660 6.20 -16.30 16.37
N GLU B 661 5.18 -17.02 15.92
CA GLU B 661 4.70 -16.92 14.55
C GLU B 661 3.64 -15.82 14.48
N TYR B 662 3.85 -14.86 13.58
CA TYR B 662 2.97 -13.69 13.50
C TYR B 662 2.41 -13.53 12.09
N LEU B 663 1.08 -13.46 11.99
CA LEU B 663 0.41 -13.09 10.75
C LEU B 663 -0.19 -11.69 10.85
N LEU B 664 0.20 -10.81 9.94
CA LEU B 664 -0.23 -9.43 9.93
C LEU B 664 -1.07 -9.14 8.68
N ILE B 665 -2.31 -8.69 8.88
CA ILE B 665 -3.24 -8.48 7.77
C ILE B 665 -3.85 -7.09 7.82
N HIS B 666 -4.02 -6.45 6.67
CA HIS B 666 -4.62 -5.11 6.61
C HIS B 666 -5.19 -4.74 5.23
N GLY B 667 -6.30 -4.00 5.22
CA GLY B 667 -6.86 -3.52 3.96
C GLY B 667 -6.18 -2.24 3.53
N THR B 668 -5.92 -2.08 2.23
CA THR B 668 -5.18 -0.90 1.79
C THR B 668 -6.09 0.33 1.77
N ALA B 669 -7.39 0.13 1.68
CA ALA B 669 -8.30 1.26 1.66
C ALA B 669 -8.96 1.49 3.03
N ASP B 670 -8.25 1.15 4.10
CA ASP B 670 -8.81 1.32 5.43
C ASP B 670 -8.80 2.79 5.84
N ASP B 671 -9.97 3.42 5.80
CA ASP B 671 -10.11 4.83 6.13
C ASP B 671 -10.11 5.05 7.63
N ASN B 672 -10.26 3.96 8.38
CA ASN B 672 -10.50 4.04 9.82
C ASN B 672 -9.19 3.77 10.56
N VAL B 673 -8.70 2.55 10.47
CA VAL B 673 -7.35 2.28 10.92
C VAL B 673 -6.46 2.18 9.69
N HIS B 674 -5.71 3.24 9.43
CA HIS B 674 -4.94 3.34 8.20
C HIS B 674 -3.91 2.23 8.04
N PHE B 675 -3.72 1.80 6.79
CA PHE B 675 -2.72 0.79 6.46
C PHE B 675 -1.38 1.17 7.07
N GLN B 676 -1.12 2.48 7.13
CA GLN B 676 0.06 3.05 7.76
C GLN B 676 0.43 2.36 9.05
N GLN B 677 -0.55 2.12 9.91
CA GLN B 677 -0.30 1.56 11.23
C GLN B 677 0.40 0.21 11.05
N SER B 678 -0.05 -0.54 10.04
CA SER B 678 0.46 -1.87 9.78
C SER B 678 1.80 -1.82 9.03
N ALA B 679 1.93 -0.84 8.16
CA ALA B 679 3.16 -0.65 7.41
C ALA B 679 4.31 -0.26 8.35
N GLN B 680 4.01 0.42 9.45
CA GLN B 680 5.07 0.75 10.41
C GLN B 680 5.46 -0.47 11.26
N ILE B 681 4.50 -1.36 11.52
CA ILE B 681 4.82 -2.60 12.21
C ILE B 681 5.77 -3.45 11.37
N SER B 682 5.42 -3.66 10.11
CA SER B 682 6.19 -4.57 9.27
C SER B 682 7.61 -4.02 9.09
N LYS B 683 7.72 -2.70 8.98
CA LYS B 683 9.02 -2.06 8.82
C LYS B 683 9.88 -2.23 10.06
N ALA B 684 9.26 -2.16 11.24
CA ALA B 684 10.02 -2.31 12.47
C ALA B 684 10.52 -3.75 12.62
N LEU B 685 9.68 -4.70 12.22
CA LEU B 685 10.07 -6.10 12.23
C LEU B 685 11.22 -6.37 11.25
N VAL B 686 11.14 -5.81 10.06
CA VAL B 686 12.22 -5.97 9.09
C VAL B 686 13.54 -5.40 9.62
N ASP B 687 13.47 -4.22 10.24
CA ASP B 687 14.67 -3.55 10.75
C ASP B 687 15.43 -4.40 11.77
N VAL B 688 14.70 -5.24 12.51
CA VAL B 688 15.31 -6.06 13.54
C VAL B 688 15.45 -7.53 13.12
N GLY B 689 15.13 -7.82 11.86
CA GLY B 689 15.41 -9.15 11.34
C GLY B 689 14.43 -10.23 11.77
N VAL B 690 13.18 -9.86 12.04
CA VAL B 690 12.18 -10.86 12.45
C VAL B 690 11.36 -11.35 11.26
N ASP B 691 11.29 -12.66 11.06
CA ASP B 691 10.45 -13.15 9.99
C ASP B 691 9.03 -13.28 10.49
N PHE B 692 8.08 -13.09 9.58
CA PHE B 692 6.67 -13.12 9.93
C PHE B 692 5.88 -13.24 8.62
N GLN B 693 4.58 -13.43 8.73
CA GLN B 693 3.71 -13.53 7.56
C GLN B 693 2.83 -12.28 7.46
N ALA B 694 2.63 -11.81 6.23
CA ALA B 694 1.74 -10.68 5.98
C ALA B 694 0.75 -10.96 4.87
N MET B 695 -0.33 -10.19 4.84
CA MET B 695 -1.27 -10.22 3.75
C MET B 695 -1.99 -8.87 3.69
N TRP B 696 -1.87 -8.18 2.57
CA TRP B 696 -2.69 -6.98 2.34
C TRP B 696 -3.94 -7.37 1.56
N TYR B 697 -5.03 -6.63 1.73
CA TYR B 697 -6.21 -6.82 0.88
C TYR B 697 -6.54 -5.59 0.06
N THR B 698 -6.23 -5.67 -1.23
CA THR B 698 -6.34 -4.54 -2.13
C THR B 698 -7.72 -3.92 -2.08
N ASP B 699 -7.78 -2.62 -1.78
CA ASP B 699 -9.01 -1.83 -1.83
C ASP B 699 -10.07 -2.22 -0.82
N GLU B 700 -9.74 -3.07 0.14
CA GLU B 700 -10.71 -3.37 1.19
C GLU B 700 -10.55 -2.37 2.32
N ASP B 701 -11.64 -2.03 2.99
CA ASP B 701 -11.54 -1.11 4.11
C ASP B 701 -11.43 -1.88 5.43
N HIS B 702 -11.69 -1.18 6.53
CA HIS B 702 -11.50 -1.75 7.86
C HIS B 702 -12.24 -3.06 8.06
N GLY B 703 -13.37 -3.22 7.38
CA GLY B 703 -14.17 -4.41 7.56
C GLY B 703 -13.72 -5.63 6.78
N ILE B 704 -12.93 -5.43 5.73
CA ILE B 704 -12.54 -6.51 4.84
C ILE B 704 -13.73 -7.43 4.58
N ALA B 705 -14.81 -6.84 4.09
CA ALA B 705 -16.11 -7.51 4.12
C ALA B 705 -16.81 -7.70 2.78
N SER B 706 -16.16 -7.35 1.67
CA SER B 706 -16.70 -7.81 0.40
C SER B 706 -16.73 -9.35 0.45
N SER B 707 -17.71 -9.93 -0.20
CA SER B 707 -17.94 -11.37 -0.12
C SER B 707 -16.66 -12.19 -0.37
N THR B 708 -15.87 -11.80 -1.36
CA THR B 708 -14.70 -12.58 -1.75
C THR B 708 -13.51 -12.40 -0.79
N ALA B 709 -13.30 -11.16 -0.35
CA ALA B 709 -12.25 -10.87 0.62
C ALA B 709 -12.58 -11.53 1.95
N HIS B 710 -13.86 -11.48 2.33
CA HIS B 710 -14.31 -12.05 3.60
C HIS B 710 -14.05 -13.55 3.62
N GLN B 711 -14.39 -14.23 2.53
CA GLN B 711 -14.09 -15.65 2.42
C GLN B 711 -12.60 -15.88 2.45
N HIS B 712 -11.86 -15.00 1.79
CA HIS B 712 -10.41 -15.20 1.66
C HIS B 712 -9.66 -14.99 2.98
N ILE B 713 -9.96 -13.93 3.72
CA ILE B 713 -9.21 -13.69 4.94
C ILE B 713 -9.42 -14.81 5.96
N TYR B 714 -10.65 -15.27 6.13
CA TYR B 714 -10.92 -16.36 7.06
C TYR B 714 -10.37 -17.71 6.57
N THR B 715 -10.25 -17.89 5.27
CA THR B 715 -9.63 -19.10 4.75
C THR B 715 -8.14 -19.03 5.04
N HIS B 716 -7.54 -17.87 4.84
CA HIS B 716 -6.12 -17.71 5.07
C HIS B 716 -5.80 -17.93 6.55
N MET B 717 -6.64 -17.38 7.41
CA MET B 717 -6.38 -17.42 8.86
C MET B 717 -6.54 -18.84 9.39
N SER B 718 -7.52 -19.58 8.87
CA SER B 718 -7.70 -20.96 9.28
C SER B 718 -6.44 -21.75 9.00
N HIS B 719 -5.95 -21.67 7.76
CA HIS B 719 -4.72 -22.36 7.39
C HIS B 719 -3.58 -22.04 8.35
N PHE B 720 -3.46 -20.77 8.71
CA PHE B 720 -2.37 -20.34 9.57
C PHE B 720 -2.51 -20.98 10.96
N ILE B 721 -3.72 -20.96 11.50
CA ILE B 721 -3.95 -21.54 12.83
C ILE B 721 -3.84 -23.06 12.81
N LYS B 722 -4.36 -23.68 11.76
CA LYS B 722 -4.23 -25.12 11.59
C LYS B 722 -2.77 -25.53 11.55
N GLN B 723 -1.97 -24.82 10.77
CA GLN B 723 -0.56 -25.15 10.68
C GLN B 723 0.17 -24.87 12.01
N CYS B 724 -0.18 -23.76 12.65
CA CYS B 724 0.43 -23.43 13.95
C CYS B 724 0.05 -24.45 15.03
N PHE B 725 -1.12 -25.08 14.91
CA PHE B 725 -1.52 -26.10 15.88
C PHE B 725 -1.28 -27.55 15.44
N SER B 726 -0.56 -27.73 14.33
CA SER B 726 -0.27 -29.07 13.83
C SER B 726 -1.56 -29.87 13.64
N LEU B 727 -2.63 -29.17 13.30
CA LEU B 727 -3.87 -29.82 12.91
C LEU B 727 -3.78 -30.14 11.42
N PRO B 728 -4.15 -31.38 11.04
CA PRO B 728 -3.94 -31.90 9.68
C PRO B 728 -4.59 -31.06 8.59
C1 NAG C . 57.73 7.38 -13.29
C2 NAG C . 56.96 8.48 -12.60
C3 NAG C . 57.41 9.79 -13.23
C4 NAG C . 58.92 9.95 -13.09
C5 NAG C . 59.71 8.69 -13.50
C6 NAG C . 61.12 8.74 -12.94
C7 NAG C . 54.78 8.05 -11.64
C8 NAG C . 53.28 8.09 -11.83
N2 NAG C . 55.53 8.29 -12.72
O3 NAG C . 56.75 10.87 -12.61
O4 NAG C . 59.35 11.03 -13.88
O5 NAG C . 59.10 7.48 -12.96
O6 NAG C . 61.99 7.90 -13.67
O7 NAG C . 55.26 7.82 -10.53
C1 NAG D . 25.68 23.87 3.05
C2 NAG D . 25.84 25.38 2.89
C3 NAG D . 26.11 25.99 4.26
C4 NAG D . 24.99 25.61 5.25
C5 NAG D . 24.73 24.09 5.23
C6 NAG D . 23.48 23.73 6.02
C7 NAG D . 26.65 26.05 0.73
C8 NAG D . 27.69 25.72 -0.35
N2 NAG D . 26.93 25.68 1.97
O3 NAG D . 26.18 27.41 4.15
O4 NAG D . 25.34 26.01 6.55
O5 NAG D . 24.54 23.62 3.88
O6 NAG D . 22.33 24.37 5.49
O7 NAG D . 25.61 26.65 0.41
C1 NAG E . 5.43 23.19 -21.53
C2 NAG E . 5.84 24.53 -22.15
C3 NAG E . 4.62 25.47 -22.12
C4 NAG E . 3.41 24.80 -22.80
C5 NAG E . 3.18 23.39 -22.22
C6 NAG E . 2.09 22.63 -22.96
C7 NAG E . 8.16 25.12 -21.96
C8 NAG E . 9.25 25.86 -21.21
N2 NAG E . 6.94 25.11 -21.42
O3 NAG E . 4.95 26.66 -22.81
O4 NAG E . 2.24 25.59 -22.61
O5 NAG E . 4.39 22.61 -22.29
O6 NAG E . 2.56 21.38 -23.42
O7 NAG E . 8.42 24.56 -23.02
C1 NAG F . 17.82 36.89 -17.75
C2 NAG F . 17.54 38.36 -17.49
C3 NAG F . 16.47 38.44 -16.41
C4 NAG F . 15.21 37.73 -16.91
C5 NAG F . 15.52 36.30 -17.40
C6 NAG F . 14.36 35.69 -18.17
C7 NAG F . 19.40 39.80 -17.97
C8 NAG F . 20.90 39.55 -18.10
N2 NAG F . 18.74 39.06 -17.08
O3 NAG F . 16.18 39.80 -16.11
O4 NAG F . 14.26 37.67 -15.86
O5 NAG F . 16.65 36.29 -18.31
O6 NAG F . 13.24 35.48 -17.31
O7 NAG F . 18.85 40.64 -18.68
C1 NAG G . 7.66 -25.43 -33.06
C2 NAG G . 6.34 -25.74 -32.34
C3 NAG G . 5.91 -24.57 -31.43
C4 NAG G . 7.07 -24.10 -30.53
C5 NAG G . 8.28 -23.81 -31.41
C6 NAG G . 9.52 -23.30 -30.67
C7 NAG G . 5.08 -25.07 -34.29
C8 NAG G . 4.58 -25.60 -35.63
N2 NAG G . 5.29 -25.96 -33.33
O3 NAG G . 4.83 -24.99 -30.61
O4 NAG G . 6.68 -22.93 -29.82
O5 NAG G . 8.66 -25.01 -32.12
O6 NAG G . 9.62 -23.87 -29.39
O7 NAG G . 5.27 -23.87 -34.15
C1 BJM H . 14.82 -2.06 -17.69
C2 BJM H . 13.37 -1.57 -17.39
C3 BJM H . 14.72 -3.58 -17.99
C8 BJM H . 16.05 -4.15 -18.54
C9 BJM H . 16.77 -1.86 -19.35
C10 BJM H . 17.28 -2.55 -16.91
C13 BJM H . 16.51 -3.31 -19.75
C14 BJM H . 17.10 -4.06 -17.35
C16 BJM H . 17.82 -1.77 -18.17
C19 BJM H . 10.01 -4.42 -17.17
C20 BJM H . 11.24 -5.16 -17.59
C21 BJM H . 9.68 -4.12 -15.72
C22 BJM H . 11.70 -4.75 -14.34
N23 BJM H . 12.96 -5.10 -14.74
C4 BJM H . 15.38 -1.33 -18.94
C5 BJM H . 15.88 -1.88 -16.55
C6 BJM H . 12.77 -2.26 -16.14
N7 BJM H . 13.30 -0.13 -17.13
N11 BJM H . 11.81 -3.18 -16.36
O12 BJM H . 13.14 -1.99 -15.00
O15 BJM H . 15.75 -5.39 -19.09
C17 BJM H . 11.18 -3.66 -17.64
C18 BJM H . 11.00 -3.66 -15.22
C1 NAG I . -57.88 -5.16 12.93
C2 NAG I . -57.49 -4.26 11.75
C3 NAG I . -58.33 -2.99 11.82
C4 NAG I . -59.82 -3.35 11.84
C5 NAG I . -60.12 -4.39 12.94
C6 NAG I . -61.54 -4.91 12.88
C7 NAG I . -55.27 -4.21 10.82
C8 NAG I . -53.94 -3.48 10.79
N2 NAG I . -56.08 -3.95 11.84
O3 NAG I . -58.05 -2.18 10.70
O4 NAG I . -60.60 -2.19 12.09
O5 NAG I . -59.25 -5.52 12.81
O6 NAG I . -61.65 -5.94 11.92
O7 NAG I . -55.56 -5.00 9.92
C1 NAG J . -32.29 10.78 -11.31
C2 NAG J . -32.21 12.15 -11.94
C3 NAG J . -32.64 11.97 -13.39
C4 NAG J . -31.67 11.02 -14.09
C5 NAG J . -31.45 9.70 -13.31
C6 NAG J . -30.17 9.04 -13.76
C7 NAG J . -32.47 14.10 -10.56
C8 NAG J . -33.39 14.99 -9.73
N2 NAG J . -33.04 13.10 -11.23
O3 NAG J . -32.68 13.24 -14.06
O4 NAG J . -32.16 10.72 -15.39
O5 NAG J . -31.28 9.94 -11.88
O6 NAG J . -29.05 9.70 -13.20
O7 NAG J . -31.25 14.34 -10.59
C1 NAG K . -13.92 27.83 8.47
C2 NAG K . -14.77 29.05 8.17
C3 NAG K . -13.91 30.12 7.49
C4 NAG K . -12.63 30.40 8.31
C5 NAG K . -11.92 29.08 8.68
C6 NAG K . -10.77 29.27 9.64
C7 NAG K . -17.13 28.82 7.73
C8 NAG K . -18.24 28.73 6.69
N2 NAG K . -15.88 28.69 7.31
O3 NAG K . -14.67 31.31 7.36
O4 NAG K . -11.74 31.23 7.56
O5 NAG K . -12.84 28.18 9.33
O6 NAG K . -10.88 28.36 10.73
O7 NAG K . -17.42 29.02 8.91
C1 BJM L . -14.84 2.23 17.72
C2 BJM L . -13.56 2.91 17.09
C3 BJM L . -14.39 1.23 18.80
C8 BJM L . -15.60 0.61 19.51
C9 BJM L . -16.95 2.66 19.08
C10 BJM L . -16.94 0.75 17.37
C13 BJM L . -16.44 1.74 20.16
C14 BJM L . -16.43 -0.22 18.46
C16 BJM L . -17.84 1.82 18.11
C19 BJM L . -9.51 1.32 18.22
C20 BJM L . -10.83 0.93 18.82
C21 BJM L . -9.07 1.04 16.81
C22 BJM L . -10.75 -0.62 16.04
N23 BJM L . -12.00 -0.89 15.64
C4 BJM L . -15.72 3.32 18.40
C5 BJM L . -15.71 1.46 16.70
C6 BJM L . -12.57 2.03 16.29
N7 BJM L . -13.91 3.95 16.17
N11 BJM L . -11.44 1.61 16.86
O12 BJM L . -12.83 1.75 15.13
O15 BJM L . -15.13 -0.18 20.59
C17 BJM L . -10.68 2.18 18.03
C18 BJM L . -10.38 0.91 16.07
#